data_6S6V
#
_entry.id   6S6V
#
_cell.length_a   1.00
_cell.length_b   1.00
_cell.length_c   1.00
_cell.angle_alpha   90.00
_cell.angle_beta   90.00
_cell.angle_gamma   90.00
#
_symmetry.space_group_name_H-M   'P 1'
#
loop_
_entity.id
_entity.type
_entity.pdbx_description
1 polymer 'Nuclease SbcCD subunit D'
2 polymer 'Nuclease SbcCD subunit C'
3 non-polymer 'MANGANESE (II) ION'
4 non-polymer 'PHOSPHOTHIOPHOSPHORIC ACID-ADENYLATE ESTER'
5 non-polymer 'MAGNESIUM ION'
#
loop_
_entity_poly.entity_id
_entity_poly.type
_entity_poly.pdbx_seq_one_letter_code
_entity_poly.pdbx_strand_id
1 'polypeptide(L)'
;MRILHTSDWHLGQNFYSKSREAEHQAFLDWLLETAQTHQVDAIIVAGDVFDTGSPPSYARTLYNRFVVNLQQTGCHLVVL
AGNHDSVATLNESRDIMAFLNTTVVASAGHAPQILPRRDGTPGAVLCPIPFLRPRDIITSQAGLNGIEKQQHLLAAITDY
YQQHYADACKLRGDQPLPIIATGHLTTVGASKSDAVRDIYIGTLDAFPAQNFPPADYIALGHIHRAQIIGGMEHVRYCGS
PIPLSFDECGKSKYVHLVTFSNGKLESVENLNVPVTQPMAVLKGDLASITAQLEQWRDVSQEPPVWLDIEITTDEYLHDI
QRKIQALTESLPVEVLLVRRSREQRERVLASQQRETLSELSVEEVFNRRLALEELDESQQQRLQHLFTTTLHTLAGEHEA
GHHHHHH
;
A,B
2 'polypeptide(L)'
;MKILSLRLKNLNSLKGEWKIDFTREPFASNGLFAITGPTGAGKTTLLDAICLALYHETPRLSNVSQSQNDLMTRDTAECL
AEVEFEVKGEAYRAFWSQNRARNQPDGNLQVPRVELARCADGKILADKVKDKLELTATLTGLDYGRFTRSMLLSQGQFAA
FLNAKPKERAELLEELTGTEIYGQISAMVFEQHKSARTELEKLQAQASGVTLLTPEQVQSLTASLQVLTDEEKQLITAQQ
QEQQSLNWLTRQDELQQEASRRQQALQQALAEEEKAQPQLAALSLAQPARNLRPHWERIAEHSAALAHIRQQIEEVNTRL
QSTMALRASIRHHAAKQSAELQQQQQSLNTWLQEHDRFRQWNNEPAGWRAQFSQQTSDREHLRQWQQQLTHAEQKLNALA
AITLTLTADEVATALAQHAEQRPLRQHLVALHGQIVPQQKRLAQLQVAIQNVTQEQTQRNAALNEMRQRYKEKTQQLADV
KTICEQEARIKTLEAQRAQLQAGQPCPLCGSTSHPAVEAYQALEPGVNQSRLLALENEVKKLGEEGATLRGQLDAITKQL
QRDENEAQSLRQDEQALTQQWQAVTASLNITLQPLDDIQPWLDAQDEHERQLRLLSQRHELQGQIAAHNQQIIQYQQQIE
QRQQLLLTTLTGYALTLPQEDEEESWLATRQQEAQSWQQRQNELTALQNRIQQLTPILETLPQSDELPHCEETVVLENWR
QVHEQCLALHSQQQTLQQQDVLAAQSLQKAQAQFDTALQASVFDDQQAFLAALMDEQTLTQLEQLKQNLENQRRQAQTLV
TQTAETLAQHQQHRPDDGLALTVTVEQIQQELAQTHQKLRENTTSQGEIRQQLKQDADNRQQQQTLMQQIAQMTQQVEDW
GYLNSLIGSKEGDKFRKFAQGLTLDNLVHLANQQLTRLHGRYLLQRKASEALEVEVVDTWQADAVRDTRTLSGGESFLVS
LALALALSDLVSHKTRIDSLFLDEGFGTLDSETLDTALDALDALNASGKTIGVISHVEAMKERIPVQIKVKKINGLGYSK
LESTFAVK
;
C,D
#
# COMPACT_ATOMS: atom_id res chain seq x y z
N MET A 1 29.18 -6.39 -39.74
CA MET A 1 29.07 -6.10 -38.32
C MET A 1 28.52 -7.29 -37.57
N ARG A 2 28.91 -7.42 -36.30
CA ARG A 2 28.51 -8.53 -35.46
C ARG A 2 27.74 -7.99 -34.27
N ILE A 3 26.44 -8.28 -34.22
CA ILE A 3 25.64 -7.89 -33.07
C ILE A 3 25.41 -9.12 -32.22
N LEU A 4 24.98 -8.89 -30.99
CA LEU A 4 24.53 -9.96 -30.12
C LEU A 4 23.04 -9.81 -29.89
N HIS A 5 22.35 -10.93 -29.76
CA HIS A 5 20.91 -10.92 -29.59
C HIS A 5 20.55 -11.77 -28.40
N THR A 6 19.82 -11.16 -27.45
CA THR A 6 19.34 -11.85 -26.27
C THR A 6 18.08 -11.16 -25.78
N SER A 7 17.32 -11.85 -24.93
CA SER A 7 16.05 -11.30 -24.45
C SER A 7 15.70 -11.95 -23.15
N ASP A 8 14.63 -11.45 -22.54
CA ASP A 8 13.89 -12.10 -21.46
C ASP A 8 14.78 -12.41 -20.26
N TRP A 9 15.53 -11.39 -19.83
CA TRP A 9 16.43 -11.56 -18.71
C TRP A 9 15.68 -11.76 -17.42
N HIS A 10 14.59 -11.02 -17.25
CA HIS A 10 13.73 -11.01 -16.07
C HIS A 10 14.56 -10.75 -14.81
N LEU A 11 15.18 -9.58 -14.78
CA LEU A 11 16.04 -9.22 -13.66
C LEU A 11 15.21 -8.98 -12.42
N GLY A 12 15.71 -9.45 -11.28
CA GLY A 12 14.98 -9.32 -10.05
C GLY A 12 13.77 -10.21 -9.95
N GLN A 13 13.78 -11.34 -10.65
CA GLN A 13 12.67 -12.26 -10.59
C GLN A 13 12.66 -12.99 -9.26
N ASN A 14 11.47 -13.19 -8.71
CA ASN A 14 11.32 -13.98 -7.50
C ASN A 14 10.93 -15.39 -7.89
N PHE A 15 11.78 -16.34 -7.57
CA PHE A 15 11.58 -17.74 -7.97
C PHE A 15 11.44 -18.58 -6.71
N TYR A 16 10.21 -18.66 -6.20
CA TYR A 16 9.84 -19.38 -4.99
C TYR A 16 10.71 -18.96 -3.80
N SER A 17 10.70 -17.65 -3.56
CA SER A 17 11.46 -16.99 -2.49
C SER A 17 12.96 -17.22 -2.61
N LYS A 18 13.46 -17.41 -3.82
CA LYS A 18 14.88 -17.46 -4.09
C LYS A 18 15.24 -16.35 -5.05
N SER A 19 16.37 -15.70 -4.79
CA SER A 19 16.86 -14.66 -5.67
C SER A 19 17.82 -15.25 -6.68
N ARG A 20 17.71 -14.79 -7.92
CA ARG A 20 18.58 -15.24 -9.00
C ARG A 20 19.73 -14.29 -9.23
N GLU A 21 20.26 -13.68 -8.17
CA GLU A 21 21.25 -12.64 -8.35
C GLU A 21 22.60 -13.22 -8.75
N ALA A 22 22.94 -14.38 -8.22
CA ALA A 22 24.23 -14.99 -8.55
C ALA A 22 24.29 -15.42 -10.00
N GLU A 23 23.20 -16.00 -10.50
CA GLU A 23 23.16 -16.44 -11.88
C GLU A 23 23.15 -15.28 -12.85
N HIS A 24 22.41 -14.21 -12.52
CA HIS A 24 22.41 -13.04 -13.38
C HIS A 24 23.74 -12.32 -13.35
N GLN A 25 24.43 -12.34 -12.21
CA GLN A 25 25.75 -11.72 -12.12
C GLN A 25 26.77 -12.48 -12.95
N ALA A 26 26.75 -13.81 -12.87
CA ALA A 26 27.65 -14.63 -13.66
C ALA A 26 27.36 -14.48 -15.15
N PHE A 27 26.09 -14.40 -15.52
CA PHE A 27 25.74 -14.26 -16.93
C PHE A 27 26.14 -12.88 -17.45
N LEU A 28 26.01 -11.84 -16.64
CA LEU A 28 26.38 -10.52 -17.14
C LEU A 28 27.88 -10.36 -17.26
N ASP A 29 28.65 -10.98 -16.35
CA ASP A 29 30.10 -11.05 -16.52
C ASP A 29 30.49 -11.78 -17.79
N TRP A 30 29.85 -12.94 -18.02
CA TRP A 30 30.13 -13.74 -19.19
C TRP A 30 29.80 -12.99 -20.46
N LEU A 31 28.69 -12.25 -20.45
CA LEU A 31 28.29 -11.49 -21.64
C LEU A 31 29.24 -10.34 -21.90
N LEU A 32 29.79 -9.73 -20.84
CA LEU A 32 30.78 -8.68 -21.02
C LEU A 32 32.03 -9.22 -21.70
N GLU A 33 32.59 -10.31 -21.17
CA GLU A 33 33.84 -10.81 -21.74
C GLU A 33 33.63 -11.44 -23.12
N THR A 34 32.45 -12.01 -23.37
CA THR A 34 32.18 -12.60 -24.67
C THR A 34 31.99 -11.52 -25.72
N ALA A 35 31.24 -10.47 -25.40
CA ALA A 35 31.06 -9.37 -26.35
C ALA A 35 32.36 -8.61 -26.57
N GLN A 36 33.27 -8.65 -25.60
CA GLN A 36 34.58 -8.06 -25.84
C GLN A 36 35.43 -8.92 -26.78
N THR A 37 35.40 -10.24 -26.58
CA THR A 37 36.29 -11.13 -27.35
C THR A 37 35.89 -11.20 -28.81
N HIS A 38 34.61 -11.45 -29.08
CA HIS A 38 34.16 -11.68 -30.45
C HIS A 38 33.93 -10.39 -31.23
N GLN A 39 34.29 -9.24 -30.65
CA GLN A 39 34.26 -7.91 -31.29
C GLN A 39 32.84 -7.56 -31.76
N VAL A 40 31.92 -7.64 -30.81
CA VAL A 40 30.54 -7.24 -31.03
C VAL A 40 30.43 -5.72 -30.96
N ASP A 41 29.54 -5.16 -31.77
CA ASP A 41 29.35 -3.71 -31.73
C ASP A 41 28.05 -3.27 -31.09
N ALA A 42 27.03 -4.12 -31.05
CA ALA A 42 25.76 -3.76 -30.43
C ALA A 42 25.13 -4.99 -29.82
N ILE A 43 24.78 -4.90 -28.57
CA ILE A 43 23.99 -5.94 -27.91
C ILE A 43 22.53 -5.50 -27.99
N ILE A 44 21.64 -6.43 -28.24
CA ILE A 44 20.22 -6.11 -28.34
C ILE A 44 19.47 -6.97 -27.34
N VAL A 45 18.90 -6.34 -26.32
CA VAL A 45 18.00 -6.98 -25.38
C VAL A 45 16.60 -6.69 -25.84
N ALA A 46 15.92 -7.72 -26.35
CA ALA A 46 14.65 -7.56 -27.03
C ALA A 46 13.46 -7.71 -26.11
N GLY A 47 13.58 -7.35 -24.84
CA GLY A 47 12.40 -7.26 -24.00
C GLY A 47 12.49 -8.00 -22.69
N ASP A 48 11.62 -7.63 -21.75
CA ASP A 48 11.51 -8.22 -20.43
C ASP A 48 12.84 -8.20 -19.69
N VAL A 49 13.37 -6.99 -19.53
CA VAL A 49 14.61 -6.84 -18.78
C VAL A 49 14.34 -7.05 -17.30
N PHE A 50 13.43 -6.27 -16.74
CA PHE A 50 13.05 -6.39 -15.35
C PHE A 50 11.80 -7.24 -15.24
N ASP A 51 11.70 -7.97 -14.14
CA ASP A 51 10.57 -8.86 -13.97
C ASP A 51 9.30 -8.09 -13.61
N THR A 52 9.40 -7.13 -12.70
CA THR A 52 8.25 -6.41 -12.21
C THR A 52 8.29 -4.96 -12.69
N GLY A 53 7.34 -4.17 -12.21
CA GLY A 53 7.30 -2.76 -12.53
C GLY A 53 7.97 -1.91 -11.48
N SER A 54 8.22 -2.51 -10.32
CA SER A 54 8.97 -1.88 -9.24
C SER A 54 10.02 -2.89 -8.79
N PRO A 55 11.14 -2.98 -9.51
CA PRO A 55 12.11 -4.02 -9.24
C PRO A 55 12.86 -3.75 -7.94
N PRO A 56 13.54 -4.74 -7.38
CA PRO A 56 14.26 -4.50 -6.13
C PRO A 56 15.47 -3.60 -6.28
N SER A 57 16.22 -3.44 -5.19
CA SER A 57 17.39 -2.60 -5.28
C SER A 57 18.53 -3.31 -5.99
N TYR A 58 18.70 -4.60 -5.75
CA TYR A 58 19.83 -5.30 -6.34
C TYR A 58 19.64 -5.54 -7.82
N ALA A 59 18.40 -5.56 -8.32
CA ALA A 59 18.18 -5.66 -9.75
C ALA A 59 18.63 -4.40 -10.47
N ARG A 60 18.30 -3.24 -9.91
CA ARG A 60 18.77 -1.99 -10.50
C ARG A 60 20.26 -1.82 -10.32
N THR A 61 20.82 -2.38 -9.24
CA THR A 61 22.27 -2.41 -9.07
C THR A 61 22.93 -3.22 -10.17
N LEU A 62 22.37 -4.40 -10.49
CA LEU A 62 22.91 -5.25 -11.53
C LEU A 62 22.86 -4.57 -12.89
N TYR A 63 21.73 -3.98 -13.21
CA TYR A 63 21.56 -3.38 -14.54
C TYR A 63 22.42 -2.14 -14.70
N ASN A 64 22.53 -1.31 -13.65
CA ASN A 64 23.38 -0.14 -13.73
C ASN A 64 24.85 -0.51 -13.76
N ARG A 65 25.25 -1.54 -13.01
CA ARG A 65 26.64 -1.98 -13.01
C ARG A 65 27.02 -2.57 -14.36
N PHE A 66 26.10 -3.28 -15.00
CA PHE A 66 26.37 -3.81 -16.33
C PHE A 66 26.52 -2.68 -17.35
N VAL A 67 25.63 -1.69 -17.30
CA VAL A 67 25.73 -0.61 -18.29
C VAL A 67 26.98 0.23 -18.06
N VAL A 68 27.39 0.42 -16.80
CA VAL A 68 28.58 1.21 -16.57
C VAL A 68 29.86 0.42 -16.87
N ASN A 69 29.83 -0.91 -16.78
CA ASN A 69 30.99 -1.67 -17.20
C ASN A 69 31.03 -1.89 -18.70
N LEU A 70 29.92 -1.64 -19.40
CA LEU A 70 29.92 -1.73 -20.85
C LEU A 70 30.77 -0.66 -21.52
N GLN A 71 31.05 0.44 -20.83
CA GLN A 71 31.71 1.59 -21.48
C GLN A 71 33.16 1.30 -21.84
N GLN A 72 33.80 0.35 -21.15
CA GLN A 72 35.18 0.01 -21.46
C GLN A 72 35.31 -0.79 -22.75
N THR A 73 34.22 -1.33 -23.27
CA THR A 73 34.28 -2.11 -24.49
C THR A 73 34.00 -1.29 -25.74
N GLY A 74 33.29 -0.18 -25.60
CA GLY A 74 32.92 0.60 -26.76
C GLY A 74 31.72 0.07 -27.50
N CYS A 75 30.91 -0.77 -26.86
CA CYS A 75 29.75 -1.36 -27.50
C CYS A 75 28.60 -0.35 -27.52
N HIS A 76 27.40 -0.80 -27.87
CA HIS A 76 26.25 0.10 -27.94
C HIS A 76 25.00 -0.72 -27.60
N LEU A 77 24.63 -0.71 -26.33
CA LEU A 77 23.51 -1.52 -25.87
C LEU A 77 22.19 -0.95 -26.35
N VAL A 78 21.30 -1.83 -26.78
CA VAL A 78 19.92 -1.47 -27.10
C VAL A 78 19.03 -2.25 -26.17
N VAL A 79 18.13 -1.55 -25.49
CA VAL A 79 17.24 -2.15 -24.51
C VAL A 79 15.81 -1.84 -24.90
N LEU A 80 14.98 -2.87 -25.02
CA LEU A 80 13.58 -2.64 -25.27
C LEU A 80 12.76 -2.95 -24.03
N ALA A 81 11.46 -2.72 -24.13
CA ALA A 81 10.54 -2.96 -23.03
C ALA A 81 9.62 -4.11 -23.42
N GLY A 82 9.60 -5.13 -22.60
CA GLY A 82 8.72 -6.26 -22.84
C GLY A 82 7.35 -6.01 -22.27
N ASN A 83 6.65 -7.09 -21.98
CA ASN A 83 5.33 -6.98 -21.39
C ASN A 83 5.38 -6.95 -19.88
N HIS A 84 6.57 -6.99 -19.30
CA HIS A 84 6.73 -6.86 -17.86
C HIS A 84 7.27 -5.51 -17.46
N ASP A 85 7.98 -4.83 -18.33
CA ASP A 85 8.70 -3.63 -17.96
C ASP A 85 7.78 -2.44 -17.90
N SER A 86 7.93 -1.64 -16.85
CA SER A 86 7.17 -0.42 -16.70
C SER A 86 7.67 0.63 -17.67
N VAL A 87 6.75 1.39 -18.25
CA VAL A 87 7.12 2.31 -19.30
C VAL A 87 7.78 3.55 -18.73
N ALA A 88 7.25 4.07 -17.62
CA ALA A 88 7.71 5.35 -17.12
C ALA A 88 9.09 5.26 -16.49
N THR A 89 9.43 4.10 -15.91
CA THR A 89 10.74 3.90 -15.32
C THR A 89 11.83 3.95 -16.39
N LEU A 90 11.56 3.41 -17.57
CA LEU A 90 12.53 3.52 -18.65
C LEU A 90 12.50 4.88 -19.30
N ASN A 91 11.31 5.49 -19.41
CA ASN A 91 11.19 6.79 -20.07
C ASN A 91 11.81 7.91 -19.25
N GLU A 92 11.96 7.73 -17.94
CA GLU A 92 12.69 8.72 -17.16
C GLU A 92 14.17 8.70 -17.50
N SER A 93 14.76 7.52 -17.52
CA SER A 93 16.19 7.38 -17.67
C SER A 93 16.63 7.23 -19.10
N ARG A 94 15.72 7.40 -20.06
CA ARG A 94 16.07 7.35 -21.49
C ARG A 94 17.16 8.36 -21.85
N ASP A 95 16.95 9.63 -21.51
CA ASP A 95 17.86 10.68 -21.92
C ASP A 95 19.20 10.59 -21.21
N ILE A 96 19.23 10.04 -20.00
CA ILE A 96 20.49 9.92 -19.31
C ILE A 96 21.20 8.62 -19.69
N MET A 97 20.48 7.64 -20.26
CA MET A 97 21.16 6.48 -20.80
C MET A 97 21.74 6.78 -22.16
N ALA A 98 21.16 7.75 -22.88
CA ALA A 98 21.68 8.12 -24.19
C ALA A 98 23.09 8.70 -24.15
N PHE A 99 23.56 9.13 -22.99
CA PHE A 99 24.93 9.59 -22.82
C PHE A 99 25.89 8.47 -22.47
N LEU A 100 25.48 7.22 -22.59
CA LEU A 100 26.34 6.11 -22.23
C LEU A 100 26.38 5.05 -23.33
N ASN A 101 26.13 5.44 -24.58
CA ASN A 101 26.00 4.56 -25.73
C ASN A 101 24.96 3.47 -25.47
N THR A 102 23.79 3.92 -25.05
CA THR A 102 22.72 3.00 -24.67
C THR A 102 21.41 3.65 -25.04
N THR A 103 20.64 3.03 -25.91
CA THR A 103 19.34 3.55 -26.28
C THR A 103 18.26 2.69 -25.65
N VAL A 104 17.29 3.33 -25.02
CA VAL A 104 16.23 2.64 -24.31
C VAL A 104 14.90 3.07 -24.91
N VAL A 105 14.21 2.12 -25.52
CA VAL A 105 12.94 2.39 -26.19
C VAL A 105 11.85 1.65 -25.44
N ALA A 106 10.89 2.39 -24.91
CA ALA A 106 9.78 1.77 -24.20
C ALA A 106 8.42 2.14 -24.77
N SER A 107 8.22 3.38 -25.17
CA SER A 107 6.95 3.75 -25.76
C SER A 107 6.88 3.31 -27.21
N ALA A 108 5.71 3.50 -27.82
CA ALA A 108 5.50 3.13 -29.20
C ALA A 108 5.53 4.38 -30.08
N GLY A 109 6.38 4.37 -31.10
CA GLY A 109 6.44 5.47 -32.03
C GLY A 109 7.77 6.17 -32.14
N HIS A 110 8.86 5.45 -31.94
CA HIS A 110 10.19 6.02 -32.08
C HIS A 110 10.65 5.91 -33.53
N ALA A 111 11.35 6.93 -33.99
CA ALA A 111 11.86 6.92 -35.35
C ALA A 111 13.03 5.94 -35.45
N PRO A 112 13.10 5.16 -36.52
CA PRO A 112 14.19 4.20 -36.66
C PRO A 112 15.52 4.91 -36.89
N GLN A 113 16.52 4.52 -36.11
CA GLN A 113 17.79 5.22 -36.07
C GLN A 113 18.88 4.36 -36.70
N ILE A 114 20.10 4.88 -36.66
CA ILE A 114 21.22 4.29 -37.38
C ILE A 114 22.28 3.91 -36.36
N LEU A 115 22.59 2.63 -36.29
CA LEU A 115 23.63 2.17 -35.39
C LEU A 115 25.00 2.56 -35.94
N PRO A 116 25.94 2.93 -35.09
CA PRO A 116 27.32 3.01 -35.52
C PRO A 116 28.00 1.65 -35.37
N ARG A 117 28.98 1.42 -36.22
CA ARG A 117 29.88 0.31 -35.99
C ARG A 117 30.93 0.75 -34.98
N ARG A 118 31.86 -0.14 -34.64
CA ARG A 118 32.81 0.14 -33.56
C ARG A 118 33.83 1.21 -33.93
N ASP A 119 33.88 1.64 -35.19
CA ASP A 119 34.75 2.72 -35.62
C ASP A 119 33.94 3.91 -36.14
N GLY A 120 32.71 4.06 -35.68
CA GLY A 120 31.89 5.21 -36.01
C GLY A 120 31.20 5.17 -37.35
N THR A 121 31.44 4.15 -38.15
CA THR A 121 30.79 4.07 -39.45
C THR A 121 29.32 3.69 -39.27
N PRO A 122 28.42 4.25 -40.09
CA PRO A 122 26.99 3.96 -39.93
C PRO A 122 26.63 2.55 -40.39
N GLY A 123 26.75 1.60 -39.47
CA GLY A 123 26.62 0.19 -39.81
C GLY A 123 25.24 -0.28 -40.21
N ALA A 124 24.29 -0.33 -39.28
CA ALA A 124 22.96 -0.85 -39.59
C ALA A 124 21.90 0.15 -39.18
N VAL A 125 20.68 -0.14 -39.63
CA VAL A 125 19.49 0.63 -39.27
C VAL A 125 18.53 -0.35 -38.62
N LEU A 126 18.00 0.01 -37.45
CA LEU A 126 17.09 -0.90 -36.77
C LEU A 126 15.73 -0.26 -36.57
N CYS A 127 14.71 -1.09 -36.52
CA CYS A 127 13.35 -0.70 -36.17
C CYS A 127 13.11 -1.07 -34.72
N PRO A 128 13.20 -0.14 -33.79
CA PRO A 128 12.94 -0.45 -32.39
C PRO A 128 11.44 -0.58 -32.15
N ILE A 129 10.99 -1.80 -31.96
CA ILE A 129 9.58 -2.02 -31.67
C ILE A 129 9.47 -2.74 -30.33
N PRO A 130 8.98 -2.09 -29.30
CA PRO A 130 8.78 -2.78 -28.04
C PRO A 130 7.46 -3.52 -28.02
N PHE A 131 7.08 -4.06 -26.86
CA PHE A 131 5.78 -4.68 -26.72
C PHE A 131 4.71 -3.61 -26.86
N LEU A 132 3.92 -3.70 -27.93
CA LEU A 132 2.91 -2.69 -28.20
C LEU A 132 1.71 -2.94 -27.32
N ARG A 133 1.29 -1.93 -26.58
CA ARG A 133 0.07 -2.02 -25.81
C ARG A 133 -1.13 -2.02 -26.75
N PRO A 134 -2.27 -2.50 -26.29
CA PRO A 134 -3.47 -2.43 -27.14
C PRO A 134 -4.17 -1.07 -27.13
N ARG A 135 -3.48 -0.01 -26.75
CA ARG A 135 -4.11 1.30 -26.67
C ARG A 135 -3.33 2.38 -27.41
N ASP A 136 -2.02 2.22 -27.52
CA ASP A 136 -1.22 3.24 -28.18
C ASP A 136 -1.06 2.99 -29.68
N ILE A 137 -1.65 1.92 -30.20
CA ILE A 137 -1.65 1.67 -31.63
C ILE A 137 -3.06 1.67 -32.20
N ILE A 138 -4.07 1.38 -31.39
CA ILE A 138 -5.45 1.29 -31.84
C ILE A 138 -6.14 2.62 -31.58
N THR A 139 -7.11 2.95 -32.42
CA THR A 139 -8.00 4.08 -32.21
C THR A 139 -9.05 3.74 -31.17
N SER A 140 -10.10 4.57 -31.07
CA SER A 140 -11.07 4.44 -29.98
C SER A 140 -11.94 3.19 -30.09
N GLN A 141 -12.00 2.57 -31.26
CA GLN A 141 -12.57 1.23 -31.48
C GLN A 141 -14.04 1.08 -31.08
N LYS A 149 -12.47 -7.27 -34.45
CA LYS A 149 -11.77 -7.17 -33.18
C LYS A 149 -10.41 -7.85 -33.26
N GLN A 150 -10.43 -9.15 -33.49
CA GLN A 150 -9.20 -9.91 -33.66
C GLN A 150 -8.47 -9.49 -34.92
N GLN A 151 -9.20 -9.41 -36.04
CA GLN A 151 -8.64 -8.90 -37.28
C GLN A 151 -8.28 -7.43 -37.15
N HIS A 152 -8.99 -6.69 -36.30
CA HIS A 152 -8.68 -5.28 -36.05
C HIS A 152 -7.29 -5.14 -35.43
N LEU A 153 -7.04 -5.87 -34.33
CA LEU A 153 -5.74 -5.82 -33.66
C LEU A 153 -4.64 -6.40 -34.54
N LEU A 154 -4.95 -7.46 -35.29
CA LEU A 154 -3.97 -8.09 -36.17
C LEU A 154 -3.55 -7.15 -37.28
N ALA A 155 -4.52 -6.49 -37.91
CA ALA A 155 -4.23 -5.52 -38.95
C ALA A 155 -3.50 -4.31 -38.39
N ALA A 156 -3.80 -3.93 -37.14
CA ALA A 156 -3.12 -2.81 -36.51
C ALA A 156 -1.64 -3.10 -36.31
N ILE A 157 -1.32 -4.26 -35.74
CA ILE A 157 0.08 -4.64 -35.56
C ILE A 157 0.77 -4.81 -36.91
N THR A 158 0.04 -5.35 -37.89
CA THR A 158 0.61 -5.60 -39.21
C THR A 158 0.95 -4.30 -39.92
N ASP A 159 0.04 -3.33 -39.91
CA ASP A 159 0.36 -2.08 -40.58
C ASP A 159 1.35 -1.24 -39.80
N TYR A 160 1.43 -1.42 -38.47
CA TYR A 160 2.49 -0.79 -37.70
C TYR A 160 3.86 -1.30 -38.14
N TYR A 161 3.98 -2.62 -38.27
CA TYR A 161 5.23 -3.22 -38.72
C TYR A 161 5.57 -2.80 -40.13
N GLN A 162 4.56 -2.74 -41.01
CA GLN A 162 4.79 -2.34 -42.40
C GLN A 162 5.21 -0.88 -42.48
N GLN A 163 4.61 -0.03 -41.65
CA GLN A 163 4.94 1.39 -41.63
C GLN A 163 6.37 1.62 -41.17
N HIS A 164 6.77 0.94 -40.10
CA HIS A 164 8.12 1.14 -39.60
C HIS A 164 9.16 0.54 -40.53
N TYR A 165 8.86 -0.59 -41.16
CA TYR A 165 9.77 -1.17 -42.13
C TYR A 165 9.89 -0.29 -43.36
N ALA A 166 8.80 0.36 -43.76
CA ALA A 166 8.85 1.31 -44.87
C ALA A 166 9.73 2.50 -44.54
N ASP A 167 9.63 3.01 -43.31
CA ASP A 167 10.47 4.14 -42.93
C ASP A 167 11.94 3.73 -42.81
N ALA A 168 12.21 2.50 -42.38
CA ALA A 168 13.59 2.04 -42.33
C ALA A 168 14.17 1.81 -43.72
N CYS A 169 13.34 1.28 -44.64
CA CYS A 169 13.76 1.12 -46.02
C CYS A 169 14.02 2.47 -46.68
N LYS A 170 13.25 3.48 -46.32
CA LYS A 170 13.49 4.82 -46.83
C LYS A 170 14.76 5.42 -46.24
N LEU A 171 15.01 5.16 -44.95
CA LEU A 171 16.20 5.72 -44.32
C LEU A 171 17.47 5.01 -44.76
N ARG A 172 17.32 3.78 -45.27
CA ARG A 172 18.48 3.03 -45.76
C ARG A 172 19.13 3.72 -46.94
N GLY A 173 18.33 4.13 -47.91
CA GLY A 173 18.83 4.92 -49.02
C GLY A 173 19.61 4.14 -50.05
N ASP A 174 20.67 4.75 -50.57
CA ASP A 174 21.47 4.09 -51.60
C ASP A 174 22.35 3.00 -51.01
N GLN A 175 22.87 3.23 -49.82
CA GLN A 175 23.86 2.33 -49.24
C GLN A 175 23.17 1.08 -48.70
N PRO A 176 23.58 -0.10 -49.13
CA PRO A 176 22.98 -1.33 -48.58
C PRO A 176 23.43 -1.58 -47.15
N LEU A 177 22.53 -1.30 -46.22
CA LEU A 177 22.72 -1.54 -44.80
C LEU A 177 21.63 -2.47 -44.30
N PRO A 178 21.93 -3.37 -43.38
CA PRO A 178 20.88 -4.24 -42.86
C PRO A 178 19.93 -3.43 -41.98
N ILE A 179 18.63 -3.66 -42.18
CA ILE A 179 17.63 -3.17 -41.24
C ILE A 179 17.20 -4.33 -40.36
N ILE A 180 17.31 -4.13 -39.06
CA ILE A 180 17.04 -5.15 -38.06
C ILE A 180 15.77 -4.74 -37.35
N ALA A 181 14.67 -5.43 -37.63
CA ALA A 181 13.45 -5.12 -36.90
C ALA A 181 13.50 -5.82 -35.55
N THR A 182 12.83 -5.24 -34.58
CA THR A 182 12.75 -5.85 -33.26
C THR A 182 11.31 -6.22 -32.95
N GLY A 183 11.12 -6.85 -31.81
CA GLY A 183 9.76 -7.10 -31.37
C GLY A 183 9.67 -7.93 -30.12
N HIS A 184 8.49 -7.97 -29.50
CA HIS A 184 8.28 -8.79 -28.31
C HIS A 184 6.81 -9.19 -28.31
N LEU A 185 6.52 -10.35 -28.89
CA LEU A 185 5.18 -10.90 -28.93
C LEU A 185 5.28 -12.39 -29.21
N THR A 186 4.13 -13.06 -29.19
CA THR A 186 4.07 -14.48 -29.43
C THR A 186 3.54 -14.76 -30.84
N THR A 187 4.01 -15.85 -31.42
CA THR A 187 3.68 -16.21 -32.79
C THR A 187 2.97 -17.56 -32.81
N VAL A 188 2.71 -18.08 -34.01
CA VAL A 188 1.90 -19.28 -34.12
C VAL A 188 2.69 -20.56 -33.82
N GLY A 189 3.96 -20.62 -34.19
CA GLY A 189 4.77 -21.76 -33.85
C GLY A 189 5.53 -21.53 -32.56
N ALA A 190 4.83 -21.52 -31.43
CA ALA A 190 5.39 -21.04 -30.17
C ALA A 190 5.45 -22.17 -29.16
N SER A 191 6.67 -22.52 -28.73
CA SER A 191 6.85 -23.48 -27.65
C SER A 191 6.65 -22.74 -26.34
N LYS A 192 5.38 -22.55 -25.98
CA LYS A 192 5.01 -21.76 -24.82
C LYS A 192 5.37 -22.50 -23.53
N SER A 193 5.45 -21.74 -22.44
CA SER A 193 5.96 -22.26 -21.19
C SER A 193 5.12 -21.69 -20.05
N ASP A 194 5.63 -21.82 -18.83
CA ASP A 194 4.93 -21.34 -17.64
C ASP A 194 5.37 -19.95 -17.19
N ALA A 195 6.64 -19.59 -17.40
CA ALA A 195 7.09 -18.26 -17.04
C ALA A 195 6.51 -17.19 -17.94
N VAL A 196 6.06 -17.57 -19.14
CA VAL A 196 5.46 -16.63 -20.07
C VAL A 196 4.07 -16.27 -19.55
N ARG A 197 3.92 -15.06 -19.03
CA ARG A 197 2.59 -14.51 -18.84
C ARG A 197 1.95 -14.28 -20.19
N ASP A 198 0.67 -14.58 -20.30
CA ASP A 198 -0.01 -14.55 -21.58
C ASP A 198 -0.40 -13.13 -21.93
N ILE A 199 0.15 -12.61 -23.01
CA ILE A 199 -0.25 -11.31 -23.53
C ILE A 199 -1.45 -11.51 -24.43
N TYR A 200 -2.22 -10.42 -24.58
CA TYR A 200 -3.36 -10.33 -25.49
C TYR A 200 -4.40 -11.41 -25.18
N ILE A 201 -4.83 -11.45 -23.93
CA ILE A 201 -5.65 -12.56 -23.47
C ILE A 201 -7.10 -12.45 -23.93
N GLY A 202 -7.54 -11.27 -24.37
CA GLY A 202 -8.91 -11.14 -24.82
C GLY A 202 -9.06 -11.32 -26.32
N THR A 203 -7.99 -11.08 -27.06
CA THR A 203 -8.04 -11.08 -28.51
C THR A 203 -6.64 -11.35 -29.05
N LEU A 204 -6.58 -12.06 -30.18
CA LEU A 204 -5.37 -12.30 -30.95
C LEU A 204 -4.32 -13.06 -30.12
N ASP A 205 -4.64 -14.31 -29.82
CA ASP A 205 -3.77 -15.14 -29.01
C ASP A 205 -2.52 -15.62 -29.75
N ALA A 206 -2.39 -15.36 -31.04
CA ALA A 206 -1.18 -15.68 -31.78
C ALA A 206 -1.02 -14.70 -32.93
N PHE A 207 0.15 -14.72 -33.54
CA PHE A 207 0.48 -13.81 -34.64
C PHE A 207 1.05 -14.62 -35.79
N PRO A 208 0.47 -14.53 -36.98
CA PRO A 208 1.01 -15.29 -38.12
C PRO A 208 2.33 -14.72 -38.59
N ALA A 209 3.27 -15.62 -38.88
CA ALA A 209 4.64 -15.23 -39.20
C ALA A 209 4.75 -14.55 -40.55
N GLN A 210 3.82 -14.78 -41.46
CA GLN A 210 3.92 -14.20 -42.79
C GLN A 210 3.54 -12.73 -42.81
N ASN A 211 2.96 -12.20 -41.73
CA ASN A 211 2.66 -10.78 -41.64
C ASN A 211 3.90 -9.93 -41.40
N PHE A 212 5.02 -10.56 -41.06
CA PHE A 212 6.23 -9.81 -40.78
C PHE A 212 6.79 -9.23 -42.07
N PRO A 213 7.29 -8.00 -42.03
CA PRO A 213 7.87 -7.40 -43.22
C PRO A 213 9.21 -8.04 -43.55
N PRO A 214 9.64 -7.95 -44.81
CA PRO A 214 10.90 -8.63 -45.17
C PRO A 214 12.15 -7.82 -44.80
N ALA A 215 12.53 -7.91 -43.54
CA ALA A 215 13.78 -7.30 -43.11
C ALA A 215 14.90 -8.31 -43.15
N ASP A 216 16.12 -7.84 -42.88
CA ASP A 216 17.27 -8.72 -42.90
C ASP A 216 17.33 -9.60 -41.67
N TYR A 217 16.82 -9.11 -40.54
CA TYR A 217 16.75 -9.87 -39.30
C TYR A 217 15.57 -9.33 -38.52
N ILE A 218 14.86 -10.22 -37.85
CA ILE A 218 13.77 -9.81 -36.97
C ILE A 218 14.03 -10.45 -35.61
N ALA A 219 14.45 -9.63 -34.65
CA ALA A 219 14.85 -10.09 -33.33
C ALA A 219 13.65 -10.00 -32.41
N LEU A 220 13.15 -11.14 -31.96
CA LEU A 220 11.93 -11.18 -31.19
C LEU A 220 12.22 -11.66 -29.77
N GLY A 221 11.22 -11.55 -28.91
CA GLY A 221 11.31 -11.99 -27.55
C GLY A 221 10.08 -12.78 -27.12
N HIS A 222 9.81 -12.74 -25.82
CA HIS A 222 8.61 -13.24 -25.15
C HIS A 222 8.50 -14.76 -25.11
N ILE A 223 9.37 -15.49 -25.79
CA ILE A 223 9.34 -16.93 -25.67
C ILE A 223 10.69 -17.40 -25.21
N HIS A 224 10.70 -18.15 -24.11
CA HIS A 224 11.90 -18.35 -23.31
C HIS A 224 12.67 -19.59 -23.73
N ARG A 225 12.54 -19.98 -25.00
CA ARG A 225 13.25 -21.11 -25.56
C ARG A 225 13.66 -20.73 -26.98
N ALA A 226 14.89 -21.07 -27.35
CA ALA A 226 15.42 -20.77 -28.68
C ALA A 226 14.63 -21.50 -29.75
N GLN A 227 14.14 -20.77 -30.75
CA GLN A 227 13.20 -21.32 -31.70
C GLN A 227 13.24 -20.50 -32.98
N ILE A 228 12.95 -21.16 -34.10
CA ILE A 228 12.84 -20.51 -35.40
C ILE A 228 11.38 -20.55 -35.81
N ILE A 229 10.87 -19.43 -36.30
CA ILE A 229 9.44 -19.25 -36.51
C ILE A 229 9.14 -19.41 -37.98
N GLY A 230 8.42 -20.48 -38.32
CA GLY A 230 7.91 -20.64 -39.67
C GLY A 230 8.93 -20.96 -40.73
N GLY A 231 10.07 -21.52 -40.35
CA GLY A 231 11.06 -21.95 -41.31
C GLY A 231 12.06 -20.89 -41.75
N MET A 232 11.63 -19.63 -41.79
CA MET A 232 12.51 -18.56 -42.24
C MET A 232 13.58 -18.29 -41.19
N GLU A 233 14.84 -18.30 -41.63
CA GLU A 233 15.98 -18.24 -40.71
C GLU A 233 16.10 -16.86 -40.08
N HIS A 234 15.83 -15.81 -40.84
CA HIS A 234 16.07 -14.45 -40.38
C HIS A 234 15.10 -14.01 -39.29
N VAL A 235 14.00 -14.73 -39.09
CA VAL A 235 13.09 -14.50 -37.98
C VAL A 235 13.40 -15.55 -36.92
N ARG A 236 13.71 -15.10 -35.70
CA ARG A 236 14.26 -16.03 -34.73
C ARG A 236 14.05 -15.52 -33.32
N TYR A 237 13.45 -16.34 -32.46
CA TYR A 237 13.51 -16.11 -31.03
C TYR A 237 14.92 -16.37 -30.54
N CYS A 238 15.24 -15.84 -29.37
CA CYS A 238 16.54 -16.09 -28.77
C CYS A 238 16.40 -16.69 -27.39
N GLY A 239 15.28 -16.41 -26.73
CA GLY A 239 14.98 -17.07 -25.47
C GLY A 239 15.78 -16.55 -24.30
N SER A 240 15.37 -16.92 -23.09
CA SER A 240 16.01 -16.43 -21.89
C SER A 240 17.40 -17.03 -21.76
N PRO A 241 18.33 -16.32 -21.13
CA PRO A 241 19.66 -16.89 -20.89
C PRO A 241 19.77 -17.73 -19.65
N ILE A 242 18.71 -17.83 -18.84
CA ILE A 242 18.68 -18.71 -17.69
C ILE A 242 17.32 -19.38 -17.62
N PRO A 243 17.22 -20.53 -16.96
CA PRO A 243 15.90 -21.14 -16.75
C PRO A 243 15.01 -20.32 -15.83
N LEU A 244 13.92 -19.79 -16.37
CA LEU A 244 13.01 -18.97 -15.59
C LEU A 244 11.80 -19.74 -15.09
N SER A 245 11.72 -21.03 -15.40
CA SER A 245 10.69 -21.88 -14.84
C SER A 245 11.30 -23.25 -14.64
N PHE A 246 10.47 -24.26 -14.44
CA PHE A 246 11.01 -25.62 -14.32
C PHE A 246 10.87 -26.42 -15.59
N ASP A 247 9.91 -26.11 -16.44
CA ASP A 247 9.76 -26.84 -17.69
C ASP A 247 10.82 -26.50 -18.72
N GLU A 248 11.52 -25.39 -18.54
CA GLU A 248 12.54 -24.97 -19.49
C GLU A 248 13.85 -25.69 -19.17
N CYS A 249 14.37 -26.43 -20.13
CA CYS A 249 15.55 -27.26 -19.91
C CYS A 249 16.79 -26.40 -19.80
N GLY A 250 17.73 -26.85 -18.98
CA GLY A 250 18.90 -26.07 -18.67
C GLY A 250 20.02 -26.11 -19.67
N LYS A 251 19.81 -26.63 -20.87
CA LYS A 251 20.87 -26.65 -21.86
C LYS A 251 20.62 -25.69 -23.00
N SER A 252 19.39 -25.58 -23.47
CA SER A 252 19.06 -24.75 -24.62
C SER A 252 18.95 -23.28 -24.20
N LYS A 253 20.09 -22.72 -23.80
CA LYS A 253 20.16 -21.35 -23.30
C LYS A 253 21.21 -20.61 -24.12
N TYR A 254 20.79 -20.01 -25.22
CA TYR A 254 21.71 -19.48 -26.21
C TYR A 254 21.62 -17.96 -26.30
N VAL A 255 22.75 -17.36 -26.62
CA VAL A 255 22.82 -16.00 -27.13
C VAL A 255 23.15 -16.12 -28.60
N HIS A 256 22.60 -15.24 -29.42
CA HIS A 256 22.80 -15.35 -30.86
C HIS A 256 23.76 -14.28 -31.32
N LEU A 257 24.97 -14.68 -31.68
CA LEU A 257 25.91 -13.78 -32.33
C LEU A 257 25.56 -13.74 -33.81
N VAL A 258 25.14 -12.59 -34.29
CA VAL A 258 24.67 -12.46 -35.66
C VAL A 258 25.68 -11.61 -36.41
N THR A 259 26.33 -12.21 -37.41
CA THR A 259 27.28 -11.51 -38.25
C THR A 259 26.62 -11.20 -39.58
N PHE A 260 26.59 -9.92 -39.92
CA PHE A 260 26.03 -9.44 -41.18
C PHE A 260 27.15 -9.21 -42.18
N SER A 261 26.78 -9.15 -43.45
CA SER A 261 27.76 -8.99 -44.51
C SER A 261 27.11 -8.30 -45.70
N ASN A 262 27.63 -7.11 -46.03
CA ASN A 262 27.34 -6.40 -47.28
C ASN A 262 25.86 -6.06 -47.44
N GLY A 263 25.18 -5.84 -46.32
CA GLY A 263 23.77 -5.52 -46.35
C GLY A 263 22.83 -6.70 -46.20
N LYS A 264 23.35 -7.93 -46.13
CA LYS A 264 22.51 -9.10 -46.01
C LYS A 264 22.99 -9.98 -44.86
N LEU A 265 22.12 -10.88 -44.43
CA LEU A 265 22.39 -11.74 -43.29
C LEU A 265 23.36 -12.84 -43.70
N GLU A 266 24.38 -13.07 -42.88
CA GLU A 266 25.38 -14.09 -43.17
C GLU A 266 25.35 -15.23 -42.16
N SER A 267 25.54 -14.94 -40.86
CA SER A 267 25.75 -16.00 -39.90
C SER A 267 24.93 -15.76 -38.65
N VAL A 268 24.25 -16.81 -38.19
CA VAL A 268 23.50 -16.80 -36.94
C VAL A 268 24.11 -17.90 -36.09
N GLU A 269 25.01 -17.53 -35.18
CA GLU A 269 25.71 -18.49 -34.35
C GLU A 269 25.06 -18.54 -32.98
N ASN A 270 24.72 -19.74 -32.53
CA ASN A 270 24.05 -19.92 -31.25
C ASN A 270 25.09 -20.38 -30.24
N LEU A 271 25.59 -19.46 -29.42
CA LEU A 271 26.59 -19.80 -28.43
C LEU A 271 25.93 -19.85 -27.06
N ASN A 272 26.18 -20.94 -26.33
CA ASN A 272 25.36 -21.25 -25.17
C ASN A 272 25.94 -20.66 -23.89
N VAL A 273 25.06 -20.40 -22.95
CA VAL A 273 25.41 -19.83 -21.65
C VAL A 273 25.73 -20.96 -20.69
N PRO A 274 26.88 -20.94 -20.02
CA PRO A 274 27.22 -22.01 -19.10
C PRO A 274 26.37 -21.95 -17.84
N VAL A 275 26.00 -23.11 -17.34
CA VAL A 275 25.12 -23.16 -16.19
C VAL A 275 25.92 -22.90 -14.92
N THR A 276 25.26 -22.23 -13.99
CA THR A 276 25.82 -22.00 -12.67
C THR A 276 24.90 -22.42 -11.55
N GLN A 277 23.65 -22.77 -11.86
CA GLN A 277 22.71 -23.28 -10.86
C GLN A 277 21.82 -24.29 -11.56
N PRO A 278 22.13 -25.56 -11.44
CA PRO A 278 21.30 -26.58 -12.10
C PRO A 278 19.99 -26.79 -11.35
N MET A 279 18.98 -27.21 -12.10
CA MET A 279 17.68 -27.49 -11.53
C MET A 279 17.08 -28.70 -12.23
N ALA A 280 16.33 -29.50 -11.49
CA ALA A 280 15.77 -30.73 -12.01
C ALA A 280 14.27 -30.77 -11.78
N VAL A 281 13.60 -31.66 -12.50
CA VAL A 281 12.18 -31.93 -12.33
C VAL A 281 12.02 -33.43 -12.14
N LEU A 282 11.26 -33.83 -11.13
CA LEU A 282 11.14 -35.23 -10.75
C LEU A 282 9.67 -35.60 -10.74
N LYS A 283 9.25 -36.44 -11.68
CA LYS A 283 7.85 -36.83 -11.81
C LYS A 283 7.66 -38.31 -11.52
N GLY A 284 6.41 -38.71 -11.38
CA GLY A 284 6.04 -40.11 -11.24
C GLY A 284 5.54 -40.46 -9.86
N ASP A 285 5.69 -41.75 -9.53
CA ASP A 285 5.38 -42.28 -8.22
C ASP A 285 6.54 -42.00 -7.26
N LEU A 286 6.40 -42.45 -6.02
CA LEU A 286 7.42 -42.18 -5.02
C LEU A 286 8.69 -42.98 -5.25
N ALA A 287 8.56 -44.24 -5.67
CA ALA A 287 9.75 -45.06 -5.93
C ALA A 287 10.51 -44.57 -7.14
N SER A 288 9.81 -44.00 -8.12
CA SER A 288 10.50 -43.34 -9.23
C SER A 288 11.24 -42.09 -8.76
N ILE A 289 10.69 -41.38 -7.78
CA ILE A 289 11.40 -40.24 -7.19
C ILE A 289 12.65 -40.71 -6.48
N THR A 290 12.57 -41.85 -5.79
CA THR A 290 13.76 -42.40 -5.12
C THR A 290 14.80 -42.86 -6.13
N ALA A 291 14.34 -43.45 -7.24
CA ALA A 291 15.25 -43.89 -8.28
C ALA A 291 15.95 -42.71 -8.96
N GLN A 292 15.23 -41.61 -9.16
CA GLN A 292 15.88 -40.44 -9.75
C GLN A 292 16.75 -39.72 -8.74
N LEU A 293 16.41 -39.78 -7.45
CA LEU A 293 17.26 -39.20 -6.42
C LEU A 293 18.53 -40.01 -6.21
N GLU A 294 18.54 -41.27 -6.64
CA GLU A 294 19.78 -42.05 -6.59
C GLU A 294 20.86 -41.55 -7.53
N GLN A 295 20.54 -40.61 -8.45
CA GLN A 295 21.54 -40.08 -9.36
C GLN A 295 22.57 -39.22 -8.62
N TRP A 296 22.11 -38.33 -7.74
CA TRP A 296 23.00 -37.44 -7.01
C TRP A 296 23.52 -38.05 -5.73
N ARG A 297 23.54 -39.38 -5.64
CA ARG A 297 23.81 -40.06 -4.38
C ARG A 297 25.28 -39.92 -3.95
N ASP A 298 26.18 -39.66 -4.89
CA ASP A 298 27.60 -39.65 -4.60
C ASP A 298 28.33 -38.39 -5.06
N VAL A 299 27.77 -37.65 -6.02
CA VAL A 299 28.52 -36.58 -6.67
C VAL A 299 28.64 -35.38 -5.75
N SER A 300 29.85 -34.82 -5.67
CA SER A 300 30.06 -33.55 -5.00
C SER A 300 29.64 -32.42 -5.92
N GLN A 301 28.61 -31.67 -5.52
CA GLN A 301 28.07 -30.56 -6.30
C GLN A 301 27.90 -29.37 -5.37
N GLU A 302 28.63 -28.29 -5.64
CA GLU A 302 28.71 -27.24 -4.64
C GLU A 302 27.51 -26.29 -4.61
N PRO A 303 26.95 -25.81 -5.73
CA PRO A 303 25.61 -25.22 -5.64
C PRO A 303 24.56 -26.30 -5.77
N PRO A 304 23.74 -26.51 -4.74
CA PRO A 304 22.79 -27.63 -4.76
C PRO A 304 21.70 -27.44 -5.80
N VAL A 305 21.23 -28.55 -6.34
CA VAL A 305 20.38 -28.54 -7.52
C VAL A 305 18.91 -28.40 -7.11
N TRP A 306 18.33 -27.24 -7.43
CA TRP A 306 16.98 -26.92 -6.97
C TRP A 306 15.95 -27.76 -7.70
N LEU A 307 15.57 -28.90 -7.15
CA LEU A 307 14.64 -29.76 -7.84
C LEU A 307 13.26 -29.70 -7.18
N ASP A 308 12.24 -29.92 -8.00
CA ASP A 308 10.88 -29.97 -7.54
C ASP A 308 10.31 -31.35 -7.78
N ILE A 309 9.30 -31.71 -7.00
CA ILE A 309 8.72 -33.04 -7.03
C ILE A 309 7.29 -32.92 -7.52
N GLU A 310 6.94 -33.69 -8.54
CA GLU A 310 5.58 -33.82 -9.01
C GLU A 310 5.17 -35.27 -8.83
N ILE A 311 4.02 -35.51 -8.21
CA ILE A 311 3.61 -36.85 -7.84
C ILE A 311 2.32 -37.19 -8.55
N THR A 312 2.41 -38.05 -9.56
CA THR A 312 1.27 -38.38 -10.39
C THR A 312 0.27 -39.31 -9.69
N THR A 313 0.75 -40.15 -8.78
CA THR A 313 -0.11 -41.10 -8.09
C THR A 313 -0.81 -40.43 -6.92
N ASP A 314 -1.38 -41.25 -6.03
CA ASP A 314 -2.12 -40.76 -4.88
C ASP A 314 -1.35 -40.93 -3.58
N GLU A 315 -0.03 -40.84 -3.64
CA GLU A 315 0.80 -40.87 -2.44
C GLU A 315 0.97 -39.49 -1.83
N TYR A 316 0.26 -38.49 -2.35
CA TYR A 316 0.35 -37.13 -1.82
C TYR A 316 -0.27 -37.01 -0.45
N LEU A 317 -1.35 -37.76 -0.19
CA LEU A 317 -2.21 -37.52 0.96
C LEU A 317 -1.60 -37.95 2.27
N HIS A 318 -0.49 -38.68 2.25
CA HIS A 318 0.20 -39.07 3.46
C HIS A 318 1.18 -37.97 3.85
N ASP A 319 2.03 -38.24 4.84
CA ASP A 319 3.02 -37.26 5.28
C ASP A 319 4.15 -37.18 4.25
N ILE A 320 3.86 -36.58 3.09
CA ILE A 320 4.75 -36.73 1.95
C ILE A 320 6.01 -35.89 2.14
N GLN A 321 5.89 -34.69 2.73
CA GLN A 321 7.06 -33.86 2.94
C GLN A 321 7.99 -34.44 4.00
N ARG A 322 7.45 -35.24 4.91
CA ARG A 322 8.29 -36.02 5.81
C ARG A 322 9.13 -37.02 5.04
N LYS A 323 8.50 -37.76 4.11
CA LYS A 323 9.21 -38.76 3.35
C LYS A 323 10.27 -38.15 2.44
N ILE A 324 9.90 -37.07 1.73
CA ILE A 324 10.82 -36.45 0.79
C ILE A 324 11.95 -35.77 1.53
N GLN A 325 11.65 -35.19 2.70
CA GLN A 325 12.70 -34.56 3.49
C GLN A 325 13.67 -35.58 4.04
N ALA A 326 13.14 -36.68 4.60
CA ALA A 326 13.98 -37.75 5.13
C ALA A 326 14.80 -38.43 4.05
N LEU A 327 14.28 -38.46 2.82
CA LEU A 327 15.10 -38.91 1.70
C LEU A 327 16.22 -37.92 1.42
N THR A 328 15.89 -36.64 1.34
CA THR A 328 16.82 -35.62 0.88
C THR A 328 17.69 -35.04 1.98
N GLU A 329 17.80 -35.70 3.14
CA GLU A 329 18.78 -35.28 4.12
C GLU A 329 20.21 -35.42 3.59
N SER A 330 20.55 -36.59 3.07
CA SER A 330 21.94 -36.91 2.79
C SER A 330 22.46 -36.34 1.48
N LEU A 331 21.62 -35.80 0.68
CA LEU A 331 22.09 -35.38 -0.62
C LEU A 331 22.34 -33.87 -0.64
N PRO A 332 23.26 -33.40 -1.48
CA PRO A 332 23.36 -31.95 -1.72
C PRO A 332 22.32 -31.48 -2.72
N VAL A 333 21.10 -31.25 -2.23
CA VAL A 333 19.97 -31.09 -3.13
C VAL A 333 19.22 -29.76 -2.95
N GLU A 334 18.66 -29.49 -1.76
CA GLU A 334 17.83 -28.31 -1.46
C GLU A 334 16.61 -28.27 -2.40
N VAL A 335 15.69 -29.19 -2.11
CA VAL A 335 14.41 -29.25 -2.80
C VAL A 335 13.62 -27.95 -2.63
N LEU A 336 13.01 -27.47 -3.70
CA LEU A 336 12.16 -26.29 -3.60
C LEU A 336 10.76 -26.64 -3.16
N LEU A 337 10.05 -27.44 -3.95
CA LEU A 337 8.62 -27.61 -3.72
C LEU A 337 8.21 -29.05 -3.98
N VAL A 338 7.10 -29.44 -3.37
CA VAL A 338 6.51 -30.78 -3.55
C VAL A 338 5.05 -30.58 -3.93
N ARG A 339 4.79 -30.39 -5.21
CA ARG A 339 3.42 -30.23 -5.66
C ARG A 339 2.91 -31.57 -6.18
N ARG A 340 1.60 -31.63 -6.46
CA ARG A 340 1.05 -32.93 -6.83
C ARG A 340 1.32 -33.24 -8.30
N SER A 341 0.65 -32.55 -9.21
CA SER A 341 0.82 -32.81 -10.63
C SER A 341 0.13 -31.73 -11.43
N ARG A 342 0.77 -31.32 -12.53
CA ARG A 342 0.08 -30.51 -13.52
C ARG A 342 -0.90 -31.35 -14.31
N GLU A 343 -0.47 -32.54 -14.75
CA GLU A 343 -1.28 -33.40 -15.60
C GLU A 343 -2.52 -33.93 -14.89
N GLN A 344 -2.48 -34.01 -13.56
CA GLN A 344 -3.70 -34.26 -12.82
C GLN A 344 -4.67 -33.10 -12.98
N ARG A 345 -4.18 -31.87 -12.79
CA ARG A 345 -5.02 -30.69 -12.89
C ARG A 345 -5.36 -30.32 -14.33
N GLU A 346 -4.76 -30.98 -15.31
CA GLU A 346 -5.29 -30.89 -16.66
C GLU A 346 -6.61 -31.63 -16.77
N ARG A 347 -6.71 -32.79 -16.12
CA ARG A 347 -7.87 -33.65 -16.24
C ARG A 347 -8.98 -33.32 -15.25
N VAL A 348 -8.75 -32.40 -14.31
CA VAL A 348 -9.80 -32.02 -13.37
C VAL A 348 -10.86 -31.13 -13.99
N LEU A 349 -10.64 -30.64 -15.21
CA LEU A 349 -11.60 -29.81 -15.91
C LEU A 349 -12.57 -30.62 -16.75
N ALA A 350 -12.79 -31.89 -16.39
CA ALA A 350 -13.82 -32.71 -17.01
C ALA A 350 -15.11 -32.60 -16.18
N SER A 351 -15.69 -31.41 -16.22
CA SER A 351 -16.90 -31.11 -15.48
C SER A 351 -17.91 -30.35 -16.36
N ARG A 354 -18.89 -24.87 -18.55
CA ARG A 354 -19.80 -24.02 -17.79
C ARG A 354 -21.02 -24.81 -17.33
N GLU A 355 -22.07 -24.78 -18.17
CA GLU A 355 -23.30 -25.54 -17.99
C GLU A 355 -24.01 -25.18 -16.67
N THR A 356 -24.48 -23.94 -16.64
CA THR A 356 -25.19 -23.41 -15.49
C THR A 356 -26.62 -23.96 -15.42
N LEU A 357 -27.20 -23.86 -14.22
CA LEU A 357 -28.51 -24.43 -13.95
C LEU A 357 -29.66 -23.68 -14.57
N SER A 358 -29.44 -22.46 -15.08
CA SER A 358 -30.49 -21.81 -15.86
C SER A 358 -30.71 -22.54 -17.17
N GLU A 359 -29.64 -23.09 -17.75
CA GLU A 359 -29.78 -23.96 -18.91
C GLU A 359 -30.18 -25.37 -18.48
N LEU A 360 -29.62 -25.85 -17.38
CA LEU A 360 -29.78 -27.24 -16.96
C LEU A 360 -31.18 -27.43 -16.40
N SER A 361 -31.94 -28.33 -17.02
CA SER A 361 -33.33 -28.54 -16.67
C SER A 361 -33.45 -29.23 -15.32
N VAL A 362 -34.68 -29.20 -14.79
CA VAL A 362 -34.95 -29.81 -13.49
C VAL A 362 -34.76 -31.32 -13.55
N GLU A 363 -35.02 -31.91 -14.72
CA GLU A 363 -34.69 -33.31 -14.90
C GLU A 363 -33.18 -33.52 -14.98
N GLU A 364 -32.45 -32.54 -15.50
CA GLU A 364 -31.00 -32.68 -15.52
C GLU A 364 -30.42 -32.55 -14.12
N VAL A 365 -30.97 -31.64 -13.31
CA VAL A 365 -30.64 -31.58 -11.89
C VAL A 365 -31.06 -32.88 -11.21
N PHE A 366 -32.17 -33.46 -11.64
CA PHE A 366 -32.51 -34.80 -11.17
C PHE A 366 -31.52 -35.83 -11.68
N ASN A 367 -31.00 -35.64 -12.90
CA ASN A 367 -30.05 -36.58 -13.46
C ASN A 367 -28.70 -36.52 -12.74
N ARG A 368 -28.26 -35.31 -12.36
CA ARG A 368 -27.06 -35.18 -11.57
C ARG A 368 -27.22 -35.77 -10.18
N ARG A 369 -28.46 -35.85 -9.69
CA ARG A 369 -28.69 -36.50 -8.40
C ARG A 369 -28.55 -38.00 -8.52
N LEU A 370 -29.07 -38.58 -9.60
CA LEU A 370 -28.98 -40.02 -9.80
C LEU A 370 -27.55 -40.46 -10.05
N ALA A 371 -26.73 -39.60 -10.65
CA ALA A 371 -25.35 -39.94 -10.95
C ALA A 371 -24.53 -40.09 -9.67
N LEU A 372 -24.87 -39.35 -8.62
CA LEU A 372 -24.18 -39.53 -7.35
C LEU A 372 -24.56 -40.85 -6.69
N GLU A 373 -25.74 -41.37 -7.00
CA GLU A 373 -26.08 -42.71 -6.58
C GLU A 373 -25.51 -43.73 -7.56
N GLU A 374 -25.54 -44.99 -7.17
CA GLU A 374 -25.05 -46.10 -7.98
C GLU A 374 -26.22 -46.96 -8.46
N LEU A 375 -27.31 -46.30 -8.84
CA LEU A 375 -28.57 -46.96 -9.16
C LEU A 375 -28.45 -47.76 -10.45
N ASP A 376 -29.26 -48.81 -10.55
CA ASP A 376 -29.26 -49.71 -11.69
C ASP A 376 -30.38 -49.34 -12.65
N GLU A 377 -30.51 -50.15 -13.71
CA GLU A 377 -31.41 -49.83 -14.81
C GLU A 377 -32.88 -49.92 -14.41
N SER A 378 -33.19 -50.75 -13.40
CA SER A 378 -34.54 -50.73 -12.84
C SER A 378 -34.79 -49.40 -12.13
N GLN A 379 -33.86 -49.01 -11.26
CA GLN A 379 -34.00 -47.74 -10.56
C GLN A 379 -33.76 -46.54 -11.48
N GLN A 380 -33.03 -46.70 -12.58
CA GLN A 380 -32.91 -45.63 -13.55
C GLN A 380 -34.10 -45.57 -14.50
N GLN A 381 -35.07 -46.46 -14.35
CA GLN A 381 -36.30 -46.40 -15.13
C GLN A 381 -37.54 -46.32 -14.27
N ARG A 382 -37.52 -46.90 -13.08
CA ARG A 382 -38.68 -46.79 -12.20
C ARG A 382 -38.71 -45.43 -11.52
N LEU A 383 -37.58 -45.00 -10.95
CA LEU A 383 -37.52 -43.69 -10.31
C LEU A 383 -37.55 -42.56 -11.33
N GLN A 384 -37.04 -42.79 -12.54
CA GLN A 384 -37.07 -41.76 -13.55
C GLN A 384 -38.48 -41.53 -14.07
N HIS A 385 -39.23 -42.60 -14.31
CA HIS A 385 -40.60 -42.44 -14.79
C HIS A 385 -41.52 -41.90 -13.71
N LEU A 386 -41.21 -42.19 -12.45
CA LEU A 386 -41.97 -41.58 -11.36
C LEU A 386 -41.68 -40.10 -11.25
N PHE A 387 -40.48 -39.68 -11.62
CA PHE A 387 -40.15 -38.25 -11.59
C PHE A 387 -40.72 -37.53 -12.79
N THR A 388 -40.44 -38.04 -14.00
CA THR A 388 -40.65 -37.31 -15.24
C THR A 388 -42.12 -37.06 -15.57
N THR A 389 -43.05 -37.72 -14.90
CA THR A 389 -44.44 -37.37 -15.08
C THR A 389 -44.92 -36.31 -14.10
N THR A 390 -44.28 -36.18 -12.95
CA THR A 390 -44.78 -35.36 -11.86
C THR A 390 -44.37 -33.90 -11.96
N LEU A 391 -43.73 -33.50 -13.06
CA LEU A 391 -43.47 -32.09 -13.27
C LEU A 391 -44.74 -31.35 -13.64
N HIS A 392 -45.49 -31.90 -14.59
CA HIS A 392 -46.70 -31.25 -15.08
C HIS A 392 -47.88 -31.45 -14.16
N THR A 393 -47.84 -32.45 -13.28
CA THR A 393 -48.92 -32.68 -12.34
C THR A 393 -48.95 -31.65 -11.22
N LEU A 394 -47.90 -30.83 -11.08
CA LEU A 394 -47.89 -29.72 -10.14
C LEU A 394 -47.84 -28.37 -10.85
N ALA A 395 -46.91 -28.20 -11.79
CA ALA A 395 -46.74 -26.92 -12.48
C ALA A 395 -47.66 -26.83 -13.69
N MET B 1 39.17 29.18 -7.39
CA MET B 1 38.13 28.60 -8.23
C MET B 1 36.76 29.06 -7.78
N ARG B 2 35.77 28.82 -8.62
CA ARG B 2 34.40 29.29 -8.38
C ARG B 2 33.48 28.10 -8.16
N ILE B 3 32.79 28.10 -7.03
CA ILE B 3 31.69 27.18 -6.83
C ILE B 3 30.41 28.02 -6.71
N LEU B 4 29.30 27.40 -7.04
CA LEU B 4 27.99 27.89 -6.68
C LEU B 4 27.51 27.01 -5.56
N HIS B 5 26.94 27.61 -4.53
CA HIS B 5 26.46 26.87 -3.39
C HIS B 5 24.98 27.17 -3.24
N THR B 6 24.17 26.12 -3.24
CA THR B 6 22.74 26.16 -3.09
C THR B 6 22.32 24.89 -2.38
N SER B 7 21.10 24.89 -1.84
CA SER B 7 20.64 23.74 -1.08
C SER B 7 19.12 23.73 -1.09
N ASP B 8 18.57 22.63 -0.58
CA ASP B 8 17.19 22.52 -0.14
C ASP B 8 16.20 22.79 -1.26
N TRP B 9 16.36 22.07 -2.36
CA TRP B 9 15.52 22.31 -3.53
C TRP B 9 14.12 21.80 -3.30
N HIS B 10 14.00 20.66 -2.62
CA HIS B 10 12.76 19.94 -2.34
C HIS B 10 11.97 19.70 -3.63
N LEU B 11 12.59 18.94 -4.53
CA LEU B 11 11.97 18.67 -5.82
C LEU B 11 10.79 17.74 -5.66
N GLY B 12 9.74 18.03 -6.42
CA GLY B 12 8.54 17.23 -6.32
C GLY B 12 7.77 17.45 -5.04
N GLN B 13 7.92 18.60 -4.41
CA GLN B 13 7.20 18.89 -3.20
C GLN B 13 5.73 19.14 -3.51
N ASN B 14 4.86 18.63 -2.65
CA ASN B 14 3.44 18.89 -2.76
C ASN B 14 3.09 20.05 -1.85
N PHE B 15 2.60 21.14 -2.43
CA PHE B 15 2.32 22.36 -1.70
C PHE B 15 0.83 22.66 -1.82
N TYR B 16 0.05 22.06 -0.93
CA TYR B 16 -1.41 22.16 -0.88
C TYR B 16 -2.04 21.81 -2.22
N SER B 17 -1.69 20.61 -2.70
CA SER B 17 -2.14 20.03 -3.97
C SER B 17 -1.77 20.91 -5.16
N LYS B 18 -0.66 21.63 -5.06
CA LYS B 18 -0.11 22.37 -6.19
C LYS B 18 1.28 21.84 -6.48
N SER B 19 1.61 21.72 -7.76
CA SER B 19 2.93 21.29 -8.16
C SER B 19 3.81 22.50 -8.41
N ARG B 20 5.05 22.42 -7.94
CA ARG B 20 6.02 23.49 -8.12
C ARG B 20 6.92 23.24 -9.31
N GLU B 21 6.39 22.63 -10.36
CA GLU B 21 7.25 22.21 -11.46
C GLU B 21 7.71 23.38 -12.30
N ALA B 22 6.84 24.37 -12.50
CA ALA B 22 7.20 25.53 -13.31
C ALA B 22 8.30 26.35 -12.64
N GLU B 23 8.21 26.50 -11.33
CA GLU B 23 9.21 27.28 -10.61
C GLU B 23 10.54 26.56 -10.56
N HIS B 24 10.55 25.25 -10.38
CA HIS B 24 11.81 24.52 -10.42
C HIS B 24 12.40 24.50 -11.83
N GLN B 25 11.57 24.47 -12.86
CA GLN B 25 12.10 24.47 -14.22
C GLN B 25 12.72 25.82 -14.56
N ALA B 26 12.06 26.90 -14.17
CA ALA B 26 12.62 28.24 -14.37
C ALA B 26 13.91 28.42 -13.58
N PHE B 27 13.95 27.91 -12.35
CA PHE B 27 15.14 28.05 -11.55
C PHE B 27 16.29 27.22 -12.09
N LEU B 28 16.01 26.03 -12.62
CA LEU B 28 17.10 25.21 -13.12
C LEU B 28 17.64 25.73 -14.44
N ASP B 29 16.76 26.31 -15.29
CA ASP B 29 17.24 27.00 -16.48
C ASP B 29 18.11 28.20 -16.12
N TRP B 30 17.66 28.98 -15.13
CA TRP B 30 18.41 30.14 -14.70
C TRP B 30 19.75 29.75 -14.11
N LEU B 31 19.79 28.64 -13.38
CA LEU B 31 21.04 28.18 -12.79
C LEU B 31 22.01 27.67 -13.85
N LEU B 32 21.47 27.08 -14.93
CA LEU B 32 22.34 26.66 -16.02
C LEU B 32 22.98 27.86 -16.71
N GLU B 33 22.18 28.88 -17.02
CA GLU B 33 22.76 30.02 -17.74
C GLU B 33 23.65 30.87 -16.85
N THR B 34 23.37 30.91 -15.54
CA THR B 34 24.25 31.63 -14.62
C THR B 34 25.56 30.89 -14.44
N ALA B 35 25.52 29.56 -14.35
CA ALA B 35 26.75 28.78 -14.27
C ALA B 35 27.58 28.89 -15.54
N GLN B 36 26.93 29.08 -16.69
CA GLN B 36 27.69 29.38 -17.90
C GLN B 36 28.34 30.75 -17.82
N THR B 37 27.57 31.78 -17.43
CA THR B 37 28.04 33.16 -17.53
C THR B 37 29.16 33.45 -16.53
N HIS B 38 28.94 33.15 -15.26
CA HIS B 38 29.87 33.58 -14.23
C HIS B 38 31.10 32.69 -14.09
N GLN B 39 31.34 31.79 -15.05
CA GLN B 39 32.57 30.99 -15.17
C GLN B 39 32.82 30.14 -13.93
N VAL B 40 31.78 29.46 -13.49
CA VAL B 40 31.86 28.67 -12.27
C VAL B 40 32.58 27.36 -12.56
N ASP B 41 33.12 26.74 -11.51
CA ASP B 41 33.85 25.50 -11.66
C ASP B 41 33.27 24.33 -10.89
N ALA B 42 32.34 24.56 -9.96
CA ALA B 42 31.58 23.46 -9.38
C ALA B 42 30.23 23.97 -8.91
N ILE B 43 29.29 23.06 -8.73
CA ILE B 43 28.00 23.37 -8.11
C ILE B 43 27.82 22.40 -6.96
N ILE B 44 27.38 22.89 -5.82
CA ILE B 44 27.23 22.05 -4.64
C ILE B 44 25.80 22.17 -4.14
N VAL B 45 25.09 21.05 -4.07
CA VAL B 45 23.76 20.99 -3.49
C VAL B 45 23.87 20.25 -2.18
N ALA B 46 23.59 20.94 -1.08
CA ALA B 46 23.75 20.36 0.26
C ALA B 46 22.40 19.88 0.76
N GLY B 47 21.96 18.75 0.23
CA GLY B 47 20.86 18.02 0.82
C GLY B 47 19.49 18.55 0.43
N ASP B 48 18.49 17.70 0.71
CA ASP B 48 17.07 17.93 0.40
C ASP B 48 16.87 18.26 -1.07
N VAL B 49 17.39 17.39 -1.93
CA VAL B 49 17.12 17.52 -3.35
C VAL B 49 15.66 17.16 -3.62
N PHE B 50 15.28 15.93 -3.27
CA PHE B 50 13.92 15.46 -3.43
C PHE B 50 13.15 15.63 -2.14
N ASP B 51 11.85 15.86 -2.26
CA ASP B 51 11.05 16.07 -1.07
C ASP B 51 10.73 14.77 -0.36
N THR B 52 10.36 13.73 -1.10
CA THR B 52 9.97 12.47 -0.48
C THR B 52 10.98 11.39 -0.82
N GLY B 53 10.75 10.20 -0.28
CA GLY B 53 11.57 9.06 -0.61
C GLY B 53 11.16 8.34 -1.87
N SER B 54 9.94 8.58 -2.34
CA SER B 54 9.46 8.07 -3.63
C SER B 54 8.91 9.27 -4.39
N PRO B 55 9.78 10.05 -5.01
CA PRO B 55 9.35 11.29 -5.65
C PRO B 55 8.55 10.98 -6.91
N PRO B 56 7.79 11.94 -7.45
CA PRO B 56 7.00 11.66 -8.65
C PRO B 56 7.83 11.45 -9.90
N SER B 57 7.15 11.26 -11.02
CA SER B 57 7.89 11.06 -12.26
C SER B 57 8.49 12.35 -12.78
N TYR B 58 7.77 13.46 -12.64
CA TYR B 58 8.27 14.70 -13.19
C TYR B 58 9.40 15.27 -12.37
N ALA B 59 9.51 14.91 -11.09
CA ALA B 59 10.66 15.34 -10.30
C ALA B 59 11.94 14.67 -10.79
N ARG B 60 11.88 13.37 -11.04
CA ARG B 60 13.07 12.70 -11.56
C ARG B 60 13.34 13.10 -13.00
N THR B 61 12.30 13.48 -13.74
CA THR B 61 12.48 14.04 -15.07
C THR B 61 13.26 15.36 -14.99
N LEU B 62 12.88 16.22 -14.06
CA LEU B 62 13.55 17.51 -13.86
C LEU B 62 15.00 17.33 -13.48
N TYR B 63 15.27 16.43 -12.54
CA TYR B 63 16.63 16.26 -12.05
C TYR B 63 17.51 15.61 -13.10
N ASN B 64 16.97 14.65 -13.86
CA ASN B 64 17.76 14.03 -14.93
C ASN B 64 18.01 15.00 -16.07
N ARG B 65 17.01 15.83 -16.42
CA ARG B 65 17.19 16.81 -17.47
C ARG B 65 18.21 17.86 -17.08
N PHE B 66 18.22 18.26 -15.81
CA PHE B 66 19.22 19.20 -15.36
C PHE B 66 20.62 18.62 -15.41
N VAL B 67 20.78 17.36 -14.98
CA VAL B 67 22.12 16.77 -14.99
C VAL B 67 22.59 16.54 -16.43
N VAL B 68 21.69 16.19 -17.33
CA VAL B 68 22.14 15.95 -18.70
C VAL B 68 22.37 17.26 -19.45
N ASN B 69 21.70 18.35 -19.07
CA ASN B 69 22.04 19.63 -19.69
C ASN B 69 23.25 20.27 -19.07
N LEU B 70 23.66 19.83 -17.89
CA LEU B 70 24.91 20.28 -17.31
C LEU B 70 26.12 19.77 -18.09
N GLN B 71 25.96 18.71 -18.88
CA GLN B 71 27.10 18.08 -19.54
C GLN B 71 27.69 18.95 -20.63
N GLN B 72 26.90 19.84 -21.22
CA GLN B 72 27.42 20.72 -22.26
C GLN B 72 28.27 21.86 -21.69
N THR B 73 28.17 22.12 -20.40
CA THR B 73 29.17 22.94 -19.75
C THR B 73 30.29 22.02 -19.27
N GLY B 74 31.33 22.61 -18.71
CA GLY B 74 32.43 21.81 -18.22
C GLY B 74 32.36 21.66 -16.71
N CYS B 75 31.18 21.86 -16.15
CA CYS B 75 31.07 22.02 -14.71
C CYS B 75 31.09 20.66 -14.01
N HIS B 76 30.74 20.66 -12.73
CA HIS B 76 30.85 19.46 -11.91
C HIS B 76 29.83 19.59 -10.79
N LEU B 77 28.79 18.77 -10.83
CA LEU B 77 27.74 18.83 -9.84
C LEU B 77 28.06 17.91 -8.68
N VAL B 78 27.83 18.39 -7.47
CA VAL B 78 27.97 17.60 -6.26
C VAL B 78 26.62 17.60 -5.57
N VAL B 79 26.11 16.42 -5.24
CA VAL B 79 24.79 16.27 -4.66
C VAL B 79 24.94 15.57 -3.33
N LEU B 80 24.39 16.17 -2.28
CA LEU B 80 24.43 15.59 -0.96
C LEU B 80 23.05 15.01 -0.66
N ALA B 81 22.88 14.46 0.53
CA ALA B 81 21.62 13.86 0.93
C ALA B 81 21.12 14.53 2.20
N GLY B 82 19.90 15.03 2.16
CA GLY B 82 19.30 15.69 3.29
C GLY B 82 18.58 14.70 4.19
N ASN B 83 17.73 15.24 5.05
CA ASN B 83 16.91 14.37 5.88
C ASN B 83 15.69 13.86 5.15
N HIS B 84 15.34 14.45 4.03
CA HIS B 84 14.20 13.99 3.25
C HIS B 84 14.60 12.94 2.23
N ASP B 85 15.84 12.93 1.78
CA ASP B 85 16.23 12.11 0.65
C ASP B 85 16.44 10.66 1.07
N SER B 86 15.92 9.76 0.24
CA SER B 86 16.09 8.33 0.47
C SER B 86 17.50 7.91 0.11
N VAL B 87 18.07 7.04 0.93
CA VAL B 87 19.48 6.71 0.79
C VAL B 87 19.70 5.76 -0.38
N ALA B 88 18.87 4.73 -0.48
CA ALA B 88 19.12 3.66 -1.43
C ALA B 88 18.86 4.09 -2.86
N THR B 89 17.93 5.03 -3.06
CA THR B 89 17.68 5.56 -4.39
C THR B 89 18.88 6.32 -4.92
N LEU B 90 19.54 7.09 -4.06
CA LEU B 90 20.75 7.77 -4.48
C LEU B 90 21.91 6.80 -4.62
N ASN B 91 21.96 5.77 -3.79
CA ASN B 91 23.07 4.82 -3.89
C ASN B 91 22.96 3.89 -5.07
N GLU B 92 21.77 3.71 -5.64
CA GLU B 92 21.64 2.86 -6.82
C GLU B 92 22.30 3.52 -8.02
N SER B 93 22.08 4.82 -8.20
CA SER B 93 22.65 5.57 -9.30
C SER B 93 23.89 6.33 -8.86
N ARG B 94 24.70 5.72 -8.00
CA ARG B 94 25.90 6.39 -7.52
C ARG B 94 26.95 6.48 -8.60
N ASP B 95 27.33 5.34 -9.16
CA ASP B 95 28.44 5.29 -10.10
C ASP B 95 28.03 5.56 -11.53
N ILE B 96 26.76 5.48 -11.86
CA ILE B 96 26.35 5.87 -13.20
C ILE B 96 26.28 7.37 -13.35
N MET B 97 26.26 8.11 -12.24
CA MET B 97 26.39 9.55 -12.32
C MET B 97 27.84 9.98 -12.42
N ALA B 98 28.77 9.14 -11.95
CA ALA B 98 30.19 9.46 -12.01
C ALA B 98 30.73 9.52 -13.42
N PHE B 99 30.00 8.97 -14.39
CA PHE B 99 30.32 9.12 -15.79
C PHE B 99 29.74 10.39 -16.39
N LEU B 100 29.24 11.30 -15.55
CA LEU B 100 28.63 12.53 -16.03
C LEU B 100 29.15 13.74 -15.25
N ASN B 101 30.36 13.63 -14.68
CA ASN B 101 31.00 14.64 -13.84
C ASN B 101 30.11 15.03 -12.66
N THR B 102 29.45 14.05 -12.08
CA THR B 102 28.48 14.29 -11.02
C THR B 102 28.73 13.25 -9.94
N THR B 103 28.90 13.70 -8.71
CA THR B 103 29.11 12.78 -7.60
C THR B 103 27.99 12.94 -6.59
N VAL B 104 27.43 11.81 -6.15
CA VAL B 104 26.41 11.83 -5.13
C VAL B 104 26.95 11.08 -3.92
N VAL B 105 26.49 11.49 -2.75
CA VAL B 105 26.86 10.86 -1.49
C VAL B 105 25.63 10.81 -0.61
N ALA B 106 25.30 9.62 -0.13
CA ALA B 106 24.17 9.48 0.77
C ALA B 106 24.52 8.83 2.09
N SER B 107 25.36 7.79 2.07
CA SER B 107 25.75 7.14 3.30
C SER B 107 26.85 7.96 3.97
N ALA B 108 27.26 7.53 5.15
CA ALA B 108 28.33 8.19 5.89
C ALA B 108 29.60 7.35 5.78
N GLY B 109 30.69 8.00 5.37
CA GLY B 109 31.98 7.32 5.32
C GLY B 109 32.68 7.34 3.98
N HIS B 110 32.38 8.33 3.15
CA HIS B 110 33.11 8.50 1.91
C HIS B 110 34.42 9.21 2.17
N ALA B 111 35.47 8.78 1.50
CA ALA B 111 36.75 9.44 1.61
C ALA B 111 36.69 10.80 0.90
N PRO B 112 37.29 11.83 1.49
CA PRO B 112 37.27 13.16 0.85
C PRO B 112 38.09 13.15 -0.42
N GLN B 113 37.57 13.83 -1.43
CA GLN B 113 38.12 13.75 -2.77
C GLN B 113 38.47 15.13 -3.29
N ILE B 114 39.36 15.17 -4.26
CA ILE B 114 39.74 16.42 -4.88
C ILE B 114 38.72 16.79 -5.94
N LEU B 115 38.71 18.05 -6.33
CA LEU B 115 37.89 18.50 -7.43
C LEU B 115 38.77 19.03 -8.54
N PRO B 116 38.37 18.85 -9.78
CA PRO B 116 39.02 19.58 -10.87
C PRO B 116 38.36 20.93 -11.07
N ARG B 117 39.15 21.88 -11.55
CA ARG B 117 38.58 23.10 -12.09
C ARG B 117 38.27 22.83 -13.57
N ARG B 118 37.91 23.89 -14.31
CA ARG B 118 37.42 23.70 -15.67
C ARG B 118 38.53 23.32 -16.65
N ASP B 119 39.79 23.29 -16.21
CA ASP B 119 40.91 22.90 -17.06
C ASP B 119 41.64 21.68 -16.51
N GLY B 120 40.99 20.89 -15.66
CA GLY B 120 41.58 19.67 -15.16
C GLY B 120 42.55 19.84 -14.01
N THR B 121 42.92 21.05 -13.67
CA THR B 121 43.81 21.28 -12.54
C THR B 121 43.06 21.02 -11.24
N PRO B 122 43.68 20.35 -10.26
CA PRO B 122 43.03 20.18 -8.97
C PRO B 122 42.83 21.48 -8.23
N GLY B 123 41.57 21.91 -8.12
CA GLY B 123 41.24 23.18 -7.52
C GLY B 123 41.13 23.16 -6.00
N ALA B 124 40.20 22.36 -5.47
CA ALA B 124 39.96 22.32 -4.04
C ALA B 124 39.62 20.90 -3.64
N VAL B 125 39.64 20.63 -2.34
CA VAL B 125 39.16 19.36 -1.85
C VAL B 125 37.95 19.63 -0.97
N LEU B 126 37.16 18.58 -0.74
CA LEU B 126 36.01 18.72 0.12
C LEU B 126 35.78 17.44 0.87
N CYS B 127 35.34 17.56 2.12
CA CYS B 127 34.93 16.40 2.89
C CYS B 127 33.40 16.33 2.88
N PRO B 128 32.79 15.45 2.08
CA PRO B 128 31.33 15.46 1.95
C PRO B 128 30.67 14.86 3.18
N ILE B 129 29.89 15.68 3.88
CA ILE B 129 29.15 15.20 5.04
C ILE B 129 27.66 15.32 4.74
N PRO B 130 26.98 14.22 4.53
CA PRO B 130 25.52 14.30 4.37
C PRO B 130 24.82 14.33 5.72
N PHE B 131 23.50 14.25 5.72
CA PHE B 131 22.75 14.16 6.96
C PHE B 131 23.05 12.84 7.63
N LEU B 132 23.75 12.90 8.76
CA LEU B 132 24.17 11.69 9.45
C LEU B 132 23.00 11.12 10.24
N ARG B 133 22.68 9.85 9.99
CA ARG B 133 21.62 9.22 10.75
C ARG B 133 22.09 8.94 12.18
N PRO B 134 21.19 9.01 13.15
CA PRO B 134 21.57 8.70 14.54
C PRO B 134 21.86 7.23 14.78
N ARG B 135 21.56 6.36 13.82
CA ARG B 135 21.97 4.97 13.84
C ARG B 135 23.26 4.74 13.09
N ASP B 136 23.75 5.74 12.38
CA ASP B 136 24.87 5.57 11.46
C ASP B 136 26.20 5.83 12.16
N ILE B 137 26.24 6.84 13.02
CA ILE B 137 27.48 7.32 13.60
C ILE B 137 27.76 6.67 14.94
N ILE B 138 26.75 6.49 15.78
CA ILE B 138 26.97 6.00 17.14
C ILE B 138 27.01 4.49 17.15
N THR B 139 27.42 3.91 18.27
CA THR B 139 27.47 2.47 18.43
C THR B 139 26.30 1.97 19.27
N GLU B 148 23.50 13.62 28.53
CA GLU B 148 23.77 12.19 28.54
C GLU B 148 23.80 11.65 27.11
N LYS B 149 22.63 11.32 26.59
CA LYS B 149 22.50 10.91 25.20
C LYS B 149 22.79 12.06 24.26
N GLN B 150 22.41 13.28 24.66
CA GLN B 150 22.57 14.45 23.80
C GLN B 150 24.03 14.82 23.64
N GLN B 151 24.79 14.77 24.74
CA GLN B 151 26.22 15.03 24.64
C GLN B 151 26.94 13.87 23.97
N HIS B 152 26.38 12.66 24.06
CA HIS B 152 26.92 11.51 23.35
C HIS B 152 26.84 11.72 21.84
N LEU B 153 25.65 12.05 21.34
CA LEU B 153 25.47 12.27 19.91
C LEU B 153 26.17 13.55 19.44
N LEU B 154 26.22 14.56 20.30
CA LEU B 154 26.92 15.80 19.97
C LEU B 154 28.41 15.56 19.80
N ALA B 155 29.01 14.82 20.73
CA ALA B 155 30.41 14.46 20.62
C ALA B 155 30.66 13.54 19.45
N ALA B 156 29.68 12.69 19.10
CA ALA B 156 29.82 11.82 17.94
C ALA B 156 29.90 12.62 16.65
N ILE B 157 28.99 13.58 16.46
CA ILE B 157 29.03 14.45 15.29
C ILE B 157 30.31 15.28 15.30
N THR B 158 30.73 15.73 16.47
CA THR B 158 31.92 16.57 16.59
C THR B 158 33.19 15.82 16.19
N ASP B 159 33.36 14.59 16.70
CA ASP B 159 34.57 13.86 16.34
C ASP B 159 34.49 13.34 14.92
N TYR B 160 33.29 13.13 14.39
CA TYR B 160 33.14 12.80 12.98
C TYR B 160 33.63 13.94 12.10
N TYR B 161 33.22 15.16 12.42
CA TYR B 161 33.67 16.32 11.65
C TYR B 161 35.16 16.54 11.80
N GLN B 162 35.70 16.34 13.01
CA GLN B 162 37.13 16.50 13.23
C GLN B 162 37.93 15.45 12.46
N GLN B 163 37.41 14.23 12.41
CA GLN B 163 38.06 13.15 11.68
C GLN B 163 38.10 13.44 10.19
N HIS B 164 36.99 13.90 9.63
CA HIS B 164 36.98 14.13 8.19
C HIS B 164 37.76 15.38 7.80
N TYR B 165 37.79 16.40 8.66
CA TYR B 165 38.66 17.53 8.38
C TYR B 165 40.13 17.14 8.49
N ALA B 166 40.46 16.24 9.42
CA ALA B 166 41.82 15.75 9.54
C ALA B 166 42.24 15.00 8.29
N ASP B 167 41.35 14.17 7.75
CA ASP B 167 41.69 13.43 6.54
C ASP B 167 41.76 14.34 5.32
N ALA B 168 40.94 15.39 5.28
CA ALA B 168 41.02 16.32 4.16
C ALA B 168 42.28 17.17 4.22
N CYS B 169 42.68 17.58 5.43
CA CYS B 169 43.93 18.31 5.62
C CYS B 169 45.13 17.45 5.27
N LYS B 170 45.05 16.15 5.55
CA LYS B 170 46.11 15.24 5.15
C LYS B 170 46.11 15.03 3.64
N LEU B 171 44.93 15.03 3.02
CA LEU B 171 44.85 14.83 1.57
C LEU B 171 45.40 16.03 0.81
N ARG B 172 45.21 17.24 1.35
CA ARG B 172 45.65 18.45 0.66
C ARG B 172 47.17 18.52 0.51
N GLY B 173 47.92 17.78 1.32
CA GLY B 173 49.37 17.81 1.23
C GLY B 173 49.90 19.15 1.67
N ASP B 174 50.78 19.71 0.84
CA ASP B 174 51.33 21.04 1.03
C ASP B 174 51.13 21.86 -0.23
N GLN B 175 49.89 21.86 -0.70
CA GLN B 175 49.47 22.41 -1.97
C GLN B 175 48.40 23.46 -1.75
N PRO B 176 48.28 24.47 -2.63
CA PRO B 176 47.19 25.45 -2.49
C PRO B 176 45.82 24.87 -2.80
N LEU B 177 45.27 24.10 -1.87
CA LEU B 177 43.96 23.47 -2.03
C LEU B 177 43.09 23.83 -0.83
N PRO B 178 42.01 24.58 -1.02
CA PRO B 178 41.13 24.89 0.09
C PRO B 178 40.26 23.70 0.48
N ILE B 179 39.90 23.67 1.76
CA ILE B 179 38.99 22.68 2.30
C ILE B 179 37.58 23.25 2.23
N ILE B 180 36.69 22.52 1.57
CA ILE B 180 35.26 22.78 1.65
C ILE B 180 34.65 21.62 2.43
N ALA B 181 33.74 21.95 3.33
CA ALA B 181 32.99 20.95 4.05
C ALA B 181 31.52 21.15 3.75
N THR B 182 30.73 20.12 3.96
CA THR B 182 29.30 20.16 3.71
C THR B 182 28.56 19.81 4.98
N GLY B 183 27.26 20.01 4.96
CA GLY B 183 26.45 19.53 6.05
C GLY B 183 24.98 19.78 5.81
N HIS B 184 24.16 19.02 6.51
CA HIS B 184 22.72 19.23 6.52
C HIS B 184 22.28 18.97 7.96
N LEU B 185 22.30 20.02 8.78
CA LEU B 185 21.82 19.93 10.16
C LEU B 185 21.49 21.33 10.63
N THR B 186 20.85 21.41 11.78
CA THR B 186 20.47 22.68 12.37
C THR B 186 21.47 23.07 13.45
N THR B 187 21.65 24.37 13.63
CA THR B 187 22.65 24.92 14.53
C THR B 187 22.00 25.87 15.52
N VAL B 188 22.80 26.43 16.42
CA VAL B 188 22.26 27.36 17.41
C VAL B 188 21.93 28.70 16.74
N GLY B 189 20.84 29.30 17.20
CA GLY B 189 20.36 30.56 16.65
C GLY B 189 19.97 30.47 15.20
N ALA B 190 18.94 29.69 14.89
CA ALA B 190 18.55 29.39 13.52
C ALA B 190 17.11 29.83 13.29
N SER B 191 16.89 30.59 12.21
CA SER B 191 15.56 31.10 11.88
C SER B 191 14.73 29.94 11.31
N LYS B 192 14.21 29.13 12.23
CA LYS B 192 13.49 27.92 11.84
C LYS B 192 12.11 28.28 11.28
N SER B 193 11.67 27.47 10.32
CA SER B 193 10.40 27.70 9.65
C SER B 193 9.54 26.46 9.75
N ASP B 194 8.45 26.40 8.98
CA ASP B 194 7.55 25.25 9.01
C ASP B 194 7.81 24.23 7.92
N ALA B 195 8.48 24.60 6.84
CA ALA B 195 8.92 23.58 5.88
C ALA B 195 10.01 22.70 6.46
N VAL B 196 10.79 23.23 7.39
CA VAL B 196 11.88 22.50 8.02
C VAL B 196 11.28 21.45 8.94
N ARG B 197 11.42 20.18 8.59
CA ARG B 197 11.12 19.13 9.54
C ARG B 197 12.20 19.08 10.60
N ASP B 198 11.90 18.41 11.69
CA ASP B 198 12.76 18.43 12.88
C ASP B 198 13.61 17.17 12.91
N ILE B 199 14.92 17.35 12.99
CA ILE B 199 15.85 16.24 13.08
C ILE B 199 16.33 16.13 14.51
N TYR B 200 16.63 14.88 14.91
CA TYR B 200 17.05 14.52 16.27
C TYR B 200 16.06 15.02 17.31
N ILE B 201 14.78 14.70 17.09
CA ILE B 201 13.69 15.25 17.89
C ILE B 201 13.74 14.75 19.34
N GLY B 202 14.40 13.63 19.60
CA GLY B 202 14.53 13.18 20.97
C GLY B 202 15.86 13.55 21.59
N THR B 203 16.90 13.71 20.77
CA THR B 203 18.26 13.84 21.29
C THR B 203 18.74 15.28 21.36
N LEU B 204 18.81 15.98 20.23
CA LEU B 204 19.39 17.31 20.19
C LEU B 204 18.33 18.37 19.97
N ASP B 205 18.73 19.61 20.22
CA ASP B 205 17.95 20.77 19.83
C ASP B 205 18.66 21.66 18.83
N ALA B 206 19.98 21.74 18.89
CA ALA B 206 20.77 22.51 17.96
C ALA B 206 22.20 22.00 18.00
N PHE B 207 23.08 22.68 17.27
CA PHE B 207 24.47 22.30 17.21
C PHE B 207 25.32 23.54 17.44
N PRO B 208 26.28 23.49 18.37
CA PRO B 208 27.13 24.67 18.61
C PRO B 208 28.08 24.92 17.44
N ALA B 209 28.21 26.19 17.08
CA ALA B 209 28.99 26.56 15.90
C ALA B 209 30.48 26.36 16.12
N GLN B 210 30.94 26.44 17.36
CA GLN B 210 32.36 26.27 17.63
C GLN B 210 32.80 24.81 17.57
N ASN B 211 31.86 23.88 17.49
CA ASN B 211 32.23 22.47 17.35
C ASN B 211 32.70 22.14 15.94
N PHE B 212 32.43 23.00 14.97
CA PHE B 212 32.90 22.77 13.62
C PHE B 212 34.42 22.88 13.58
N PRO B 213 35.07 22.06 12.77
CA PRO B 213 36.50 22.26 12.53
C PRO B 213 36.71 23.50 11.69
N PRO B 214 37.86 24.15 11.80
CA PRO B 214 38.15 25.28 10.93
C PRO B 214 38.39 24.79 9.51
N ALA B 215 37.81 25.49 8.55
CA ALA B 215 37.99 25.14 7.15
C ALA B 215 37.83 26.39 6.32
N ASP B 216 38.17 26.27 5.04
CA ASP B 216 38.09 27.42 4.16
C ASP B 216 36.65 27.73 3.80
N TYR B 217 35.78 26.73 3.78
CA TYR B 217 34.35 26.97 3.66
C TYR B 217 33.62 25.82 4.31
N ILE B 218 32.49 26.13 4.97
CA ILE B 218 31.60 25.10 5.50
C ILE B 218 30.20 25.39 4.94
N ALA B 219 29.84 24.69 3.87
CA ALA B 219 28.55 24.85 3.21
C ALA B 219 27.55 23.94 3.89
N LEU B 220 26.60 24.54 4.60
CA LEU B 220 25.53 23.76 5.20
C LEU B 220 24.22 24.11 4.54
N GLY B 221 23.22 23.30 4.82
CA GLY B 221 21.87 23.75 4.65
C GLY B 221 20.89 22.77 5.24
N HIS B 222 20.10 23.23 6.14
CA HIS B 222 18.86 22.60 6.54
C HIS B 222 17.75 23.62 6.64
N ILE B 223 18.06 24.82 7.10
CA ILE B 223 17.10 25.89 7.28
C ILE B 223 16.96 26.64 5.98
N HIS B 224 15.72 26.87 5.56
CA HIS B 224 15.42 27.36 4.23
C HIS B 224 15.45 28.88 4.11
N ARG B 225 16.23 29.54 4.97
CA ARG B 225 16.45 30.98 4.89
C ARG B 225 17.93 31.26 5.06
N ALA B 226 18.47 32.12 4.21
CA ALA B 226 19.91 32.34 4.18
C ALA B 226 20.34 33.20 5.36
N GLN B 227 21.32 32.72 6.12
CA GLN B 227 21.81 33.44 7.28
C GLN B 227 23.22 32.95 7.58
N ILE B 228 23.88 33.66 8.49
CA ILE B 228 25.24 33.35 8.91
C ILE B 228 25.19 32.95 10.38
N ILE B 229 25.94 31.91 10.74
CA ILE B 229 25.91 31.41 12.10
C ILE B 229 26.92 32.17 12.95
N GLY B 230 26.43 32.89 13.95
CA GLY B 230 27.30 33.67 14.81
C GLY B 230 27.90 34.85 14.08
N GLY B 231 29.20 34.77 13.78
CA GLY B 231 29.85 35.80 13.01
C GLY B 231 30.84 35.23 12.03
N MET B 232 30.96 33.90 12.00
CA MET B 232 31.92 33.23 11.15
C MET B 232 31.49 33.35 9.69
N GLU B 233 32.18 34.21 8.93
CA GLU B 233 31.76 34.49 7.56
C GLU B 233 31.97 33.29 6.65
N HIS B 234 32.91 32.41 6.98
CA HIS B 234 33.15 31.23 6.16
C HIS B 234 32.12 30.14 6.37
N VAL B 235 31.20 30.30 7.32
CA VAL B 235 30.14 29.33 7.58
C VAL B 235 28.82 29.98 7.23
N ARG B 236 28.15 29.47 6.20
CA ARG B 236 26.94 30.10 5.71
C ARG B 236 25.89 29.06 5.41
N TYR B 237 24.62 29.46 5.53
CA TYR B 237 23.52 28.73 4.96
C TYR B 237 23.22 29.28 3.57
N CYS B 238 22.36 28.59 2.85
CA CYS B 238 21.87 29.15 1.59
C CYS B 238 20.35 29.14 1.54
N GLY B 239 19.74 28.12 2.10
CA GLY B 239 18.30 28.02 2.10
C GLY B 239 17.78 27.66 0.73
N SER B 240 16.46 27.53 0.68
CA SER B 240 15.82 27.12 -0.55
C SER B 240 15.89 28.25 -1.57
N PRO B 241 15.96 27.91 -2.86
CA PRO B 241 15.85 28.94 -3.90
C PRO B 241 14.43 29.29 -4.26
N ILE B 242 13.44 28.69 -3.60
CA ILE B 242 12.03 29.04 -3.80
C ILE B 242 11.37 29.10 -2.44
N PRO B 243 10.24 29.83 -2.33
CA PRO B 243 9.49 29.78 -1.08
C PRO B 243 8.83 28.43 -0.88
N LEU B 244 8.86 27.93 0.34
CA LEU B 244 8.36 26.60 0.61
C LEU B 244 7.19 26.55 1.59
N SER B 245 7.10 27.45 2.55
CA SER B 245 6.05 27.27 3.55
C SER B 245 5.43 28.58 4.01
N PHE B 246 5.32 29.56 3.12
CA PHE B 246 4.66 30.86 3.31
C PHE B 246 5.34 31.78 4.32
N ASP B 247 6.38 31.32 5.02
CA ASP B 247 7.08 32.16 5.97
C ASP B 247 8.25 32.87 5.35
N GLU B 248 8.51 32.63 4.07
CA GLU B 248 9.72 33.10 3.41
C GLU B 248 9.33 34.08 2.31
N CYS B 249 9.94 35.25 2.32
CA CYS B 249 9.63 36.25 1.32
C CYS B 249 10.31 35.91 0.01
N GLY B 250 9.91 36.62 -1.04
CA GLY B 250 10.45 36.37 -2.35
C GLY B 250 11.67 37.19 -2.66
N LYS B 251 12.36 37.66 -1.62
CA LYS B 251 13.59 38.42 -1.80
C LYS B 251 14.81 37.76 -1.21
N SER B 252 14.65 36.91 -0.20
CA SER B 252 15.78 36.32 0.49
C SER B 252 16.20 34.99 -0.12
N LYS B 253 15.98 34.80 -1.42
CA LYS B 253 16.28 33.54 -2.08
C LYS B 253 17.59 33.70 -2.85
N TYR B 254 18.67 33.23 -2.26
CA TYR B 254 20.01 33.49 -2.78
C TYR B 254 20.71 32.20 -3.12
N VAL B 255 21.59 32.28 -4.12
CA VAL B 255 22.58 31.26 -4.40
C VAL B 255 23.94 31.91 -4.21
N HIS B 256 24.80 31.27 -3.44
CA HIS B 256 26.06 31.90 -3.06
C HIS B 256 27.14 31.54 -4.07
N LEU B 257 27.52 32.49 -4.90
CA LEU B 257 28.68 32.28 -5.77
C LEU B 257 29.92 32.54 -4.94
N VAL B 258 30.66 31.49 -4.63
CA VAL B 258 31.81 31.58 -3.76
C VAL B 258 33.06 31.46 -4.62
N THR B 259 33.97 32.40 -4.45
CA THR B 259 35.25 32.34 -5.15
C THR B 259 36.40 32.42 -4.15
N PHE B 260 37.43 31.65 -4.42
CA PHE B 260 38.56 31.44 -3.54
C PHE B 260 39.81 32.08 -4.12
N SER B 261 40.82 32.25 -3.28
CA SER B 261 42.06 32.92 -3.69
C SER B 261 43.24 32.20 -3.06
N ASN B 262 43.92 31.38 -3.88
CA ASN B 262 45.24 30.81 -3.58
C ASN B 262 45.24 29.96 -2.32
N GLY B 263 44.12 29.30 -2.03
CA GLY B 263 44.01 28.46 -0.86
C GLY B 263 43.19 29.02 0.27
N LYS B 264 42.65 30.24 0.14
CA LYS B 264 41.83 30.84 1.18
C LYS B 264 40.59 31.45 0.56
N LEU B 265 39.59 31.69 1.41
CA LEU B 265 38.31 32.20 0.96
C LEU B 265 38.42 33.68 0.62
N GLU B 266 37.91 34.05 -0.55
CA GLU B 266 37.96 35.43 -0.99
C GLU B 266 36.60 36.11 -0.93
N SER B 267 35.58 35.57 -1.60
CA SER B 267 34.33 36.30 -1.70
C SER B 267 33.14 35.35 -1.75
N VAL B 268 32.03 35.81 -1.18
CA VAL B 268 30.76 35.07 -1.18
C VAL B 268 29.69 36.00 -1.71
N GLU B 269 29.52 36.04 -3.02
CA GLU B 269 28.55 36.92 -3.64
C GLU B 269 27.15 36.32 -3.54
N ASN B 270 26.21 37.10 -3.03
CA ASN B 270 24.84 36.62 -2.83
C ASN B 270 23.97 37.10 -3.98
N LEU B 271 24.10 36.43 -5.11
CA LEU B 271 23.22 36.69 -6.24
C LEU B 271 21.85 36.06 -5.98
N ASN B 272 20.80 36.79 -6.33
CA ASN B 272 19.46 36.41 -5.95
C ASN B 272 18.72 35.75 -7.09
N VAL B 273 17.73 34.95 -6.73
CA VAL B 273 16.94 34.16 -7.68
C VAL B 273 15.64 34.91 -7.98
N PRO B 274 15.32 35.17 -9.24
CA PRO B 274 14.08 35.89 -9.56
C PRO B 274 12.87 35.05 -9.26
N VAL B 275 11.77 35.72 -8.99
CA VAL B 275 10.53 35.02 -8.63
C VAL B 275 9.69 34.80 -9.88
N THR B 276 9.10 33.61 -9.96
CA THR B 276 8.14 33.27 -10.99
C THR B 276 6.72 33.23 -10.43
N GLN B 277 6.52 32.55 -9.31
CA GLN B 277 5.23 32.50 -8.65
C GLN B 277 5.31 33.17 -7.30
N PRO B 278 4.76 34.35 -7.12
CA PRO B 278 4.80 35.00 -5.81
C PRO B 278 3.73 34.44 -4.87
N MET B 279 3.99 34.61 -3.59
CA MET B 279 3.07 34.24 -2.52
C MET B 279 2.75 35.48 -1.69
N ALA B 280 1.74 35.35 -0.84
CA ALA B 280 1.36 36.45 0.03
C ALA B 280 0.57 35.90 1.21
N VAL B 281 0.88 36.39 2.40
CA VAL B 281 0.18 36.01 3.63
C VAL B 281 -0.66 37.20 4.09
N LEU B 282 -1.85 36.92 4.57
CA LEU B 282 -2.81 37.95 4.96
C LEU B 282 -3.32 37.64 6.35
N LYS B 283 -3.08 38.54 7.29
CA LYS B 283 -3.48 38.35 8.67
C LYS B 283 -4.44 39.45 9.13
N GLY B 284 -5.05 39.23 10.28
CA GLY B 284 -5.91 40.21 10.90
C GLY B 284 -7.38 39.88 10.76
N ASP B 285 -8.19 40.86 11.15
CA ASP B 285 -9.63 40.79 10.95
C ASP B 285 -9.99 40.96 9.49
N LEU B 286 -11.27 40.78 9.18
CA LEU B 286 -11.72 40.71 7.79
C LEU B 286 -11.60 42.06 7.08
N ALA B 287 -11.77 43.17 7.81
CA ALA B 287 -11.63 44.48 7.17
C ALA B 287 -10.18 44.76 6.81
N SER B 288 -9.25 44.37 7.68
CA SER B 288 -7.84 44.47 7.33
C SER B 288 -7.46 43.49 6.23
N ILE B 289 -8.16 42.35 6.16
CA ILE B 289 -7.97 41.44 5.04
C ILE B 289 -8.39 42.11 3.74
N THR B 290 -9.52 42.83 3.75
CA THR B 290 -9.95 43.55 2.55
C THR B 290 -8.98 44.67 2.20
N ALA B 291 -8.47 45.37 3.22
CA ALA B 291 -7.50 46.43 2.98
C ALA B 291 -6.20 45.88 2.43
N GLN B 292 -5.82 44.65 2.79
CA GLN B 292 -4.65 44.06 2.17
C GLN B 292 -4.96 43.52 0.78
N LEU B 293 -6.21 43.13 0.52
CA LEU B 293 -6.61 42.78 -0.84
C LEU B 293 -6.67 43.99 -1.76
N GLU B 294 -6.74 45.19 -1.19
CA GLU B 294 -6.79 46.40 -2.00
C GLU B 294 -5.54 46.60 -2.87
N GLN B 295 -4.40 46.02 -2.50
CA GLN B 295 -3.17 46.27 -3.24
C GLN B 295 -3.04 45.42 -4.50
N TRP B 296 -4.07 44.69 -4.89
CA TRP B 296 -4.08 43.97 -6.16
C TRP B 296 -5.28 44.34 -7.01
N ARG B 297 -5.93 45.47 -6.71
CA ARG B 297 -7.21 45.80 -7.32
C ARG B 297 -7.10 46.18 -8.79
N ASP B 298 -5.91 46.49 -9.27
CA ASP B 298 -5.76 47.04 -10.61
C ASP B 298 -4.67 46.33 -11.40
N VAL B 299 -3.69 45.77 -10.70
CA VAL B 299 -2.48 45.26 -11.34
C VAL B 299 -2.81 43.96 -12.08
N SER B 300 -2.22 43.81 -13.26
CA SER B 300 -2.37 42.61 -14.08
C SER B 300 -1.09 41.79 -13.95
N GLN B 301 -1.14 40.75 -13.12
CA GLN B 301 -0.06 39.78 -13.02
C GLN B 301 -0.53 38.45 -13.56
N GLU B 302 0.21 37.88 -14.49
CA GLU B 302 -0.27 36.71 -15.22
C GLU B 302 -0.17 35.40 -14.43
N PRO B 303 0.87 35.12 -13.64
CA PRO B 303 0.73 34.03 -12.66
C PRO B 303 0.09 34.55 -11.39
N PRO B 304 -1.08 34.02 -11.01
CA PRO B 304 -1.80 34.56 -9.86
C PRO B 304 -1.10 34.24 -8.55
N VAL B 305 -0.93 35.26 -7.72
CA VAL B 305 -0.20 35.10 -6.46
C VAL B 305 -1.06 34.32 -5.46
N TRP B 306 -0.45 33.33 -4.82
CA TRP B 306 -1.18 32.40 -3.97
C TRP B 306 -1.37 33.00 -2.58
N LEU B 307 -2.62 33.14 -2.15
CA LEU B 307 -2.90 33.75 -0.86
C LEU B 307 -3.01 32.72 0.25
N ASP B 308 -2.78 33.18 1.47
CA ASP B 308 -2.99 32.42 2.69
C ASP B 308 -3.70 33.36 3.66
N ILE B 309 -5.02 33.38 3.62
CA ILE B 309 -5.78 34.19 4.55
C ILE B 309 -5.74 33.54 5.92
N GLU B 310 -5.36 34.31 6.94
CA GLU B 310 -5.36 33.85 8.32
C GLU B 310 -6.19 34.81 9.16
N ILE B 311 -7.27 34.29 9.75
CA ILE B 311 -8.12 35.10 10.61
C ILE B 311 -7.56 35.09 12.02
N THR B 312 -7.54 36.25 12.67
CA THR B 312 -7.00 36.34 14.02
C THR B 312 -8.11 36.45 15.04
N THR B 313 -9.20 37.11 14.66
CA THR B 313 -10.30 37.39 15.56
C THR B 313 -11.25 36.21 15.65
N ASP B 314 -12.43 36.43 16.20
CA ASP B 314 -13.44 35.41 16.35
C ASP B 314 -14.46 35.41 15.22
N GLU B 315 -14.05 35.80 14.02
CA GLU B 315 -14.90 35.68 12.84
C GLU B 315 -14.83 34.30 12.21
N TYR B 316 -14.22 33.33 12.91
CA TYR B 316 -14.10 31.97 12.40
C TYR B 316 -15.44 31.26 12.28
N LEU B 317 -16.44 31.65 13.07
CA LEU B 317 -17.69 30.93 13.11
C LEU B 317 -18.57 31.21 11.90
N HIS B 318 -18.36 32.34 11.23
CA HIS B 318 -19.20 32.71 10.12
C HIS B 318 -18.79 31.97 8.86
N ASP B 319 -19.61 32.12 7.82
CA ASP B 319 -19.37 31.48 6.52
C ASP B 319 -18.22 32.21 5.84
N ILE B 320 -17.00 31.84 6.23
CA ILE B 320 -15.82 32.60 5.81
C ILE B 320 -15.55 32.40 4.33
N GLN B 321 -15.43 31.14 3.89
CA GLN B 321 -14.89 30.83 2.58
C GLN B 321 -15.76 31.35 1.44
N ARG B 322 -17.08 31.40 1.67
CA ARG B 322 -17.97 32.01 0.70
C ARG B 322 -17.71 33.51 0.59
N LYS B 323 -17.53 34.17 1.73
CA LYS B 323 -17.27 35.61 1.72
C LYS B 323 -15.93 35.92 1.08
N ILE B 324 -14.91 35.12 1.38
CA ILE B 324 -13.58 35.37 0.84
C ILE B 324 -13.55 35.10 -0.65
N GLN B 325 -14.29 34.08 -1.11
CA GLN B 325 -14.34 33.82 -2.54
C GLN B 325 -15.12 34.90 -3.27
N ALA B 326 -16.19 35.40 -2.66
CA ALA B 326 -16.96 36.50 -3.24
C ALA B 326 -16.14 37.78 -3.29
N LEU B 327 -15.26 38.00 -2.32
CA LEU B 327 -14.30 39.08 -2.41
C LEU B 327 -13.32 38.87 -3.56
N THR B 328 -12.74 37.68 -3.64
CA THR B 328 -11.64 37.43 -4.57
C THR B 328 -12.10 37.02 -5.95
N GLU B 329 -13.39 37.17 -6.27
CA GLU B 329 -13.85 36.99 -7.64
C GLU B 329 -13.13 37.92 -8.61
N SER B 330 -13.15 39.22 -8.33
CA SER B 330 -12.81 40.22 -9.34
C SER B 330 -11.31 40.30 -9.56
N LEU B 331 -10.56 40.52 -8.49
CA LEU B 331 -9.12 40.65 -8.59
C LEU B 331 -8.48 39.29 -8.91
N PRO B 332 -7.36 39.26 -9.66
CA PRO B 332 -6.92 38.00 -10.29
C PRO B 332 -6.18 37.05 -9.39
N VAL B 333 -6.36 37.18 -8.08
CA VAL B 333 -5.57 36.45 -7.10
C VAL B 333 -6.10 35.03 -6.98
N GLU B 334 -5.34 34.14 -6.33
CA GLU B 334 -5.73 32.75 -6.10
C GLU B 334 -5.51 32.40 -4.65
N VAL B 335 -6.49 31.76 -4.03
CA VAL B 335 -6.49 31.49 -2.60
C VAL B 335 -6.11 30.04 -2.36
N LEU B 336 -5.29 29.80 -1.35
CA LEU B 336 -4.95 28.44 -0.97
C LEU B 336 -5.47 28.05 0.39
N LEU B 337 -5.64 28.99 1.30
CA LEU B 337 -5.96 28.64 2.68
C LEU B 337 -6.82 29.72 3.30
N VAL B 338 -7.73 29.30 4.17
CA VAL B 338 -8.39 30.18 5.12
C VAL B 338 -8.33 29.51 6.48
N ARG B 339 -7.80 30.20 7.48
CA ARG B 339 -7.53 29.54 8.75
C ARG B 339 -7.68 30.52 9.89
N ARG B 340 -7.91 29.98 11.08
CA ARG B 340 -7.57 30.71 12.28
C ARG B 340 -6.05 30.68 12.44
N SER B 341 -5.49 31.76 12.96
CA SER B 341 -4.06 31.96 12.81
C SER B 341 -3.25 31.12 13.78
N ARG B 342 -1.95 31.04 13.50
CA ARG B 342 -1.02 30.34 14.37
C ARG B 342 -0.87 31.07 15.70
N GLU B 343 -0.82 32.40 15.67
CA GLU B 343 -0.67 33.22 16.85
C GLU B 343 -1.88 33.08 17.76
N GLN B 344 -3.05 32.85 17.16
CA GLN B 344 -4.19 32.40 17.95
C GLN B 344 -3.94 31.00 18.50
N ARG B 345 -3.53 30.06 17.63
CA ARG B 345 -3.32 28.67 18.02
C ARG B 345 -2.01 28.45 18.76
N GLU B 346 -1.21 29.49 18.98
CA GLU B 346 -0.04 29.34 19.84
C GLU B 346 -0.45 29.20 21.29
N ARG B 347 -1.36 30.05 21.75
CA ARG B 347 -1.73 30.17 23.15
C ARG B 347 -3.01 29.42 23.48
N VAL B 348 -3.44 28.50 22.61
CA VAL B 348 -4.62 27.68 22.90
C VAL B 348 -4.31 26.49 23.78
N LEU B 349 -3.05 26.32 24.20
CA LEU B 349 -2.68 25.27 25.14
C LEU B 349 -3.35 25.51 26.48
N ALA B 350 -2.99 26.62 27.14
CA ALA B 350 -3.57 27.08 28.40
C ALA B 350 -3.51 26.03 29.51
N SER B 351 -2.47 25.19 29.46
CA SER B 351 -2.33 24.05 30.38
C SER B 351 -0.91 23.51 30.37
N ARG B 354 -1.34 20.83 32.78
CA ARG B 354 -1.86 19.50 32.59
C ARG B 354 -0.77 18.44 32.58
N GLU B 355 -0.65 17.69 33.68
CA GLU B 355 0.18 16.50 33.67
C GLU B 355 -0.66 15.22 33.59
N THR B 356 -1.48 14.97 34.61
CA THR B 356 -2.28 13.75 34.75
C THR B 356 -3.22 13.85 35.94
N LEU B 357 -4.06 12.84 36.13
CA LEU B 357 -4.89 12.73 37.32
C LEU B 357 -4.40 11.65 38.28
N SER B 358 -3.19 11.13 38.07
CA SER B 358 -2.69 10.04 38.90
C SER B 358 -2.38 10.52 40.30
N GLU B 359 -1.44 11.45 40.42
CA GLU B 359 -1.13 12.07 41.70
C GLU B 359 -2.08 13.22 42.04
N LEU B 360 -2.94 13.61 41.11
CA LEU B 360 -3.78 14.78 41.28
C LEU B 360 -4.91 14.47 42.24
N SER B 361 -5.05 15.29 43.28
CA SER B 361 -5.96 15.01 44.38
C SER B 361 -7.40 15.27 43.96
N VAL B 362 -8.32 14.65 44.71
CA VAL B 362 -9.74 14.77 44.46
C VAL B 362 -10.23 16.18 44.70
N GLU B 363 -9.57 16.90 45.61
CA GLU B 363 -9.87 18.32 45.80
C GLU B 363 -9.50 19.13 44.56
N GLU B 364 -8.43 18.74 43.88
CA GLU B 364 -8.06 19.45 42.66
C GLU B 364 -8.97 19.03 41.51
N VAL B 365 -9.50 17.80 41.55
CA VAL B 365 -10.63 17.46 40.68
C VAL B 365 -11.83 18.31 41.04
N PHE B 366 -12.06 18.50 42.34
CA PHE B 366 -13.16 19.33 42.80
C PHE B 366 -12.91 20.80 42.47
N ASN B 367 -11.65 21.23 42.46
CA ASN B 367 -11.32 22.60 42.09
C ASN B 367 -11.64 22.86 40.63
N ARG B 368 -11.32 21.92 39.75
CA ARG B 368 -11.67 22.04 38.35
C ARG B 368 -13.17 21.92 38.12
N ARG B 369 -13.88 21.28 39.04
CA ARG B 369 -15.33 21.30 38.98
C ARG B 369 -15.88 22.67 39.28
N LEU B 370 -15.31 23.33 40.29
CA LEU B 370 -15.79 24.64 40.71
C LEU B 370 -15.47 25.72 39.70
N ALA B 371 -14.39 25.54 38.94
CA ALA B 371 -13.94 26.57 38.02
C ALA B 371 -14.91 26.78 36.88
N LEU B 372 -15.69 25.76 36.53
CA LEU B 372 -16.75 25.93 35.54
C LEU B 372 -17.99 26.59 36.13
N GLU B 373 -18.05 26.74 37.45
CA GLU B 373 -19.21 27.32 38.10
C GLU B 373 -19.00 28.82 38.27
N GLU B 374 -19.85 29.44 39.07
CA GLU B 374 -19.92 30.90 39.26
C GLU B 374 -19.55 31.29 40.68
N LEU B 375 -18.52 30.67 41.23
CA LEU B 375 -18.27 30.62 42.67
C LEU B 375 -18.04 32.00 43.28
N ASP B 376 -18.55 32.18 44.48
CA ASP B 376 -18.30 33.35 45.31
C ASP B 376 -17.43 32.95 46.48
N GLU B 377 -17.00 33.95 47.25
CA GLU B 377 -16.12 33.68 48.39
C GLU B 377 -16.86 32.95 49.50
N SER B 378 -18.18 33.11 49.58
CA SER B 378 -18.97 32.17 50.35
C SER B 378 -18.93 30.79 49.73
N GLN B 379 -19.25 30.71 48.43
CA GLN B 379 -19.34 29.41 47.76
C GLN B 379 -17.98 28.75 47.55
N GLN B 380 -16.89 29.50 47.58
CA GLN B 380 -15.57 28.90 47.62
C GLN B 380 -15.10 28.67 49.05
N GLN B 381 -15.98 28.87 50.04
CA GLN B 381 -15.66 28.53 51.41
C GLN B 381 -16.80 27.81 52.12
N ARG B 382 -18.01 27.81 51.57
CA ARG B 382 -19.09 27.01 52.14
C ARG B 382 -19.15 25.65 51.46
N LEU B 383 -19.07 25.64 50.13
CA LEU B 383 -19.00 24.38 49.41
C LEU B 383 -17.63 23.73 49.57
N GLN B 384 -16.57 24.54 49.63
CA GLN B 384 -15.23 23.98 49.77
C GLN B 384 -15.00 23.40 51.15
N HIS B 385 -15.59 23.99 52.19
CA HIS B 385 -15.46 23.41 53.51
C HIS B 385 -16.30 22.14 53.65
N LEU B 386 -17.43 22.08 52.96
CA LEU B 386 -18.23 20.86 52.98
C LEU B 386 -17.53 19.74 52.25
N PHE B 387 -16.79 20.05 51.19
CA PHE B 387 -16.04 19.02 50.48
C PHE B 387 -14.87 18.54 51.31
N THR B 388 -14.07 19.47 51.83
CA THR B 388 -12.81 19.13 52.48
C THR B 388 -13.04 18.40 53.80
N THR B 389 -14.18 18.63 54.44
CA THR B 389 -14.54 17.83 55.60
C THR B 389 -14.93 16.42 55.19
N THR B 390 -15.83 16.30 54.20
CA THR B 390 -16.42 15.02 53.83
C THR B 390 -15.42 14.08 53.17
N LEU B 391 -14.27 14.57 52.73
CA LEU B 391 -13.17 13.67 52.42
C LEU B 391 -12.67 13.00 53.68
N HIS B 392 -12.41 13.80 54.72
CA HIS B 392 -11.81 13.31 55.95
C HIS B 392 -12.85 12.86 56.96
N THR B 393 -14.14 12.85 56.60
CA THR B 393 -15.08 11.96 57.27
C THR B 393 -14.95 10.54 56.74
N LEU B 394 -14.34 10.38 55.57
CA LEU B 394 -14.11 9.08 54.96
C LEU B 394 -12.64 8.78 54.76
N ALA B 395 -11.76 9.64 55.27
CA ALA B 395 -10.32 9.39 55.25
C ALA B 395 -9.80 9.19 56.67
N MET C 1 1.66 -3.50 32.59
CA MET C 1 1.42 -4.44 31.50
C MET C 1 2.36 -4.17 30.35
N LYS C 2 3.45 -4.94 30.31
CA LYS C 2 4.39 -4.88 29.20
C LYS C 2 4.77 -6.29 28.82
N ILE C 3 5.15 -6.45 27.56
CA ILE C 3 5.53 -7.75 27.03
C ILE C 3 7.04 -7.89 27.13
N LEU C 4 7.50 -8.93 27.81
CA LEU C 4 8.92 -9.16 27.94
C LEU C 4 9.45 -10.08 26.86
N SER C 5 8.79 -11.21 26.65
CA SER C 5 9.25 -12.19 25.69
C SER C 5 8.04 -12.82 25.00
N LEU C 6 8.30 -13.74 24.09
CA LEU C 6 7.24 -14.43 23.36
C LEU C 6 7.82 -15.71 22.79
N ARG C 7 7.24 -16.84 23.14
CA ARG C 7 7.72 -18.14 22.69
C ARG C 7 6.57 -18.90 22.06
N LEU C 8 6.75 -19.34 20.83
CA LEU C 8 5.70 -20.04 20.11
C LEU C 8 6.29 -21.25 19.41
N LYS C 9 5.41 -22.12 18.93
CA LYS C 9 5.83 -23.39 18.34
C LYS C 9 4.71 -23.93 17.48
N ASN C 10 4.95 -24.04 16.17
CA ASN C 10 4.01 -24.60 15.19
C ASN C 10 2.67 -23.88 15.18
N LEU C 11 2.69 -22.57 15.42
CA LEU C 11 1.43 -21.85 15.58
C LEU C 11 0.70 -21.68 14.27
N ASN C 12 1.42 -21.47 13.19
CA ASN C 12 0.82 -21.20 11.90
C ASN C 12 1.85 -21.66 10.90
N SER C 13 1.94 -21.01 9.75
CA SER C 13 3.03 -21.26 8.79
C SER C 13 4.44 -21.20 9.39
N LEU C 14 4.62 -20.55 10.53
CA LEU C 14 5.86 -20.67 11.28
C LEU C 14 6.01 -22.06 11.89
N LYS C 15 6.70 -22.95 11.20
CA LYS C 15 7.00 -24.26 11.76
C LYS C 15 8.09 -24.14 12.82
N GLY C 16 8.41 -25.26 13.46
CA GLY C 16 9.48 -25.27 14.43
C GLY C 16 9.08 -24.60 15.72
N GLU C 17 10.07 -24.22 16.52
CA GLU C 17 9.81 -23.52 17.76
C GLU C 17 10.71 -22.30 17.86
N TRP C 18 10.11 -21.14 18.10
CA TRP C 18 10.79 -19.87 18.05
C TRP C 18 10.57 -19.10 19.33
N LYS C 19 11.50 -18.19 19.62
CA LYS C 19 11.40 -17.37 20.81
C LYS C 19 12.04 -16.02 20.55
N ILE C 20 11.28 -14.95 20.73
CA ILE C 20 11.84 -13.61 20.67
C ILE C 20 11.77 -13.02 22.07
N ASP C 21 12.72 -12.14 22.37
CA ASP C 21 12.86 -11.58 23.70
C ASP C 21 13.10 -10.09 23.58
N PHE C 22 12.20 -9.29 24.13
CA PHE C 22 12.28 -7.85 24.03
C PHE C 22 13.12 -7.23 25.13
N THR C 23 13.77 -8.04 25.97
CA THR C 23 14.75 -7.55 26.92
C THR C 23 16.16 -7.88 26.49
N ARG C 24 16.35 -8.38 25.27
CA ARG C 24 17.67 -8.65 24.75
C ARG C 24 18.25 -7.39 24.14
N GLU C 25 19.40 -7.51 23.53
CA GLU C 25 20.14 -6.38 23.00
C GLU C 25 19.56 -5.62 21.80
N PRO C 26 18.80 -6.18 20.84
CA PRO C 26 18.33 -5.32 19.75
C PRO C 26 17.15 -4.46 20.12
N PHE C 27 16.31 -4.91 21.06
CA PHE C 27 15.04 -4.25 21.32
C PHE C 27 15.08 -3.30 22.50
N ALA C 28 15.98 -3.55 23.46
CA ALA C 28 16.04 -2.70 24.65
C ALA C 28 16.56 -1.32 24.30
N SER C 29 17.39 -1.20 23.27
CA SER C 29 17.96 0.09 22.91
C SER C 29 16.94 0.96 22.20
N ASN C 30 16.46 0.51 21.04
CA ASN C 30 15.67 1.38 20.18
C ASN C 30 14.23 1.52 20.67
N GLY C 31 13.59 0.42 20.99
CA GLY C 31 12.21 0.46 21.39
C GLY C 31 11.27 0.26 20.22
N LEU C 32 11.28 1.18 19.26
CA LEU C 32 10.47 1.03 18.07
C LEU C 32 11.13 0.06 17.12
N PHE C 33 10.42 -1.01 16.78
CA PHE C 33 10.92 -1.99 15.82
C PHE C 33 9.84 -2.30 14.80
N ALA C 34 10.18 -3.13 13.83
CA ALA C 34 9.25 -3.47 12.76
C ALA C 34 9.32 -4.96 12.50
N ILE C 35 8.26 -5.49 11.91
CA ILE C 35 8.20 -6.89 11.50
C ILE C 35 7.94 -6.89 10.00
N THR C 36 8.93 -7.31 9.23
CA THR C 36 8.91 -7.12 7.78
C THR C 36 9.03 -8.46 7.08
N GLY C 37 8.22 -8.65 6.05
CA GLY C 37 8.25 -9.85 5.27
C GLY C 37 7.37 -9.69 4.06
N PRO C 38 7.36 -10.68 3.18
CA PRO C 38 6.47 -10.62 2.02
C PRO C 38 5.04 -10.96 2.36
N THR C 39 4.18 -11.05 1.35
CA THR C 39 2.78 -11.40 1.57
C THR C 39 2.65 -12.86 1.95
N GLY C 40 2.01 -13.13 3.08
CA GLY C 40 1.80 -14.49 3.50
C GLY C 40 2.98 -15.10 4.21
N ALA C 41 3.87 -14.28 4.75
CA ALA C 41 5.09 -14.85 5.32
C ALA C 41 4.91 -15.32 6.75
N GLY C 42 3.98 -14.73 7.50
CA GLY C 42 3.83 -15.13 8.88
C GLY C 42 3.92 -14.00 9.88
N LYS C 43 3.58 -12.78 9.47
CA LYS C 43 3.81 -11.63 10.33
C LYS C 43 2.73 -11.50 11.41
N THR C 44 1.46 -11.70 11.05
CA THR C 44 0.37 -11.61 12.00
C THR C 44 0.37 -12.76 13.00
N THR C 45 1.08 -13.84 12.66
CA THR C 45 1.19 -15.00 13.54
C THR C 45 1.87 -14.65 14.85
N LEU C 46 2.85 -13.75 14.81
CA LEU C 46 3.54 -13.37 16.03
C LEU C 46 2.69 -12.48 16.94
N LEU C 47 1.58 -11.94 16.47
CA LEU C 47 0.64 -11.27 17.36
C LEU C 47 -0.48 -12.18 17.79
N ASP C 48 -0.88 -13.09 16.93
CA ASP C 48 -1.85 -14.10 17.34
C ASP C 48 -1.28 -15.05 18.37
N ALA C 49 0.05 -15.18 18.45
CA ALA C 49 0.64 -15.93 19.55
C ALA C 49 0.43 -15.21 20.88
N ILE C 50 0.53 -13.89 20.88
CA ILE C 50 0.31 -13.13 22.10
C ILE C 50 -1.14 -13.21 22.54
N CYS C 51 -2.06 -12.99 21.59
CA CYS C 51 -3.48 -13.07 21.91
C CYS C 51 -3.89 -14.48 22.30
N LEU C 52 -3.24 -15.50 21.75
CA LEU C 52 -3.57 -16.87 22.09
C LEU C 52 -3.07 -17.22 23.47
N ALA C 53 -1.84 -16.84 23.79
CA ALA C 53 -1.29 -17.18 25.09
C ALA C 53 -1.97 -16.42 26.21
N LEU C 54 -2.51 -15.23 25.92
CA LEU C 54 -3.17 -14.50 27.00
C LEU C 54 -4.66 -14.80 27.08
N TYR C 55 -5.40 -14.63 25.99
CA TYR C 55 -6.86 -14.66 26.04
C TYR C 55 -7.46 -15.84 25.31
N HIS C 56 -6.67 -16.85 24.98
CA HIS C 56 -7.13 -18.14 24.46
C HIS C 56 -7.87 -18.00 23.14
N GLU C 57 -7.48 -17.01 22.35
CA GLU C 57 -8.31 -16.57 21.23
C GLU C 57 -7.44 -15.71 20.33
N THR C 58 -7.81 -15.66 19.06
CA THR C 58 -7.21 -14.78 18.09
C THR C 58 -8.30 -13.99 17.37
N PRO C 59 -8.00 -12.80 16.86
CA PRO C 59 -9.04 -12.00 16.20
C PRO C 59 -9.65 -12.62 14.95
N ARG C 60 -9.00 -13.61 14.34
CA ARG C 60 -9.63 -14.30 13.22
C ARG C 60 -10.46 -15.48 13.70
N LEU C 61 -9.85 -16.40 14.43
CA LEU C 61 -10.52 -17.61 14.90
C LEU C 61 -11.05 -17.37 16.30
N SER C 62 -12.38 -17.39 16.43
CA SER C 62 -13.01 -17.00 17.68
C SER C 62 -12.89 -18.06 18.77
N ASN C 63 -12.52 -19.28 18.43
CA ASN C 63 -12.31 -20.28 19.46
C ASN C 63 -11.23 -21.25 19.03
N VAL C 64 -10.46 -21.74 19.99
CA VAL C 64 -9.55 -22.86 19.80
C VAL C 64 -9.82 -23.85 20.91
N SER C 65 -10.77 -24.75 20.68
CA SER C 65 -11.30 -25.63 21.70
C SER C 65 -10.76 -27.04 21.51
N GLN C 66 -11.40 -27.99 22.19
CA GLN C 66 -11.31 -29.40 21.80
C GLN C 66 -11.66 -29.59 20.33
N SER C 67 -12.71 -28.93 19.87
CA SER C 67 -13.01 -28.92 18.45
C SER C 67 -12.49 -27.64 17.82
N GLN C 68 -12.28 -27.69 16.50
CA GLN C 68 -12.00 -26.54 15.64
C GLN C 68 -10.73 -25.80 16.07
N ASN C 69 -9.61 -26.49 15.92
CA ASN C 69 -8.31 -25.83 16.06
C ASN C 69 -7.75 -25.62 14.66
N ASP C 70 -8.16 -24.53 14.03
CA ASP C 70 -7.70 -24.16 12.72
C ASP C 70 -6.37 -23.43 12.74
N LEU C 71 -5.69 -23.43 13.87
CA LEU C 71 -4.47 -22.66 14.00
C LEU C 71 -3.25 -23.51 13.66
N MET C 72 -3.16 -24.70 14.24
CA MET C 72 -1.96 -25.53 14.25
C MET C 72 -1.51 -25.89 12.84
N THR C 73 -0.21 -26.07 12.70
CA THR C 73 0.39 -26.21 11.38
C THR C 73 0.04 -27.57 10.79
N ARG C 74 -0.19 -27.58 9.48
CA ARG C 74 -0.53 -28.80 8.75
C ARG C 74 0.57 -29.83 8.89
N ASP C 75 0.16 -31.04 9.26
CA ASP C 75 1.06 -32.16 9.55
C ASP C 75 2.08 -31.83 10.63
N THR C 76 1.58 -31.42 11.79
CA THR C 76 2.36 -31.34 13.02
C THR C 76 1.54 -31.89 14.17
N ALA C 77 2.22 -32.30 15.23
CA ALA C 77 1.53 -33.02 16.30
C ALA C 77 0.96 -32.06 17.34
N GLU C 78 1.63 -30.94 17.59
CA GLU C 78 1.24 -30.11 18.73
C GLU C 78 1.60 -28.66 18.45
N CYS C 79 1.01 -27.77 19.25
CA CYS C 79 1.37 -26.36 19.22
C CYS C 79 1.38 -25.82 20.64
N LEU C 80 2.16 -24.78 20.86
CA LEU C 80 2.14 -24.07 22.14
C LEU C 80 2.56 -22.63 21.93
N ALA C 81 1.78 -21.72 22.51
CA ALA C 81 2.14 -20.33 22.62
C ALA C 81 2.41 -20.01 24.09
N GLU C 82 3.33 -19.09 24.33
CA GLU C 82 3.69 -18.75 25.70
C GLU C 82 4.23 -17.33 25.72
N VAL C 83 3.62 -16.48 26.52
CA VAL C 83 4.03 -15.08 26.60
C VAL C 83 4.56 -14.83 28.01
N GLU C 84 5.42 -13.84 28.14
CA GLU C 84 5.89 -13.36 29.43
C GLU C 84 5.52 -11.89 29.54
N PHE C 85 4.86 -11.52 30.63
CA PHE C 85 4.39 -10.16 30.74
C PHE C 85 4.59 -9.67 32.16
N GLU C 86 4.95 -8.40 32.27
CA GLU C 86 5.23 -7.77 33.55
C GLU C 86 4.15 -6.74 33.86
N VAL C 87 3.58 -6.85 35.04
CA VAL C 87 2.67 -5.84 35.57
C VAL C 87 3.13 -5.46 36.97
N LYS C 88 3.40 -4.16 37.15
CA LYS C 88 3.80 -3.55 38.43
C LYS C 88 5.03 -4.23 39.03
N GLY C 89 6.03 -4.46 38.19
CA GLY C 89 7.24 -5.12 38.63
C GLY C 89 7.14 -6.61 38.83
N GLU C 90 6.02 -7.21 38.47
CA GLU C 90 5.82 -8.65 38.64
C GLU C 90 5.81 -9.32 37.27
N ALA C 91 6.67 -10.32 37.10
CA ALA C 91 6.90 -10.90 35.79
C ALA C 91 6.20 -12.26 35.68
N TYR C 92 4.92 -12.20 35.36
CA TYR C 92 4.16 -13.42 35.16
C TYR C 92 4.45 -14.00 33.78
N ARG C 93 4.03 -15.24 33.58
CA ARG C 93 4.04 -15.82 32.25
C ARG C 93 2.79 -16.66 32.06
N ALA C 94 2.30 -16.68 30.82
CA ALA C 94 1.12 -17.44 30.45
C ALA C 94 1.52 -18.52 29.46
N PHE C 95 0.64 -19.50 29.27
CA PHE C 95 1.00 -20.70 28.54
C PHE C 95 -0.25 -21.29 27.92
N TRP C 96 -0.11 -21.89 26.75
CA TRP C 96 -1.24 -22.52 26.08
C TRP C 96 -0.71 -23.56 25.12
N SER C 97 -1.00 -24.83 25.37
CA SER C 97 -0.52 -25.92 24.54
C SER C 97 -1.66 -26.81 24.15
N GLN C 98 -1.51 -27.50 23.03
CA GLN C 98 -2.49 -28.48 22.60
C GLN C 98 -1.81 -29.54 21.73
N ASN C 99 -2.12 -30.80 22.00
CA ASN C 99 -1.55 -31.93 21.30
C ASN C 99 -2.64 -32.67 20.54
N ARG C 100 -2.27 -33.21 19.38
CA ARG C 100 -3.14 -34.21 18.77
C ARG C 100 -2.91 -35.55 19.44
N ALA C 101 -3.68 -36.55 19.04
CA ALA C 101 -3.58 -37.85 19.68
C ALA C 101 -2.31 -38.57 19.26
N ARG C 102 -1.65 -39.18 20.26
CA ARG C 102 -0.49 -40.10 20.13
C ARG C 102 0.63 -39.57 19.23
N ASN C 103 0.84 -38.25 19.27
CA ASN C 103 1.78 -37.51 18.40
C ASN C 103 1.52 -37.77 16.93
N GLN C 104 0.24 -37.87 16.58
CA GLN C 104 0.05 -38.12 15.16
C GLN C 104 -0.33 -36.85 14.44
N PRO C 105 0.16 -36.67 13.20
CA PRO C 105 -0.23 -35.48 12.43
C PRO C 105 -1.69 -35.46 12.04
N ASP C 106 -2.42 -36.56 12.15
CA ASP C 106 -3.87 -36.54 12.16
C ASP C 106 -4.33 -37.42 13.30
N GLY C 107 -5.19 -36.88 14.14
CA GLY C 107 -5.68 -37.61 15.28
C GLY C 107 -6.80 -36.84 15.95
N ASN C 108 -7.01 -37.14 17.22
CA ASN C 108 -8.01 -36.43 18.00
C ASN C 108 -7.36 -35.25 18.69
N LEU C 109 -7.97 -34.09 18.55
CA LEU C 109 -7.50 -32.92 19.27
C LEU C 109 -7.82 -33.09 20.74
N GLN C 110 -6.81 -33.03 21.59
CA GLN C 110 -7.00 -33.29 23.01
C GLN C 110 -7.41 -32.01 23.72
N VAL C 111 -7.36 -32.02 25.05
CA VAL C 111 -7.76 -30.86 25.84
C VAL C 111 -6.55 -29.94 26.01
N PRO C 112 -6.72 -28.63 25.82
CA PRO C 112 -5.59 -27.72 26.04
C PRO C 112 -5.24 -27.60 27.50
N ARG C 113 -3.95 -27.38 27.77
CA ARG C 113 -3.46 -27.19 29.12
C ARG C 113 -2.79 -25.83 29.24
N VAL C 114 -3.07 -25.13 30.35
CA VAL C 114 -2.69 -23.74 30.54
C VAL C 114 -2.05 -23.58 31.91
N GLU C 115 -1.18 -22.57 32.07
CA GLU C 115 -0.43 -22.45 33.31
C GLU C 115 -0.72 -21.18 34.10
N LEU C 116 -0.44 -20.00 33.55
CA LEU C 116 -0.49 -18.71 34.24
C LEU C 116 0.27 -18.76 35.58
N ALA C 117 1.59 -18.85 35.46
CA ALA C 117 2.43 -18.88 36.66
C ALA C 117 2.73 -17.46 37.12
N ARG C 118 3.51 -17.35 38.20
CA ARG C 118 3.99 -16.06 38.68
C ARG C 118 5.45 -15.82 38.35
N CYS C 119 6.25 -16.88 38.30
CA CYS C 119 7.62 -16.93 37.77
C CYS C 119 8.63 -16.13 38.58
N ALA C 120 8.23 -15.43 39.63
CA ALA C 120 9.20 -14.85 40.57
C ALA C 120 9.50 -15.84 41.69
N ASP C 121 8.45 -16.25 42.40
CA ASP C 121 8.52 -17.37 43.33
C ASP C 121 8.28 -18.70 42.63
N GLY C 122 7.95 -18.68 41.35
CA GLY C 122 7.79 -19.90 40.59
C GLY C 122 6.49 -20.63 40.85
N LYS C 123 5.52 -20.00 41.48
CA LYS C 123 4.28 -20.69 41.80
C LYS C 123 3.31 -20.62 40.64
N ILE C 124 2.34 -21.53 40.66
CA ILE C 124 1.28 -21.55 39.67
C ILE C 124 0.08 -20.83 40.25
N LEU C 125 -0.83 -20.42 39.37
CA LEU C 125 -2.03 -19.73 39.81
C LEU C 125 -3.32 -20.25 39.21
N ALA C 126 -3.28 -20.95 38.08
CA ALA C 126 -4.51 -21.44 37.48
C ALA C 126 -4.20 -22.73 36.72
N ASP C 127 -5.25 -23.50 36.46
CA ASP C 127 -5.14 -24.67 35.61
C ASP C 127 -6.33 -24.88 34.70
N LYS C 128 -7.32 -23.98 34.73
CA LYS C 128 -8.47 -24.08 33.87
C LYS C 128 -8.61 -22.80 33.08
N VAL C 129 -9.42 -22.84 32.04
CA VAL C 129 -9.55 -21.66 31.18
C VAL C 129 -10.34 -20.57 31.88
N LYS C 130 -11.24 -20.95 32.80
CA LYS C 130 -11.99 -19.96 33.55
C LYS C 130 -11.10 -19.24 34.53
N ASP C 131 -10.35 -20.00 35.34
CA ASP C 131 -9.49 -19.42 36.37
C ASP C 131 -8.40 -18.56 35.74
N LYS C 132 -7.83 -19.02 34.63
CA LYS C 132 -6.80 -18.23 33.94
C LYS C 132 -7.39 -16.96 33.36
N LEU C 133 -8.60 -17.03 32.78
CA LEU C 133 -9.18 -15.84 32.18
C LEU C 133 -9.57 -14.80 33.23
N GLU C 134 -10.21 -15.22 34.33
CA GLU C 134 -10.56 -14.22 35.34
C GLU C 134 -9.35 -13.72 36.10
N LEU C 135 -8.33 -14.57 36.32
CA LEU C 135 -7.13 -14.08 36.98
C LEU C 135 -6.38 -13.08 36.11
N THR C 136 -6.31 -13.29 34.78
CA THR C 136 -5.63 -12.30 33.98
C THR C 136 -6.47 -11.04 33.79
N ALA C 137 -7.80 -11.16 33.85
CA ALA C 137 -8.65 -9.98 33.74
C ALA C 137 -8.56 -9.12 34.98
N THR C 138 -8.43 -9.73 36.16
CA THR C 138 -8.22 -8.93 37.36
C THR C 138 -6.75 -8.62 37.62
N LEU C 139 -5.83 -9.27 36.93
CA LEU C 139 -4.42 -9.01 37.13
C LEU C 139 -3.94 -7.86 36.27
N THR C 140 -4.18 -7.92 34.96
CA THR C 140 -3.76 -6.82 34.10
C THR C 140 -4.80 -5.73 34.03
N GLY C 141 -6.06 -6.04 34.30
CA GLY C 141 -7.14 -5.11 34.08
C GLY C 141 -7.72 -5.15 32.69
N LEU C 142 -6.98 -5.70 31.73
CA LEU C 142 -7.40 -5.72 30.34
C LEU C 142 -8.10 -7.03 30.03
N ASP C 143 -9.40 -6.94 29.73
CA ASP C 143 -10.11 -8.02 29.10
C ASP C 143 -9.67 -8.14 27.64
N TYR C 144 -10.13 -9.19 26.95
CA TYR C 144 -9.80 -9.36 25.54
C TYR C 144 -10.38 -8.26 24.69
N GLY C 145 -11.59 -7.80 25.03
CA GLY C 145 -12.17 -6.66 24.33
C GLY C 145 -11.34 -5.41 24.49
N ARG C 146 -10.92 -5.12 25.72
CA ARG C 146 -10.10 -3.94 25.95
C ARG C 146 -8.69 -4.12 25.41
N PHE C 147 -8.24 -5.37 25.30
CA PHE C 147 -6.95 -5.63 24.69
C PHE C 147 -6.95 -5.29 23.21
N THR C 148 -7.98 -5.70 22.48
CA THR C 148 -8.04 -5.26 21.10
C THR C 148 -8.46 -3.81 20.95
N ARG C 149 -9.02 -3.18 21.98
CA ARG C 149 -9.22 -1.74 21.95
C ARG C 149 -7.91 -0.97 22.07
N SER C 150 -7.01 -1.41 22.94
CA SER C 150 -5.94 -0.51 23.38
C SER C 150 -4.54 -0.97 23.02
N MET C 151 -4.20 -2.19 23.40
CA MET C 151 -2.81 -2.63 23.35
C MET C 151 -2.44 -3.35 22.07
N LEU C 152 -3.41 -3.71 21.24
CA LEU C 152 -3.12 -4.51 20.06
C LEU C 152 -4.18 -4.18 19.03
N LEU C 153 -3.82 -3.40 18.03
CA LEU C 153 -4.74 -3.04 16.97
C LEU C 153 -4.52 -4.02 15.82
N SER C 154 -5.47 -4.93 15.63
CA SER C 154 -5.31 -6.02 14.68
C SER C 154 -5.48 -5.52 13.25
N GLN C 155 -5.37 -6.45 12.31
CA GLN C 155 -5.36 -6.09 10.89
C GLN C 155 -6.76 -5.70 10.44
N GLY C 156 -6.89 -4.52 9.85
CA GLY C 156 -8.15 -4.06 9.35
C GLY C 156 -9.06 -3.42 10.37
N GLN C 157 -8.71 -3.47 11.65
CA GLN C 157 -9.53 -2.95 12.73
C GLN C 157 -8.71 -2.03 13.61
N PHE C 158 -8.01 -1.08 13.00
CA PHE C 158 -7.26 -0.09 13.76
C PHE C 158 -8.17 0.92 14.44
N ALA C 159 -9.40 1.07 13.98
CA ALA C 159 -10.33 2.06 14.50
C ALA C 159 -11.21 1.50 15.59
N ALA C 160 -10.69 0.56 16.39
CA ALA C 160 -11.48 -0.03 17.46
C ALA C 160 -11.66 0.92 18.62
N PHE C 161 -10.67 1.77 18.89
CA PHE C 161 -10.80 2.72 19.99
C PHE C 161 -11.38 4.05 19.57
N LEU C 162 -11.11 4.49 18.34
CA LEU C 162 -11.65 5.75 17.90
C LEU C 162 -13.15 5.66 17.66
N ASN C 163 -13.59 4.61 16.96
CA ASN C 163 -14.98 4.48 16.59
C ASN C 163 -15.75 3.56 17.53
N ALA C 164 -15.38 3.55 18.81
CA ALA C 164 -16.05 2.68 19.75
C ALA C 164 -17.39 3.28 20.17
N LYS C 165 -18.22 2.42 20.74
CA LYS C 165 -19.43 2.86 21.42
C LYS C 165 -19.04 3.48 22.76
N PRO C 166 -19.87 4.34 23.34
CA PRO C 166 -19.47 5.05 24.56
C PRO C 166 -19.23 4.17 25.77
N LYS C 167 -19.88 3.02 25.88
CA LYS C 167 -19.70 2.21 27.08
C LYS C 167 -18.37 1.46 27.07
N GLU C 168 -17.87 1.05 25.90
CA GLU C 168 -16.56 0.42 25.86
C GLU C 168 -15.45 1.41 26.16
N ARG C 169 -15.57 2.61 25.61
CA ARG C 169 -14.62 3.68 25.93
C ARG C 169 -14.68 4.04 27.40
N ALA C 170 -15.89 4.04 27.97
CA ALA C 170 -16.06 4.31 29.39
C ALA C 170 -15.42 3.23 30.25
N GLU C 171 -15.54 1.96 29.82
CA GLU C 171 -14.91 0.88 30.57
C GLU C 171 -13.40 0.95 30.49
N LEU C 172 -12.86 1.34 29.33
CA LEU C 172 -11.42 1.43 29.20
C LEU C 172 -10.86 2.59 30.01
N LEU C 173 -11.54 3.74 29.99
CA LEU C 173 -11.07 4.86 30.80
C LEU C 173 -11.32 4.62 32.28
N GLU C 174 -12.30 3.80 32.63
CA GLU C 174 -12.49 3.41 34.02
C GLU C 174 -11.41 2.44 34.45
N GLU C 175 -10.86 1.67 33.52
CA GLU C 175 -9.80 0.76 33.91
C GLU C 175 -8.45 1.46 34.00
N LEU C 176 -8.23 2.50 33.19
CA LEU C 176 -6.96 3.21 33.26
C LEU C 176 -6.80 3.95 34.58
N THR C 177 -7.85 4.61 35.06
CA THR C 177 -7.82 5.29 36.35
C THR C 177 -8.90 4.71 37.23
N GLY C 178 -8.49 4.13 38.36
CA GLY C 178 -9.45 3.60 39.31
C GLY C 178 -10.24 4.70 39.98
N THR C 179 -11.51 4.85 39.59
CA THR C 179 -12.33 5.97 40.02
C THR C 179 -13.46 5.53 40.95
N GLU C 180 -13.19 4.58 41.82
CA GLU C 180 -14.21 4.14 42.77
C GLU C 180 -14.41 5.15 43.89
N ILE C 181 -13.37 5.88 44.26
CA ILE C 181 -13.51 6.87 45.32
C ILE C 181 -14.27 8.09 44.82
N TYR C 182 -14.23 8.34 43.52
CA TYR C 182 -15.03 9.41 42.94
C TYR C 182 -16.50 9.08 42.95
N GLY C 183 -16.84 7.80 43.05
CA GLY C 183 -18.21 7.40 43.23
C GLY C 183 -18.53 7.30 44.71
N GLN C 184 -17.52 6.95 45.49
CA GLN C 184 -17.69 6.81 46.94
C GLN C 184 -17.92 8.16 47.58
N ILE C 185 -17.16 9.19 47.17
CA ILE C 185 -17.39 10.54 47.65
C ILE C 185 -18.76 11.03 47.20
N SER C 186 -19.12 10.77 45.96
CA SER C 186 -20.42 11.13 45.44
C SER C 186 -21.49 10.10 45.76
N ALA C 187 -21.30 9.27 46.78
CA ALA C 187 -22.40 8.46 47.27
C ALA C 187 -22.98 9.03 48.55
N MET C 188 -22.11 9.49 49.46
CA MET C 188 -22.53 9.97 50.76
C MET C 188 -23.20 11.33 50.71
N VAL C 189 -22.98 12.11 49.64
CA VAL C 189 -23.63 13.39 49.50
C VAL C 189 -25.12 13.23 49.22
N PHE C 190 -25.52 12.08 48.71
CA PHE C 190 -26.95 11.80 48.56
C PHE C 190 -27.64 11.70 49.92
N GLU C 191 -26.93 11.27 50.96
CA GLU C 191 -27.45 11.24 52.31
C GLU C 191 -27.07 12.47 53.12
N GLN C 192 -25.91 13.07 52.85
CA GLN C 192 -25.54 14.31 53.51
C GLN C 192 -26.37 15.48 53.05
N HIS C 193 -27.02 15.38 51.89
CA HIS C 193 -28.05 16.35 51.54
C HIS C 193 -29.38 15.98 52.15
N LYS C 194 -29.71 14.70 52.16
CA LYS C 194 -30.96 14.24 52.74
C LYS C 194 -30.88 14.27 54.27
N ASP C 879 -23.56 24.68 51.28
CA ASP C 879 -24.74 23.92 51.65
C ASP C 879 -24.86 22.66 50.82
N TRP C 880 -25.46 21.63 51.40
CA TRP C 880 -25.60 20.36 50.70
C TRP C 880 -26.70 20.37 49.65
N GLY C 881 -27.50 21.43 49.57
CA GLY C 881 -28.46 21.51 48.49
C GLY C 881 -27.80 21.81 47.16
N TYR C 882 -26.98 22.86 47.13
CA TYR C 882 -26.34 23.27 45.88
C TYR C 882 -25.19 22.34 45.49
N LEU C 883 -24.53 21.74 46.48
CA LEU C 883 -23.39 20.88 46.19
C LEU C 883 -23.82 19.57 45.58
N ASN C 884 -24.85 18.93 46.13
CA ASN C 884 -25.37 17.69 45.58
C ASN C 884 -26.03 17.88 44.22
N SER C 885 -26.43 19.10 43.89
CA SER C 885 -26.91 19.36 42.53
C SER C 885 -25.75 19.58 41.58
N LEU C 886 -24.75 20.37 42.00
CA LEU C 886 -23.59 20.62 41.16
C LEU C 886 -22.75 19.37 41.01
N ILE C 887 -22.21 18.86 42.11
CA ILE C 887 -21.63 17.53 42.12
C ILE C 887 -22.81 16.57 42.16
N GLY C 888 -23.21 16.08 41.00
CA GLY C 888 -24.26 15.09 40.91
C GLY C 888 -23.81 13.83 41.62
N SER C 889 -24.53 13.46 42.66
CA SER C 889 -23.98 12.49 43.60
C SER C 889 -25.05 11.49 44.02
N LYS C 890 -25.83 10.99 43.07
CA LYS C 890 -26.94 10.12 43.44
C LYS C 890 -26.45 8.74 43.83
N GLU C 891 -25.84 8.00 42.89
CA GLU C 891 -25.30 6.68 43.15
C GLU C 891 -23.80 6.64 42.86
N GLY C 892 -23.15 7.79 42.93
CA GLY C 892 -21.75 7.86 42.61
C GLY C 892 -21.44 7.85 41.13
N ASP C 893 -22.18 8.62 40.34
CA ASP C 893 -22.10 8.54 38.89
C ASP C 893 -21.55 9.81 38.27
N LYS C 894 -22.19 10.96 38.51
CA LYS C 894 -21.91 12.17 37.74
C LYS C 894 -20.52 12.73 38.06
N PHE C 895 -20.08 12.61 39.31
CA PHE C 895 -18.70 12.95 39.63
C PHE C 895 -17.72 12.00 38.95
N ARG C 896 -18.08 10.73 38.85
CA ARG C 896 -17.21 9.77 38.17
C ARG C 896 -17.20 10.02 36.67
N LYS C 897 -18.34 10.47 36.12
CA LYS C 897 -18.36 10.89 34.73
C LYS C 897 -17.50 12.12 34.51
N PHE C 898 -17.42 12.99 35.52
CA PHE C 898 -16.55 14.15 35.40
C PHE C 898 -15.09 13.75 35.43
N ALA C 899 -14.74 12.77 36.26
CA ALA C 899 -13.37 12.28 36.30
C ALA C 899 -12.98 11.60 34.99
N GLN C 900 -13.92 10.84 34.40
CA GLN C 900 -13.67 10.23 33.11
C GLN C 900 -13.50 11.29 32.02
N GLY C 901 -14.30 12.36 32.07
CA GLY C 901 -14.15 13.44 31.12
C GLY C 901 -12.83 14.16 31.26
N LEU C 902 -12.31 14.27 32.47
CA LEU C 902 -11.00 14.89 32.66
C LEU C 902 -9.89 14.01 32.12
N THR C 903 -9.98 12.69 32.34
CA THR C 903 -8.98 11.78 31.79
C THR C 903 -9.01 11.78 30.27
N LEU C 904 -10.21 11.86 29.70
CA LEU C 904 -10.34 11.95 28.25
C LEU C 904 -9.80 13.26 27.72
N ASP C 905 -9.93 14.35 28.48
CA ASP C 905 -9.40 15.62 28.02
C ASP C 905 -7.88 15.62 28.02
N ASN C 906 -7.28 15.00 29.03
CA ASN C 906 -5.82 14.84 29.03
C ASN C 906 -5.36 13.95 27.88
N LEU C 907 -6.09 12.88 27.61
CA LEU C 907 -5.74 11.97 26.53
C LEU C 907 -5.88 12.65 25.17
N VAL C 908 -6.89 13.48 25.00
CA VAL C 908 -7.09 14.18 23.74
C VAL C 908 -6.03 15.27 23.55
N HIS C 909 -5.55 15.86 24.65
CA HIS C 909 -4.43 16.80 24.54
C HIS C 909 -3.16 16.09 24.07
N LEU C 910 -2.85 14.93 24.65
CA LEU C 910 -1.71 14.15 24.19
C LEU C 910 -1.87 13.69 22.75
N ALA C 911 -3.11 13.37 22.36
CA ALA C 911 -3.36 12.92 21.01
C ALA C 911 -3.17 14.04 20.00
N ASN C 912 -3.53 15.26 20.35
CA ASN C 912 -3.29 16.35 19.42
C ASN C 912 -1.83 16.71 19.34
N GLN C 913 -1.09 16.53 20.44
CA GLN C 913 0.36 16.68 20.40
C GLN C 913 0.99 15.69 19.42
N GLN C 914 0.53 14.45 19.43
CA GLN C 914 1.04 13.49 18.46
C GLN C 914 0.54 13.78 17.06
N LEU C 915 -0.70 14.21 16.93
CA LEU C 915 -1.37 14.35 15.65
C LEU C 915 -0.92 15.56 14.87
N THR C 916 -0.29 16.53 15.53
CA THR C 916 0.15 17.72 14.80
C THR C 916 1.32 17.45 13.87
N ARG C 917 1.97 16.29 13.96
CA ARG C 917 3.03 15.90 13.04
C ARG C 917 2.56 14.94 11.97
N LEU C 918 1.70 13.98 12.33
CA LEU C 918 1.28 12.94 11.40
C LEU C 918 0.37 13.50 10.32
N HIS C 919 -0.79 14.02 10.71
CA HIS C 919 -1.74 14.62 9.79
C HIS C 919 -2.15 15.95 10.40
N GLY C 920 -1.64 17.04 9.85
CA GLY C 920 -1.88 18.32 10.47
C GLY C 920 -3.26 18.89 10.28
N ARG C 921 -4.14 18.23 9.54
CA ARG C 921 -5.44 18.81 9.24
C ARG C 921 -6.41 18.68 10.40
N TYR C 922 -6.49 17.52 11.02
CA TYR C 922 -7.52 17.27 12.02
C TYR C 922 -7.00 17.49 13.42
N LEU C 923 -7.93 17.66 14.35
CA LEU C 923 -7.61 17.72 15.76
C LEU C 923 -8.68 17.00 16.56
N LEU C 924 -8.27 16.19 17.51
CA LEU C 924 -9.24 15.52 18.35
C LEU C 924 -9.79 16.50 19.39
N GLN C 925 -11.03 16.28 19.81
CA GLN C 925 -11.67 17.19 20.74
C GLN C 925 -12.76 16.43 21.47
N ARG C 926 -12.72 16.44 22.80
CA ARG C 926 -13.74 15.77 23.59
C ARG C 926 -15.02 16.58 23.51
N LYS C 927 -16.04 16.04 22.86
CA LYS C 927 -17.20 16.86 22.57
C LYS C 927 -18.10 16.98 23.78
N ALA C 928 -18.99 17.97 23.74
CA ALA C 928 -19.87 18.30 24.85
C ALA C 928 -21.11 17.42 24.77
N SER C 929 -21.07 16.32 25.51
CA SER C 929 -22.23 15.44 25.64
C SER C 929 -22.17 14.76 27.00
N GLU C 930 -23.31 14.22 27.41
CA GLU C 930 -23.38 13.54 28.70
C GLU C 930 -22.65 12.20 28.64
N ALA C 931 -22.54 11.61 27.46
CA ALA C 931 -21.74 10.42 27.23
C ALA C 931 -20.41 10.86 26.64
N LEU C 932 -19.33 10.36 27.21
CA LEU C 932 -18.00 10.78 26.79
C LEU C 932 -17.67 10.26 25.40
N GLU C 933 -17.32 11.18 24.52
CA GLU C 933 -17.20 10.91 23.10
C GLU C 933 -16.36 12.00 22.48
N VAL C 934 -15.48 11.61 21.56
CA VAL C 934 -14.56 12.52 20.90
C VAL C 934 -15.04 12.77 19.49
N GLU C 935 -14.60 13.87 18.90
CA GLU C 935 -14.84 14.13 17.50
C GLU C 935 -13.72 14.98 16.95
N VAL C 936 -13.68 15.11 15.63
CA VAL C 936 -12.55 15.72 14.98
C VAL C 936 -12.90 17.12 14.51
N VAL C 937 -11.90 17.98 14.52
CA VAL C 937 -12.01 19.37 14.14
C VAL C 937 -11.16 19.55 12.89
N ASP C 938 -11.78 20.00 11.82
CA ASP C 938 -11.13 20.14 10.53
C ASP C 938 -10.58 21.55 10.41
N THR C 939 -9.29 21.71 10.67
CA THR C 939 -8.68 23.02 10.61
C THR C 939 -8.57 23.56 9.19
N TRP C 940 -8.66 22.71 8.18
CA TRP C 940 -8.54 23.20 6.80
C TRP C 940 -9.79 23.92 6.34
N GLN C 941 -10.95 23.56 6.89
CA GLN C 941 -12.14 24.38 6.74
C GLN C 941 -12.12 25.41 7.87
N ALA C 942 -13.26 26.05 8.16
CA ALA C 942 -13.27 27.19 9.08
C ALA C 942 -12.83 26.79 10.47
N ASP C 943 -13.67 26.08 11.20
CA ASP C 943 -13.19 25.19 12.24
C ASP C 943 -14.14 24.03 12.41
N ALA C 944 -14.80 23.62 11.33
CA ALA C 944 -16.04 22.88 11.39
C ALA C 944 -15.82 21.49 11.99
N VAL C 945 -16.61 21.18 13.00
CA VAL C 945 -16.47 19.97 13.78
C VAL C 945 -17.43 18.93 13.22
N ARG C 946 -17.01 17.67 13.26
CA ARG C 946 -17.76 16.56 12.69
C ARG C 946 -17.23 15.29 13.34
N ASP C 947 -18.03 14.23 13.29
CA ASP C 947 -17.68 13.08 14.10
C ASP C 947 -16.69 12.19 13.37
N THR C 948 -16.13 11.24 14.12
CA THR C 948 -15.01 10.45 13.64
C THR C 948 -15.41 9.42 12.58
N ARG C 949 -16.69 9.13 12.44
CA ARG C 949 -17.12 8.19 11.42
C ARG C 949 -17.35 8.84 10.08
N THR C 950 -16.79 10.01 9.86
CA THR C 950 -16.78 10.64 8.54
C THR C 950 -15.38 10.78 7.98
N LEU C 951 -14.36 10.29 8.68
CA LEU C 951 -13.02 10.37 8.16
C LEU C 951 -12.82 9.36 7.05
N SER C 952 -11.70 9.50 6.36
CA SER C 952 -11.32 8.56 5.34
C SER C 952 -10.71 7.30 5.97
N GLY C 953 -10.31 6.37 5.12
CA GLY C 953 -9.62 5.19 5.61
C GLY C 953 -8.22 5.52 6.09
N GLY C 954 -7.45 6.26 5.28
CA GLY C 954 -6.11 6.63 5.68
C GLY C 954 -6.10 7.65 6.80
N GLU C 955 -7.02 8.60 6.76
CA GLU C 955 -7.13 9.58 7.83
C GLU C 955 -7.56 8.94 9.12
N SER C 956 -8.47 7.97 9.04
CA SER C 956 -8.90 7.28 10.24
C SER C 956 -7.78 6.43 10.82
N PHE C 957 -6.92 5.88 9.95
CA PHE C 957 -5.76 5.17 10.46
C PHE C 957 -4.80 6.12 11.17
N LEU C 958 -4.59 7.31 10.62
CA LEU C 958 -3.68 8.25 11.25
C LEU C 958 -4.21 8.74 12.59
N VAL C 959 -5.50 9.02 12.67
CA VAL C 959 -6.11 9.48 13.92
C VAL C 959 -6.10 8.37 14.96
N SER C 960 -6.33 7.12 14.54
CA SER C 960 -6.31 6.02 15.50
C SER C 960 -4.91 5.68 15.95
N LEU C 961 -3.91 5.84 15.08
CA LEU C 961 -2.52 5.66 15.50
C LEU C 961 -2.10 6.73 16.48
N ALA C 962 -2.51 7.97 16.23
CA ALA C 962 -2.23 9.06 17.16
C ALA C 962 -2.87 8.82 18.51
N LEU C 963 -4.11 8.33 18.52
CA LEU C 963 -4.80 8.07 19.77
C LEU C 963 -4.16 6.92 20.54
N ALA C 964 -3.70 5.88 19.83
CA ALA C 964 -3.05 4.77 20.50
C ALA C 964 -1.69 5.18 21.07
N LEU C 965 -0.95 6.00 20.34
CA LEU C 965 0.33 6.49 20.85
C LEU C 965 0.14 7.44 22.01
N ALA C 966 -0.97 8.17 22.04
CA ALA C 966 -1.26 8.98 23.21
C ALA C 966 -1.59 8.11 24.41
N LEU C 967 -2.37 7.07 24.20
CA LEU C 967 -2.72 6.14 25.27
C LEU C 967 -1.52 5.38 25.79
N SER C 968 -0.47 5.23 24.98
CA SER C 968 0.76 4.65 25.51
C SER C 968 1.48 5.63 26.43
N ASP C 969 1.57 6.89 26.03
CA ASP C 969 2.33 7.87 26.80
C ASP C 969 1.60 8.37 28.04
N LEU C 970 0.33 8.04 28.19
CA LEU C 970 -0.42 8.44 29.37
C LEU C 970 0.04 7.63 30.57
N VAL C 971 0.05 8.29 31.73
CA VAL C 971 0.48 7.66 32.96
C VAL C 971 -0.71 7.61 33.92
N SER C 972 -0.73 6.59 34.77
CA SER C 972 -1.83 6.40 35.72
C SER C 972 -1.33 5.54 36.87
N HIS C 973 -2.23 5.30 37.82
CA HIS C 973 -1.93 4.45 38.97
C HIS C 973 -2.42 3.03 38.80
N LYS C 974 -3.53 2.83 38.09
CA LYS C 974 -4.15 1.52 38.02
C LYS C 974 -3.39 0.60 37.06
N THR C 975 -3.38 0.93 35.78
CA THR C 975 -2.74 0.09 34.79
C THR C 975 -1.96 0.98 33.83
N ARG C 976 -0.93 0.38 33.24
CA ARG C 976 -0.06 1.09 32.32
C ARG C 976 0.08 0.28 31.05
N ILE C 977 0.01 0.96 29.93
CA ILE C 977 0.15 0.34 28.63
C ILE C 977 1.54 0.72 28.11
N ASP C 978 2.49 -0.18 28.28
CA ASP C 978 3.84 0.06 27.78
C ASP C 978 4.03 -0.52 26.39
N SER C 979 3.85 -1.83 26.25
CA SER C 979 4.01 -2.46 24.96
C SER C 979 2.83 -2.12 24.07
N LEU C 980 3.07 -2.05 22.77
CA LEU C 980 2.01 -1.71 21.83
C LEU C 980 2.38 -2.27 20.47
N PHE C 981 1.51 -3.09 19.90
CA PHE C 981 1.73 -3.67 18.59
C PHE C 981 0.57 -3.33 17.70
N LEU C 982 0.85 -2.99 16.45
CA LEU C 982 -0.22 -2.66 15.54
C LEU C 982 0.06 -3.28 14.18
N ASP C 983 -0.99 -3.79 13.56
CA ASP C 983 -0.86 -4.42 12.25
C ASP C 983 -0.95 -3.35 11.17
N GLU C 984 -1.06 -3.79 9.93
CA GLU C 984 -0.85 -2.89 8.81
C GLU C 984 -2.07 -2.03 8.58
N GLY C 985 -1.86 -0.72 8.56
CA GLY C 985 -2.82 0.21 8.01
C GLY C 985 -2.12 1.05 6.97
N PHE C 986 -0.79 0.85 6.87
CA PHE C 986 0.06 1.74 6.09
C PHE C 986 -0.16 1.61 4.61
N GLY C 987 -0.83 0.56 4.15
CA GLY C 987 -1.17 0.48 2.75
C GLY C 987 -2.21 1.49 2.33
N THR C 988 -3.06 1.94 3.26
CA THR C 988 -4.10 2.89 2.90
C THR C 988 -3.58 4.29 2.69
N LEU C 989 -2.45 4.63 3.30
CA LEU C 989 -1.81 5.90 3.04
C LEU C 989 -1.06 5.84 1.72
N ASP C 990 -1.13 6.93 0.95
CA ASP C 990 -0.37 7.01 -0.28
C ASP C 990 1.07 7.41 0.05
N SER C 991 1.81 7.82 -0.98
CA SER C 991 3.27 7.95 -0.88
C SER C 991 3.69 9.08 0.04
N GLU C 992 3.20 10.29 -0.22
CA GLU C 992 3.66 11.45 0.54
C GLU C 992 3.12 11.44 1.96
N THR C 993 1.89 10.96 2.16
CA THR C 993 1.35 10.84 3.50
C THR C 993 2.07 9.76 4.29
N LEU C 994 2.48 8.69 3.60
CA LEU C 994 3.26 7.65 4.26
C LEU C 994 4.63 8.17 4.64
N ASP C 995 5.21 9.03 3.80
CA ASP C 995 6.50 9.63 4.13
C ASP C 995 6.38 10.53 5.35
N THR C 996 5.35 11.35 5.40
CA THR C 996 5.16 12.25 6.54
C THR C 996 4.90 11.48 7.82
N ALA C 997 4.02 10.47 7.76
CA ALA C 997 3.68 9.71 8.95
C ALA C 997 4.82 8.81 9.41
N LEU C 998 5.66 8.35 8.50
CA LEU C 998 6.76 7.51 8.89
C LEU C 998 7.95 8.33 9.35
N ASP C 999 8.08 9.56 8.86
CA ASP C 999 9.07 10.46 9.42
C ASP C 999 8.68 10.90 10.81
N ALA C 1000 7.39 11.09 11.05
CA ALA C 1000 6.94 11.44 12.39
C ALA C 1000 6.91 10.25 13.33
N LEU C 1001 7.19 9.05 12.86
CA LEU C 1001 7.18 7.88 13.73
C LEU C 1001 8.50 7.68 14.46
N ASP C 1002 9.54 8.41 14.09
CA ASP C 1002 10.84 8.21 14.72
C ASP C 1002 10.97 8.91 16.06
N ALA C 1003 9.96 9.66 16.49
CA ALA C 1003 10.03 10.37 17.76
C ALA C 1003 10.00 9.43 18.96
N LEU C 1004 9.49 8.22 18.78
CA LEU C 1004 9.44 7.24 19.85
C LEU C 1004 10.73 6.45 19.98
N ASN C 1005 11.67 6.64 19.07
CA ASN C 1005 12.94 5.91 19.11
C ASN C 1005 13.81 6.37 20.27
N ALA C 1006 13.55 7.57 20.81
CA ALA C 1006 14.22 8.08 22.00
C ALA C 1006 13.40 7.85 23.27
N SER C 1007 12.67 6.75 23.34
CA SER C 1007 11.85 6.43 24.49
C SER C 1007 12.24 5.05 25.02
N GLY C 1008 11.48 4.56 25.99
CA GLY C 1008 11.72 3.25 26.56
C GLY C 1008 10.58 2.30 26.33
N LYS C 1009 9.57 2.75 25.58
CA LYS C 1009 8.42 1.92 25.27
C LYS C 1009 8.70 1.06 24.06
N THR C 1010 8.11 -0.13 24.04
CA THR C 1010 8.30 -1.06 22.93
C THR C 1010 7.09 -1.02 22.01
N ILE C 1011 7.09 -0.03 21.12
CA ILE C 1011 6.12 0.02 20.04
C ILE C 1011 6.60 -0.90 18.93
N GLY C 1012 5.78 -1.86 18.56
CA GLY C 1012 6.15 -2.78 17.50
C GLY C 1012 5.25 -2.69 16.30
N VAL C 1013 5.74 -2.13 15.22
CA VAL C 1013 4.90 -1.89 14.06
C VAL C 1013 5.04 -3.09 13.13
N ILE C 1014 4.02 -3.32 12.30
CA ILE C 1014 4.03 -4.43 11.37
C ILE C 1014 3.53 -3.92 10.02
N SER C 1015 4.37 -4.00 9.01
CA SER C 1015 3.91 -3.81 7.65
C SER C 1015 4.88 -4.48 6.70
N HIS C 1016 4.50 -4.47 5.43
CA HIS C 1016 5.29 -5.05 4.37
C HIS C 1016 5.78 -4.02 3.38
N VAL C 1017 5.43 -2.74 3.56
CA VAL C 1017 5.67 -1.75 2.53
C VAL C 1017 7.16 -1.50 2.38
N GLU C 1018 7.56 -1.23 1.14
CA GLU C 1018 8.98 -1.09 0.82
C GLU C 1018 9.59 0.17 1.38
N ALA C 1019 8.78 1.14 1.78
CA ALA C 1019 9.34 2.30 2.46
C ALA C 1019 9.79 1.96 3.86
N MET C 1020 9.11 1.02 4.52
CA MET C 1020 9.36 0.78 5.93
C MET C 1020 10.65 0.03 6.20
N LYS C 1021 11.17 -0.71 5.23
CA LYS C 1021 12.30 -1.58 5.51
C LYS C 1021 13.61 -0.81 5.69
N GLU C 1022 13.70 0.41 5.16
CA GLU C 1022 14.89 1.22 5.34
C GLU C 1022 14.72 2.32 6.38
N ARG C 1023 13.49 2.79 6.59
CA ARG C 1023 13.27 3.86 7.56
C ARG C 1023 13.42 3.39 9.00
N ILE C 1024 13.36 2.09 9.24
CA ILE C 1024 13.40 1.55 10.60
C ILE C 1024 14.61 0.64 10.74
N PRO C 1025 15.49 0.90 11.69
CA PRO C 1025 16.72 0.11 11.78
C PRO C 1025 16.56 -1.29 12.35
N VAL C 1026 15.79 -1.45 13.42
CA VAL C 1026 15.68 -2.74 14.11
C VAL C 1026 14.49 -3.49 13.56
N GLN C 1027 14.73 -4.65 12.98
CA GLN C 1027 13.69 -5.37 12.27
C GLN C 1027 13.67 -6.83 12.66
N ILE C 1028 12.49 -7.42 12.56
CA ILE C 1028 12.31 -8.86 12.57
C ILE C 1028 11.91 -9.25 11.15
N LYS C 1029 12.70 -10.09 10.52
CA LYS C 1029 12.45 -10.47 9.15
C LYS C 1029 11.90 -11.88 9.11
N VAL C 1030 10.79 -12.05 8.39
CA VAL C 1030 10.13 -13.34 8.27
C VAL C 1030 10.32 -13.81 6.83
N LYS C 1031 10.95 -14.96 6.67
CA LYS C 1031 11.28 -15.47 5.36
C LYS C 1031 10.52 -16.76 5.10
N LYS C 1032 9.97 -16.88 3.90
CA LYS C 1032 9.39 -18.14 3.46
C LYS C 1032 10.52 -19.05 2.98
N ILE C 1033 10.43 -20.33 3.30
CA ILE C 1033 11.48 -21.27 2.95
C ILE C 1033 11.08 -22.00 1.67
N ASN C 1034 11.57 -21.47 0.55
CA ASN C 1034 11.63 -22.12 -0.75
C ASN C 1034 10.28 -22.43 -1.36
N GLY C 1035 9.19 -21.87 -0.85
CA GLY C 1035 7.92 -22.23 -1.43
C GLY C 1035 7.42 -23.59 -1.07
N LEU C 1036 7.99 -24.22 -0.04
CA LEU C 1036 7.41 -25.44 0.51
C LEU C 1036 6.06 -25.16 1.15
N GLY C 1037 5.86 -23.96 1.65
CA GLY C 1037 4.66 -23.60 2.38
C GLY C 1037 4.94 -23.17 3.80
N TYR C 1038 6.06 -23.57 4.38
CA TYR C 1038 6.41 -23.15 5.72
C TYR C 1038 7.22 -21.86 5.66
N SER C 1039 7.62 -21.38 6.83
CA SER C 1039 8.39 -20.15 6.91
C SER C 1039 9.30 -20.21 8.12
N LYS C 1040 10.21 -19.24 8.22
CA LYS C 1040 11.15 -19.23 9.33
C LYS C 1040 11.59 -17.81 9.61
N LEU C 1041 12.01 -17.58 10.84
CA LEU C 1041 12.47 -16.28 11.28
C LEU C 1041 13.96 -16.16 11.03
N GLU C 1042 14.57 -15.12 11.59
CA GLU C 1042 16.01 -14.99 11.58
C GLU C 1042 16.61 -16.00 12.55
N SER C 1043 17.89 -16.32 12.35
CA SER C 1043 18.52 -17.46 12.99
C SER C 1043 18.76 -17.29 14.49
N THR C 1044 18.67 -16.07 15.02
CA THR C 1044 18.86 -15.89 16.46
C THR C 1044 17.68 -16.44 17.24
N PHE C 1045 16.48 -16.31 16.68
CA PHE C 1045 15.25 -16.62 17.39
C PHE C 1045 14.93 -18.11 17.41
N ALA C 1046 15.76 -18.96 16.81
CA ALA C 1046 15.54 -20.39 16.89
C ALA C 1046 15.81 -20.89 18.29
N VAL C 1047 15.00 -21.83 18.77
CA VAL C 1047 15.17 -22.27 20.15
C VAL C 1047 16.31 -23.28 20.26
N LYS C 1048 16.69 -23.94 19.15
CA LYS C 1048 17.75 -24.95 19.08
C LYS C 1048 17.62 -26.07 20.11
N MET D 1 -29.35 -5.96 -13.23
CA MET D 1 -28.84 -4.97 -12.30
C MET D 1 -27.53 -4.39 -12.81
N LYS D 2 -27.62 -3.28 -13.52
CA LYS D 2 -26.46 -2.64 -14.11
C LYS D 2 -26.55 -1.15 -13.86
N ILE D 3 -25.47 -0.57 -13.35
CA ILE D 3 -25.42 0.86 -13.11
C ILE D 3 -25.18 1.56 -14.44
N LEU D 4 -26.06 2.49 -14.79
CA LEU D 4 -25.92 3.24 -16.02
C LEU D 4 -25.23 4.58 -15.81
N SER D 5 -25.66 5.35 -14.83
CA SER D 5 -25.08 6.65 -14.57
C SER D 5 -25.13 6.91 -13.07
N LEU D 6 -24.67 8.08 -12.67
CA LEU D 6 -24.64 8.46 -11.26
C LEU D 6 -24.50 9.96 -11.19
N ARG D 7 -25.43 10.62 -10.50
CA ARG D 7 -25.41 12.07 -10.37
C ARG D 7 -25.52 12.42 -8.90
N LEU D 8 -24.60 13.24 -8.42
CA LEU D 8 -24.59 13.62 -7.02
C LEU D 8 -24.33 15.12 -6.89
N LYS D 9 -24.57 15.62 -5.69
CA LYS D 9 -24.57 17.06 -5.43
C LYS D 9 -24.14 17.29 -4.01
N ASN D 10 -22.96 17.88 -3.83
CA ASN D 10 -22.47 18.37 -2.53
C ASN D 10 -22.40 17.27 -1.48
N LEU D 11 -21.87 16.13 -1.86
CA LEU D 11 -22.19 14.93 -1.09
C LEU D 11 -21.32 14.81 0.16
N ASN D 12 -20.01 14.60 0.01
CA ASN D 12 -19.14 14.59 1.18
C ASN D 12 -18.11 15.69 1.13
N SER D 13 -17.27 15.72 0.10
CA SER D 13 -16.31 16.79 -0.06
C SER D 13 -16.23 17.21 -1.50
N LEU D 14 -17.28 16.98 -2.25
CA LEU D 14 -17.25 17.26 -3.67
C LEU D 14 -17.81 18.62 -4.03
N LYS D 15 -18.96 19.00 -3.45
CA LYS D 15 -19.49 20.37 -3.48
C LYS D 15 -19.72 20.87 -4.91
N GLY D 16 -20.66 20.21 -5.58
CA GLY D 16 -20.95 20.59 -6.94
C GLY D 16 -22.19 19.93 -7.51
N GLU D 17 -22.16 19.64 -8.80
CA GLU D 17 -23.26 19.01 -9.52
C GLU D 17 -22.72 17.89 -10.39
N TRP D 18 -22.00 16.98 -9.78
CA TRP D 18 -21.23 16.04 -10.57
C TRP D 18 -22.10 14.93 -11.12
N LYS D 19 -21.75 14.46 -12.31
CA LYS D 19 -22.50 13.38 -12.94
C LYS D 19 -21.57 12.59 -13.84
N ILE D 20 -21.45 11.30 -13.60
CA ILE D 20 -20.73 10.42 -14.50
C ILE D 20 -21.75 9.49 -15.14
N ASP D 21 -21.46 9.10 -16.38
CA ASP D 21 -22.36 8.26 -17.15
C ASP D 21 -21.55 7.13 -17.77
N PHE D 22 -21.88 5.91 -17.40
CA PHE D 22 -21.14 4.74 -17.85
C PHE D 22 -21.61 4.24 -19.21
N THR D 23 -22.48 4.98 -19.89
CA THR D 23 -22.85 4.70 -21.26
C THR D 23 -22.30 5.73 -22.24
N ARG D 24 -21.41 6.60 -21.78
CA ARG D 24 -20.76 7.55 -22.66
C ARG D 24 -19.54 6.89 -23.31
N GLU D 25 -18.70 7.72 -23.93
CA GLU D 25 -17.60 7.19 -24.73
C GLU D 25 -16.49 6.49 -23.95
N PRO D 26 -15.91 7.02 -22.86
CA PRO D 26 -14.69 6.36 -22.37
C PRO D 26 -14.96 5.13 -21.51
N PHE D 27 -16.22 4.81 -21.22
CA PHE D 27 -16.54 3.68 -20.34
C PHE D 27 -17.12 2.49 -21.07
N ALA D 28 -17.88 2.72 -22.14
CA ALA D 28 -18.49 1.62 -22.86
C ALA D 28 -17.45 0.80 -23.61
N SER D 29 -16.31 1.41 -23.94
CA SER D 29 -15.28 0.69 -24.69
C SER D 29 -14.55 -0.30 -23.80
N ASN D 30 -13.86 0.18 -22.77
CA ASN D 30 -12.99 -0.70 -22.01
C ASN D 30 -13.76 -1.52 -20.99
N GLY D 31 -14.65 -0.89 -20.24
CA GLY D 31 -15.35 -1.58 -19.18
C GLY D 31 -14.63 -1.47 -17.86
N LEU D 32 -13.41 -1.98 -17.79
CA LEU D 32 -12.63 -1.85 -16.56
C LEU D 32 -12.04 -0.45 -16.48
N PHE D 33 -12.40 0.28 -15.42
CA PHE D 33 -11.86 1.61 -15.19
C PHE D 33 -11.34 1.69 -13.76
N ALA D 34 -10.84 2.86 -13.39
CA ALA D 34 -10.28 3.07 -12.08
C ALA D 34 -10.66 4.46 -11.58
N ILE D 35 -10.64 4.63 -10.27
CA ILE D 35 -10.87 5.92 -9.65
C ILE D 35 -9.63 6.24 -8.84
N THR D 36 -8.87 7.24 -9.26
CA THR D 36 -7.55 7.48 -8.73
C THR D 36 -7.48 8.89 -8.15
N GLY D 37 -6.86 9.01 -7.00
CA GLY D 37 -6.67 10.29 -6.36
C GLY D 37 -5.77 10.13 -5.16
N PRO D 38 -5.41 11.23 -4.52
CA PRO D 38 -4.60 11.15 -3.30
C PRO D 38 -5.44 10.73 -2.11
N THR D 39 -4.80 10.75 -0.93
CA THR D 39 -5.48 10.39 0.30
C THR D 39 -6.47 11.46 0.71
N GLY D 40 -7.72 11.07 0.90
CA GLY D 40 -8.71 12.03 1.32
C GLY D 40 -9.29 12.84 0.20
N ALA D 41 -9.19 12.38 -1.04
CA ALA D 41 -9.60 13.21 -2.15
C ALA D 41 -11.08 13.15 -2.41
N GLY D 42 -11.73 12.04 -2.08
CA GLY D 42 -13.14 11.90 -2.39
C GLY D 42 -13.48 10.66 -3.18
N LYS D 43 -12.67 9.61 -3.07
CA LYS D 43 -12.86 8.46 -3.94
C LYS D 43 -14.03 7.59 -3.50
N THR D 44 -14.13 7.30 -2.20
CA THR D 44 -15.21 6.49 -1.66
C THR D 44 -16.55 7.23 -1.67
N THR D 45 -16.53 8.54 -1.87
CA THR D 45 -17.76 9.33 -1.87
C THR D 45 -18.64 9.00 -3.07
N LEU D 46 -18.01 8.90 -4.25
CA LEU D 46 -18.72 8.45 -5.45
C LEU D 46 -19.19 7.02 -5.31
N LEU D 47 -18.55 6.23 -4.48
CA LEU D 47 -18.91 4.84 -4.31
C LEU D 47 -20.03 4.64 -3.32
N ASP D 48 -20.17 5.51 -2.34
CA ASP D 48 -21.32 5.43 -1.46
C ASP D 48 -22.47 6.32 -1.91
N ALA D 49 -22.28 7.10 -2.98
CA ALA D 49 -23.41 7.80 -3.58
C ALA D 49 -24.44 6.82 -4.11
N ILE D 50 -24.00 5.70 -4.69
CA ILE D 50 -24.97 4.77 -5.26
C ILE D 50 -25.70 4.02 -4.15
N CYS D 51 -25.00 3.68 -3.06
CA CYS D 51 -25.71 2.99 -1.99
C CYS D 51 -26.58 3.95 -1.19
N LEU D 52 -26.24 5.23 -1.18
CA LEU D 52 -27.16 6.21 -0.59
C LEU D 52 -28.41 6.36 -1.45
N ALA D 53 -28.23 6.49 -2.75
CA ALA D 53 -29.38 6.70 -3.62
C ALA D 53 -30.24 5.46 -3.76
N LEU D 54 -29.70 4.28 -3.49
CA LEU D 54 -30.51 3.06 -3.57
C LEU D 54 -31.08 2.63 -2.23
N TYR D 55 -30.26 2.58 -1.19
CA TYR D 55 -30.66 1.96 0.07
C TYR D 55 -30.68 2.92 1.25
N HIS D 56 -30.48 4.21 1.02
CA HIS D 56 -30.55 5.27 2.03
C HIS D 56 -29.56 5.03 3.16
N GLU D 57 -28.36 4.60 2.80
CA GLU D 57 -27.40 4.14 3.78
C GLU D 57 -26.00 4.36 3.23
N THR D 58 -25.02 3.97 4.04
CA THR D 58 -23.60 4.08 3.71
C THR D 58 -22.90 3.05 4.58
N PRO D 59 -21.82 2.42 4.09
CA PRO D 59 -21.06 1.50 4.96
C PRO D 59 -20.52 2.13 6.24
N ARG D 60 -20.27 3.43 6.26
CA ARG D 60 -19.87 4.09 7.48
C ARG D 60 -21.07 4.63 8.26
N LEU D 61 -21.94 5.36 7.59
CA LEU D 61 -23.05 6.05 8.22
C LEU D 61 -24.30 5.19 8.14
N SER D 62 -24.79 4.76 9.30
CA SER D 62 -25.91 3.83 9.32
C SER D 62 -27.23 4.53 9.09
N ASN D 63 -27.51 5.61 9.82
CA ASN D 63 -28.73 6.36 9.62
C ASN D 63 -28.40 7.67 8.92
N VAL D 64 -29.15 7.99 7.88
CA VAL D 64 -29.08 9.29 7.23
C VAL D 64 -30.54 9.73 7.08
N SER D 65 -30.97 10.67 7.91
CA SER D 65 -32.39 10.91 8.12
C SER D 65 -32.59 12.39 8.41
N GLN D 66 -33.73 12.72 9.02
CA GLN D 66 -33.88 14.05 9.59
C GLN D 66 -32.99 14.24 10.80
N SER D 67 -32.68 13.18 11.52
CA SER D 67 -31.68 13.25 12.56
C SER D 67 -30.33 12.82 11.97
N GLN D 68 -29.32 13.67 12.18
CA GLN D 68 -27.90 13.34 11.97
C GLN D 68 -27.59 12.96 10.53
N ASN D 69 -27.73 13.94 9.65
CA ASN D 69 -27.23 13.82 8.28
C ASN D 69 -25.75 14.15 8.30
N ASP D 70 -24.94 13.15 8.60
CA ASP D 70 -23.53 13.36 8.88
C ASP D 70 -22.67 13.51 7.64
N LEU D 71 -23.20 13.31 6.44
CA LEU D 71 -22.33 13.34 5.27
C LEU D 71 -22.34 14.66 4.53
N MET D 72 -23.47 15.37 4.49
CA MET D 72 -23.65 16.55 3.65
C MET D 72 -22.63 17.64 3.96
N THR D 73 -22.13 18.27 2.91
CA THR D 73 -20.92 19.09 2.96
C THR D 73 -21.11 20.31 3.83
N ARG D 74 -20.08 20.65 4.61
CA ARG D 74 -20.10 21.85 5.43
C ARG D 74 -20.21 23.09 4.57
N ASP D 75 -20.95 24.08 5.09
CA ASP D 75 -21.35 25.30 4.37
C ASP D 75 -22.07 24.91 3.07
N THR D 76 -23.10 24.10 3.22
CA THR D 76 -23.95 23.76 2.08
C THR D 76 -25.36 23.51 2.59
N ALA D 77 -26.35 23.92 1.82
CA ALA D 77 -27.73 23.88 2.24
C ALA D 77 -28.49 22.65 1.77
N GLU D 78 -27.90 21.82 0.90
CA GLU D 78 -28.64 20.70 0.33
C GLU D 78 -27.67 19.65 -0.16
N CYS D 79 -28.21 18.46 -0.41
CA CYS D 79 -27.46 17.38 -1.02
C CYS D 79 -28.44 16.43 -1.70
N LEU D 80 -28.01 15.85 -2.81
CA LEU D 80 -28.84 14.85 -3.46
C LEU D 80 -27.96 13.82 -4.14
N ALA D 81 -28.39 12.57 -4.10
CA ALA D 81 -27.79 11.49 -4.85
C ALA D 81 -28.85 10.88 -5.74
N GLU D 82 -28.45 10.43 -6.91
CA GLU D 82 -29.41 9.91 -7.88
C GLU D 82 -28.70 8.95 -8.82
N VAL D 83 -29.16 7.71 -8.86
CA VAL D 83 -28.53 6.68 -9.67
C VAL D 83 -29.54 6.19 -10.70
N GLU D 84 -29.04 5.89 -11.90
CA GLU D 84 -29.84 5.21 -12.91
C GLU D 84 -29.36 3.77 -13.01
N PHE D 85 -30.30 2.84 -12.97
CA PHE D 85 -29.92 1.44 -13.02
C PHE D 85 -30.91 0.68 -13.87
N GLU D 86 -30.41 -0.24 -14.67
CA GLU D 86 -31.27 -1.07 -15.50
C GLU D 86 -31.33 -2.48 -14.93
N VAL D 87 -32.43 -3.15 -15.25
CA VAL D 87 -32.66 -4.52 -14.83
C VAL D 87 -33.59 -5.16 -15.84
N LYS D 88 -33.19 -6.33 -16.34
CA LYS D 88 -33.97 -7.19 -17.24
C LYS D 88 -34.44 -6.46 -18.50
N GLY D 89 -33.65 -5.51 -18.97
CA GLY D 89 -33.94 -4.81 -20.18
C GLY D 89 -34.51 -3.41 -20.01
N GLU D 90 -35.00 -3.06 -18.81
CA GLU D 90 -35.61 -1.76 -18.67
C GLU D 90 -34.94 -0.96 -17.55
N ALA D 91 -35.07 0.36 -17.64
CA ALA D 91 -34.33 1.27 -16.79
C ALA D 91 -35.19 1.80 -15.66
N TYR D 92 -34.52 2.24 -14.60
CA TYR D 92 -35.14 2.87 -13.45
C TYR D 92 -34.20 3.94 -12.95
N ARG D 93 -34.71 4.83 -12.12
CA ARG D 93 -33.94 5.99 -11.67
C ARG D 93 -34.29 6.29 -10.23
N ALA D 94 -33.45 5.83 -9.31
CA ALA D 94 -33.63 6.14 -7.90
C ALA D 94 -33.10 7.54 -7.59
N PHE D 95 -33.62 8.13 -6.52
CA PHE D 95 -33.37 9.53 -6.23
C PHE D 95 -33.45 9.72 -4.72
N TRP D 96 -32.66 10.64 -4.20
CA TRP D 96 -32.64 10.91 -2.77
C TRP D 96 -32.22 12.36 -2.58
N SER D 97 -32.70 12.99 -1.51
CA SER D 97 -32.45 14.41 -1.31
C SER D 97 -32.40 14.74 0.17
N GLN D 98 -32.19 16.02 0.46
CA GLN D 98 -32.21 16.64 1.80
C GLN D 98 -32.07 18.14 1.62
N ASN D 99 -32.67 18.89 2.54
CA ASN D 99 -32.46 20.33 2.62
C ASN D 99 -32.26 20.72 4.07
N ARG D 100 -31.60 21.85 4.28
CA ARG D 100 -31.60 22.45 5.61
C ARG D 100 -32.86 23.29 5.76
N ALA D 101 -32.91 24.12 6.80
CA ALA D 101 -34.14 24.82 7.18
C ALA D 101 -34.65 25.81 6.13
N ARG D 102 -33.89 26.85 5.84
CA ARG D 102 -34.34 27.93 4.97
C ARG D 102 -33.31 28.22 3.90
N ASN D 103 -32.83 27.14 3.27
CA ASN D 103 -31.74 27.17 2.29
C ASN D 103 -30.48 27.82 2.86
N GLN D 104 -30.21 27.54 4.13
CA GLN D 104 -29.10 28.17 4.79
C GLN D 104 -28.10 27.13 5.26
N PRO D 105 -26.81 27.47 5.33
CA PRO D 105 -25.80 26.48 5.73
C PRO D 105 -25.90 26.00 7.16
N ASP D 106 -26.72 26.62 8.00
CA ASP D 106 -27.15 25.98 9.23
C ASP D 106 -28.66 26.12 9.35
N GLY D 107 -29.23 25.24 10.13
CA GLY D 107 -30.67 25.14 10.25
C GLY D 107 -31.06 23.73 10.64
N ASN D 108 -32.34 23.46 10.53
CA ASN D 108 -32.88 22.16 10.87
C ASN D 108 -32.95 21.29 9.64
N LEU D 109 -32.60 20.02 9.80
CA LEU D 109 -32.75 19.08 8.72
C LEU D 109 -34.23 18.76 8.51
N GLN D 110 -34.55 18.32 7.31
CA GLN D 110 -35.94 18.16 6.92
C GLN D 110 -36.23 16.70 6.56
N VAL D 111 -37.41 16.47 6.01
CA VAL D 111 -37.73 15.13 5.50
C VAL D 111 -36.98 14.90 4.19
N PRO D 112 -36.38 13.73 3.98
CA PRO D 112 -35.46 13.56 2.85
C PRO D 112 -36.07 13.63 1.46
N ARG D 113 -37.39 13.52 1.31
CA ARG D 113 -38.10 13.72 0.03
C ARG D 113 -37.59 12.78 -1.06
N VAL D 114 -37.79 11.50 -0.83
CA VAL D 114 -37.20 10.44 -1.62
C VAL D 114 -38.19 10.01 -2.69
N GLU D 115 -37.69 9.48 -3.80
CA GLU D 115 -38.57 8.98 -4.85
C GLU D 115 -37.87 7.88 -5.63
N LEU D 116 -38.67 7.12 -6.37
CA LEU D 116 -38.18 6.08 -7.26
C LEU D 116 -39.15 5.97 -8.43
N ALA D 117 -38.64 6.07 -9.64
CA ALA D 117 -39.47 6.05 -10.82
C ALA D 117 -38.96 5.00 -11.78
N ARG D 118 -39.72 4.80 -12.85
CA ARG D 118 -39.29 3.98 -13.97
C ARG D 118 -39.09 4.88 -15.16
N CYS D 119 -37.96 4.72 -15.83
CA CYS D 119 -37.71 5.49 -17.04
C CYS D 119 -38.59 4.97 -18.17
N ALA D 120 -38.67 5.79 -19.23
CA ALA D 120 -39.48 5.58 -20.45
C ALA D 120 -40.98 5.59 -20.19
N ASP D 121 -41.41 5.82 -18.96
CA ASP D 121 -42.81 6.04 -18.63
C ASP D 121 -43.04 7.26 -17.77
N GLY D 122 -42.08 7.69 -16.97
CA GLY D 122 -42.28 8.75 -16.02
C GLY D 122 -43.13 8.38 -14.82
N LYS D 123 -43.43 7.10 -14.64
CA LYS D 123 -44.33 6.67 -13.59
C LYS D 123 -43.59 6.64 -12.26
N ILE D 124 -44.11 7.34 -11.27
CA ILE D 124 -43.51 7.37 -9.95
C ILE D 124 -43.93 6.12 -9.20
N LEU D 125 -42.96 5.24 -8.93
CA LEU D 125 -43.27 3.96 -8.29
C LEU D 125 -43.45 4.08 -6.79
N ALA D 126 -42.71 4.98 -6.14
CA ALA D 126 -42.79 5.09 -4.69
C ALA D 126 -42.47 6.50 -4.26
N ASP D 127 -42.86 6.84 -3.03
CA ASP D 127 -42.60 8.16 -2.48
C ASP D 127 -42.21 8.13 -1.02
N LYS D 128 -42.23 6.98 -0.36
CA LYS D 128 -41.82 6.87 1.02
C LYS D 128 -40.62 5.94 1.12
N VAL D 129 -39.91 6.02 2.24
CA VAL D 129 -38.68 5.24 2.38
C VAL D 129 -38.98 3.75 2.49
N LYS D 130 -40.12 3.40 3.08
CA LYS D 130 -40.46 1.99 3.25
C LYS D 130 -40.86 1.37 1.92
N ASP D 131 -41.74 2.06 1.19
CA ASP D 131 -42.24 1.55 -0.08
C ASP D 131 -41.14 1.50 -1.12
N LYS D 132 -40.23 2.48 -1.10
CA LYS D 132 -39.10 2.44 -2.02
C LYS D 132 -38.14 1.32 -1.66
N LEU D 133 -37.93 1.06 -0.37
CA LEU D 133 -37.05 -0.03 0.02
C LEU D 133 -37.60 -1.40 -0.36
N GLU D 134 -38.89 -1.65 -0.12
CA GLU D 134 -39.43 -2.94 -0.54
C GLU D 134 -39.56 -3.04 -2.05
N LEU D 135 -39.82 -1.92 -2.73
CA LEU D 135 -39.90 -1.95 -4.18
C LEU D 135 -38.56 -2.26 -4.81
N THR D 136 -37.47 -1.70 -4.29
CA THR D 136 -36.17 -2.04 -4.89
C THR D 136 -35.70 -3.42 -4.45
N ALA D 137 -36.13 -3.89 -3.28
CA ALA D 137 -35.76 -5.24 -2.87
C ALA D 137 -36.45 -6.29 -3.71
N THR D 138 -37.68 -6.04 -4.16
CA THR D 138 -38.32 -6.96 -5.08
C THR D 138 -37.98 -6.68 -6.54
N LEU D 139 -37.48 -5.49 -6.86
CA LEU D 139 -37.15 -5.17 -8.24
C LEU D 139 -35.77 -5.69 -8.61
N THR D 140 -34.74 -5.27 -7.87
CA THR D 140 -33.41 -5.77 -8.15
C THR D 140 -33.17 -7.14 -7.57
N GLY D 141 -34.01 -7.58 -6.64
CA GLY D 141 -33.83 -8.86 -5.99
C GLY D 141 -32.97 -8.80 -4.75
N LEU D 142 -31.98 -7.92 -4.72
CA LEU D 142 -31.01 -7.89 -3.64
C LEU D 142 -31.16 -6.59 -2.83
N ASP D 143 -31.27 -6.74 -1.52
CA ASP D 143 -31.37 -5.63 -0.59
C ASP D 143 -29.96 -5.17 -0.21
N TYR D 144 -29.86 -4.36 0.84
CA TYR D 144 -28.59 -3.77 1.23
C TYR D 144 -27.60 -4.82 1.72
N GLY D 145 -28.08 -5.79 2.49
CA GLY D 145 -27.20 -6.83 3.03
C GLY D 145 -26.60 -7.73 1.98
N ARG D 146 -27.24 -7.84 0.81
CA ARG D 146 -26.64 -8.55 -0.30
C ARG D 146 -25.91 -7.64 -1.25
N PHE D 147 -26.26 -6.37 -1.28
CA PHE D 147 -25.54 -5.41 -2.11
C PHE D 147 -24.14 -5.17 -1.59
N THR D 148 -23.95 -5.15 -0.28
CA THR D 148 -22.62 -4.97 0.27
C THR D 148 -21.84 -6.26 0.38
N ARG D 149 -22.25 -7.31 -0.29
CA ARG D 149 -21.42 -8.50 -0.39
C ARG D 149 -21.39 -9.10 -1.77
N SER D 150 -22.19 -8.61 -2.70
CA SER D 150 -22.14 -9.12 -4.07
C SER D 150 -21.64 -8.08 -5.05
N MET D 151 -22.27 -6.91 -5.09
CA MET D 151 -22.04 -5.95 -6.14
C MET D 151 -21.11 -4.83 -5.75
N LEU D 152 -20.99 -4.55 -4.46
CA LEU D 152 -20.13 -3.47 -4.00
C LEU D 152 -19.43 -3.98 -2.75
N LEU D 153 -18.12 -4.03 -2.78
CA LEU D 153 -17.33 -4.44 -1.63
C LEU D 153 -16.64 -3.21 -1.08
N SER D 154 -17.08 -2.77 0.09
CA SER D 154 -16.65 -1.49 0.64
C SER D 154 -15.23 -1.59 1.20
N GLN D 155 -14.74 -0.47 1.70
CA GLN D 155 -13.36 -0.37 2.14
C GLN D 155 -13.16 -1.14 3.43
N GLY D 156 -12.23 -2.09 3.41
CA GLY D 156 -11.94 -2.88 4.57
C GLY D 156 -12.83 -4.10 4.76
N GLN D 157 -13.92 -4.19 4.00
CA GLN D 157 -14.84 -5.31 4.11
C GLN D 157 -14.94 -6.07 2.80
N PHE D 158 -13.80 -6.39 2.19
CA PHE D 158 -13.82 -7.14 0.95
C PHE D 158 -14.19 -8.59 1.16
N ALA D 159 -14.05 -9.11 2.37
CA ALA D 159 -14.31 -10.51 2.67
C ALA D 159 -15.73 -10.75 3.15
N ALA D 160 -16.68 -9.97 2.66
CA ALA D 160 -18.06 -10.10 3.10
C ALA D 160 -18.75 -11.31 2.49
N PHE D 161 -18.30 -11.75 1.31
CA PHE D 161 -18.88 -12.93 0.70
C PHE D 161 -18.10 -14.19 0.97
N LEU D 162 -16.79 -14.10 1.09
CA LEU D 162 -16.00 -15.28 1.37
C LEU D 162 -16.22 -15.75 2.80
N ASN D 163 -16.19 -14.83 3.75
CA ASN D 163 -16.28 -15.19 5.16
C ASN D 163 -17.69 -15.01 5.71
N ALA D 164 -18.70 -15.22 4.88
CA ALA D 164 -20.07 -15.04 5.34
C ALA D 164 -20.52 -16.24 6.15
N LYS D 165 -21.60 -16.04 6.90
CA LYS D 165 -22.29 -17.14 7.55
C LYS D 165 -23.13 -17.87 6.51
N PRO D 166 -23.46 -19.14 6.74
CA PRO D 166 -24.13 -19.93 5.70
C PRO D 166 -25.51 -19.43 5.29
N LYS D 167 -26.24 -18.75 6.17
CA LYS D 167 -27.57 -18.31 5.78
C LYS D 167 -27.54 -17.12 4.84
N GLU D 168 -26.56 -16.22 4.98
CA GLU D 168 -26.46 -15.11 4.04
C GLU D 168 -26.03 -15.59 2.66
N ARG D 169 -25.08 -16.51 2.63
CA ARG D 169 -24.67 -17.12 1.37
C ARG D 169 -25.82 -17.88 0.73
N ALA D 170 -26.63 -18.55 1.57
CA ALA D 170 -27.80 -19.27 1.06
C ALA D 170 -28.84 -18.31 0.51
N GLU D 171 -29.02 -17.15 1.14
CA GLU D 171 -29.97 -16.17 0.62
C GLU D 171 -29.48 -15.58 -0.70
N LEU D 172 -28.18 -15.34 -0.82
CA LEU D 172 -27.66 -14.80 -2.07
C LEU D 172 -27.75 -15.81 -3.20
N LEU D 173 -27.50 -17.08 -2.91
CA LEU D 173 -27.66 -18.10 -3.93
C LEU D 173 -29.12 -18.37 -4.25
N GLU D 174 -30.02 -18.16 -3.28
CA GLU D 174 -31.43 -18.24 -3.57
C GLU D 174 -31.88 -17.09 -4.45
N GLU D 175 -31.21 -15.95 -4.34
CA GLU D 175 -31.60 -14.83 -5.16
C GLU D 175 -31.02 -14.92 -6.57
N LEU D 176 -29.86 -15.54 -6.73
CA LEU D 176 -29.29 -15.65 -8.07
C LEU D 176 -30.09 -16.61 -8.94
N THR D 177 -30.47 -17.76 -8.40
CA THR D 177 -31.29 -18.73 -9.12
C THR D 177 -32.57 -18.95 -8.35
N GLY D 178 -33.71 -18.72 -9.00
CA GLY D 178 -34.98 -18.95 -8.34
C GLY D 178 -35.28 -20.42 -8.18
N THR D 179 -35.20 -20.93 -6.96
CA THR D 179 -35.44 -22.34 -6.67
C THR D 179 -36.82 -22.57 -6.06
N GLU D 180 -37.82 -21.82 -6.53
CA GLU D 180 -39.16 -22.01 -6.03
C GLU D 180 -39.75 -23.32 -6.52
N ILE D 181 -39.56 -23.64 -7.79
CA ILE D 181 -40.07 -24.89 -8.33
C ILE D 181 -39.28 -26.08 -7.83
N TYR D 182 -38.06 -25.87 -7.35
CA TYR D 182 -37.28 -26.95 -6.77
C TYR D 182 -37.82 -27.35 -5.41
N GLY D 183 -38.61 -26.51 -4.78
CA GLY D 183 -39.22 -26.86 -3.52
C GLY D 183 -40.56 -27.51 -3.73
N GLN D 184 -41.25 -27.14 -4.81
CA GLN D 184 -42.57 -27.71 -5.09
C GLN D 184 -42.46 -29.19 -5.43
N ILE D 185 -41.35 -29.59 -6.06
CA ILE D 185 -41.17 -30.97 -6.46
C ILE D 185 -41.00 -31.88 -5.26
N SER D 186 -40.10 -31.56 -4.34
CA SER D 186 -39.88 -32.50 -3.25
C SER D 186 -40.75 -32.20 -2.06
N ALA D 187 -41.68 -31.25 -2.18
CA ALA D 187 -42.79 -31.19 -1.23
C ALA D 187 -43.86 -32.18 -1.61
N MET D 188 -44.03 -32.44 -2.90
CA MET D 188 -44.99 -33.42 -3.38
C MET D 188 -44.60 -34.84 -2.98
N VAL D 189 -43.30 -35.15 -3.03
CA VAL D 189 -42.80 -36.47 -2.67
C VAL D 189 -43.01 -36.76 -1.19
N PHE D 190 -43.16 -35.71 -0.38
CA PHE D 190 -43.58 -35.88 1.01
C PHE D 190 -45.03 -36.33 1.14
N GLU D 191 -45.81 -36.28 0.06
CA GLU D 191 -47.21 -36.68 0.09
C GLU D 191 -47.50 -37.74 -0.94
N GLN D 192 -46.78 -37.71 -2.06
CA GLN D 192 -46.92 -38.72 -3.10
C GLN D 192 -46.31 -40.06 -2.72
N HIS D 193 -45.56 -40.13 -1.62
CA HIS D 193 -44.94 -41.37 -1.20
C HIS D 193 -45.94 -42.41 -0.73
N LYS D 194 -47.17 -42.03 -0.43
CA LYS D 194 -48.21 -43.01 -0.10
C LYS D 194 -49.49 -42.75 -0.86
N TRP D 880 -43.98 -44.49 -2.23
CA TRP D 880 -42.66 -45.06 -2.32
C TRP D 880 -41.65 -44.11 -1.72
N GLY D 881 -40.67 -44.67 -1.02
CA GLY D 881 -39.69 -43.90 -0.29
C GLY D 881 -38.31 -43.87 -0.85
N TYR D 882 -38.08 -44.47 -2.03
CA TYR D 882 -36.78 -44.35 -2.69
C TYR D 882 -36.51 -42.91 -3.11
N LEU D 883 -37.50 -42.30 -3.76
CA LEU D 883 -37.43 -40.87 -4.05
C LEU D 883 -37.44 -40.06 -2.77
N ASN D 884 -38.27 -40.46 -1.80
CA ASN D 884 -38.40 -39.72 -0.55
C ASN D 884 -37.30 -40.08 0.45
N SER D 885 -36.26 -40.75 0.00
CA SER D 885 -34.97 -40.82 0.68
C SER D 885 -33.90 -40.08 -0.09
N LEU D 886 -33.94 -40.15 -1.42
CA LEU D 886 -32.92 -39.52 -2.24
C LEU D 886 -33.09 -38.01 -2.25
N ILE D 887 -34.24 -37.54 -2.72
CA ILE D 887 -34.54 -36.11 -2.71
C ILE D 887 -35.57 -35.86 -1.62
N GLY D 888 -35.57 -36.74 -0.62
CA GLY D 888 -36.56 -36.69 0.44
C GLY D 888 -36.47 -35.49 1.33
N SER D 889 -37.43 -34.59 1.19
CA SER D 889 -37.51 -33.38 1.98
C SER D 889 -38.74 -33.40 2.86
N LYS D 890 -38.79 -32.42 3.75
CA LYS D 890 -39.99 -32.16 4.52
C LYS D 890 -40.81 -31.19 3.70
N GLU D 891 -40.34 -29.97 3.48
CA GLU D 891 -41.10 -28.96 2.76
C GLU D 891 -40.41 -28.49 1.49
N GLY D 892 -39.71 -29.39 0.80
CA GLY D 892 -39.03 -29.04 -0.44
C GLY D 892 -37.63 -28.51 -0.24
N ASP D 893 -37.13 -28.53 0.98
CA ASP D 893 -35.88 -27.81 1.27
C ASP D 893 -34.67 -28.57 0.77
N LYS D 894 -34.70 -29.91 0.85
CA LYS D 894 -33.52 -30.73 0.57
C LYS D 894 -33.13 -30.64 -0.91
N PHE D 895 -34.13 -30.64 -1.79
CA PHE D 895 -33.86 -30.50 -3.20
C PHE D 895 -33.35 -29.10 -3.52
N ARG D 896 -33.83 -28.10 -2.78
CA ARG D 896 -33.30 -26.75 -2.92
C ARG D 896 -31.87 -26.68 -2.41
N LYS D 897 -31.54 -27.46 -1.39
CA LYS D 897 -30.16 -27.53 -0.92
C LYS D 897 -29.26 -28.14 -1.99
N PHE D 898 -29.79 -29.10 -2.73
CA PHE D 898 -28.99 -29.68 -3.81
C PHE D 898 -28.81 -28.70 -4.95
N ALA D 899 -29.85 -27.93 -5.28
CA ALA D 899 -29.74 -26.93 -6.34
C ALA D 899 -28.76 -25.82 -5.96
N GLN D 900 -28.77 -25.43 -4.67
CA GLN D 900 -27.82 -24.45 -4.19
C GLN D 900 -26.40 -24.98 -4.26
N GLY D 901 -26.22 -26.26 -3.90
CA GLY D 901 -24.89 -26.86 -3.98
C GLY D 901 -24.38 -26.92 -5.41
N LEU D 902 -25.27 -27.15 -6.37
CA LEU D 902 -24.84 -27.17 -7.76
C LEU D 902 -24.49 -25.78 -8.26
N THR D 903 -25.28 -24.76 -7.89
CA THR D 903 -24.97 -23.40 -8.31
C THR D 903 -23.66 -22.92 -7.70
N LEU D 904 -23.43 -23.27 -6.44
CA LEU D 904 -22.18 -22.91 -5.80
C LEU D 904 -21.01 -23.68 -6.39
N ASP D 905 -21.22 -24.91 -6.85
CA ASP D 905 -20.10 -25.63 -7.43
C ASP D 905 -19.72 -25.07 -8.79
N ASN D 906 -20.70 -24.60 -9.56
CA ASN D 906 -20.40 -23.87 -10.78
C ASN D 906 -19.66 -22.57 -10.49
N LEU D 907 -20.09 -21.87 -9.43
CA LEU D 907 -19.45 -20.61 -9.06
C LEU D 907 -18.01 -20.84 -8.60
N VAL D 908 -17.77 -21.92 -7.88
CA VAL D 908 -16.43 -22.25 -7.42
C VAL D 908 -15.53 -22.67 -8.57
N HIS D 909 -16.09 -23.33 -9.59
CA HIS D 909 -15.30 -23.63 -10.79
C HIS D 909 -14.88 -22.35 -11.51
N LEU D 910 -15.82 -21.39 -11.65
CA LEU D 910 -15.47 -20.11 -12.26
C LEU D 910 -14.44 -19.35 -11.42
N ALA D 911 -14.56 -19.46 -10.10
CA ALA D 911 -13.63 -18.77 -9.22
C ALA D 911 -12.23 -19.34 -9.31
N ASN D 912 -12.11 -20.66 -9.48
CA ASN D 912 -10.77 -21.22 -9.63
C ASN D 912 -10.19 -20.89 -10.99
N GLN D 913 -11.03 -20.76 -12.01
CA GLN D 913 -10.57 -20.27 -13.31
C GLN D 913 -9.98 -18.87 -13.19
N GLN D 914 -10.62 -17.99 -12.42
CA GLN D 914 -10.06 -16.67 -12.19
C GLN D 914 -8.82 -16.73 -11.31
N LEU D 915 -8.86 -17.53 -10.27
CA LEU D 915 -7.85 -17.55 -9.22
C LEU D 915 -6.56 -18.18 -9.68
N THR D 916 -6.56 -18.95 -10.77
CA THR D 916 -5.31 -19.55 -11.22
C THR D 916 -4.33 -18.55 -11.80
N ARG D 917 -4.74 -17.30 -12.05
CA ARG D 917 -3.84 -16.25 -12.51
C ARG D 917 -3.42 -15.31 -11.40
N LEU D 918 -4.33 -14.95 -10.51
CA LEU D 918 -4.05 -13.98 -9.47
C LEU D 918 -3.07 -14.54 -8.44
N HIS D 919 -3.47 -15.59 -7.74
CA HIS D 919 -2.64 -16.25 -6.75
C HIS D 919 -2.76 -17.74 -6.99
N GLY D 920 -1.73 -18.34 -7.57
CA GLY D 920 -1.84 -19.73 -7.95
C GLY D 920 -1.76 -20.72 -6.83
N ARG D 921 -1.56 -20.28 -5.58
CA ARG D 921 -1.36 -21.24 -4.49
C ARG D 921 -2.68 -21.86 -4.05
N TYR D 922 -3.74 -21.09 -3.97
CA TYR D 922 -4.97 -21.57 -3.37
C TYR D 922 -5.98 -21.98 -4.43
N LEU D 923 -6.93 -22.80 -4.01
CA LEU D 923 -8.09 -23.12 -4.83
C LEU D 923 -9.32 -23.14 -3.94
N LEU D 924 -10.48 -22.91 -4.52
CA LEU D 924 -11.71 -22.98 -3.77
C LEU D 924 -12.39 -24.32 -4.01
N GLN D 925 -13.08 -24.82 -2.99
CA GLN D 925 -13.89 -26.01 -3.18
C GLN D 925 -15.02 -26.02 -2.15
N ARG D 926 -16.12 -26.66 -2.52
CA ARG D 926 -17.26 -26.74 -1.62
C ARG D 926 -17.00 -27.80 -0.57
N LYS D 927 -17.34 -27.50 0.68
CA LYS D 927 -17.13 -28.45 1.76
C LYS D 927 -18.11 -29.61 1.65
N ALA D 928 -17.69 -30.76 2.18
CA ALA D 928 -18.58 -31.91 2.35
C ALA D 928 -19.40 -31.68 3.62
N SER D 929 -20.42 -30.83 3.49
CA SER D 929 -21.30 -30.52 4.59
C SER D 929 -22.65 -30.10 4.02
N GLU D 930 -23.67 -30.18 4.86
CA GLU D 930 -25.01 -29.79 4.44
C GLU D 930 -25.14 -28.29 4.27
N ALA D 931 -24.36 -27.51 5.03
CA ALA D 931 -24.35 -26.06 4.88
C ALA D 931 -23.37 -25.67 3.79
N LEU D 932 -23.76 -24.68 2.99
CA LEU D 932 -22.98 -24.25 1.84
C LEU D 932 -21.77 -23.48 2.32
N GLU D 933 -20.64 -24.15 2.44
CA GLU D 933 -19.41 -23.49 2.85
C GLU D 933 -18.30 -23.85 1.89
N VAL D 934 -17.58 -22.85 1.44
CA VAL D 934 -16.40 -23.03 0.62
C VAL D 934 -15.19 -23.02 1.52
N GLU D 935 -14.10 -23.60 1.04
CA GLU D 935 -12.84 -23.56 1.75
C GLU D 935 -11.70 -23.72 0.75
N VAL D 936 -10.48 -23.53 1.23
CA VAL D 936 -9.34 -23.37 0.34
C VAL D 936 -8.48 -24.61 0.38
N VAL D 937 -8.15 -25.11 -0.80
CA VAL D 937 -7.18 -26.16 -0.98
C VAL D 937 -5.82 -25.50 -1.20
N ASP D 938 -4.87 -25.85 -0.36
CA ASP D 938 -3.52 -25.33 -0.43
C ASP D 938 -2.72 -26.24 -1.34
N THR D 939 -2.48 -25.79 -2.58
CA THR D 939 -1.78 -26.64 -3.53
C THR D 939 -0.31 -26.83 -3.19
N TRP D 940 0.28 -25.94 -2.40
CA TRP D 940 1.69 -26.08 -2.09
C TRP D 940 1.92 -27.13 -1.03
N GLN D 941 1.03 -27.23 -0.04
CA GLN D 941 1.21 -28.19 1.03
C GLN D 941 0.39 -29.45 0.80
N ALA D 942 0.63 -30.07 -0.36
CA ALA D 942 0.06 -31.38 -0.74
C ALA D 942 -1.46 -31.38 -0.71
N ASP D 943 -2.05 -30.28 -1.18
CA ASP D 943 -3.50 -30.08 -1.29
C ASP D 943 -4.21 -30.25 0.05
N ALA D 944 -3.56 -29.80 1.11
CA ALA D 944 -4.18 -29.83 2.43
C ALA D 944 -5.30 -28.81 2.48
N VAL D 945 -6.41 -29.19 3.09
CA VAL D 945 -7.64 -28.42 3.05
C VAL D 945 -7.85 -27.73 4.38
N ARG D 946 -8.15 -26.43 4.33
CA ARG D 946 -8.40 -25.63 5.51
C ARG D 946 -9.43 -24.58 5.14
N ASP D 947 -10.02 -23.94 6.15
CA ASP D 947 -11.15 -23.07 5.91
C ASP D 947 -10.67 -21.70 5.43
N THR D 948 -11.62 -20.82 5.14
CA THR D 948 -11.26 -19.53 4.58
C THR D 948 -10.90 -18.49 5.62
N ARG D 949 -11.29 -18.69 6.87
CA ARG D 949 -10.95 -17.73 7.91
C ARG D 949 -9.58 -17.95 8.48
N THR D 950 -8.71 -18.69 7.80
CA THR D 950 -7.33 -18.82 8.22
C THR D 950 -6.36 -18.32 7.16
N LEU D 951 -6.87 -17.70 6.10
CA LEU D 951 -6.01 -17.07 5.12
C LEU D 951 -5.39 -15.80 5.68
N SER D 952 -4.60 -15.15 4.86
CA SER D 952 -3.96 -13.91 5.24
C SER D 952 -4.81 -12.72 4.82
N GLY D 953 -4.30 -11.52 5.07
CA GLY D 953 -5.01 -10.33 4.64
C GLY D 953 -4.96 -10.15 3.13
N GLY D 954 -3.76 -10.18 2.55
CA GLY D 954 -3.63 -10.03 1.12
C GLY D 954 -4.17 -11.22 0.36
N GLU D 955 -3.95 -12.42 0.89
CA GLU D 955 -4.49 -13.62 0.26
C GLU D 955 -5.99 -13.64 0.34
N SER D 956 -6.56 -13.17 1.45
CA SER D 956 -8.01 -13.12 1.55
C SER D 956 -8.58 -12.09 0.61
N PHE D 957 -7.86 -11.00 0.36
CA PHE D 957 -8.30 -10.05 -0.65
C PHE D 957 -8.29 -10.66 -2.03
N LEU D 958 -7.25 -11.43 -2.35
CA LEU D 958 -7.17 -12.04 -3.68
C LEU D 958 -8.25 -13.08 -3.89
N VAL D 959 -8.52 -13.90 -2.87
CA VAL D 959 -9.55 -14.92 -2.98
C VAL D 959 -10.94 -14.28 -3.06
N SER D 960 -11.17 -13.20 -2.31
CA SER D 960 -12.46 -12.54 -2.37
C SER D 960 -12.65 -11.78 -3.67
N LEU D 961 -11.58 -11.25 -4.25
CA LEU D 961 -11.67 -10.63 -5.55
C LEU D 961 -11.98 -11.65 -6.63
N ALA D 962 -11.34 -12.81 -6.55
CA ALA D 962 -11.62 -13.88 -7.50
C ALA D 962 -13.06 -14.36 -7.40
N LEU D 963 -13.57 -14.49 -6.18
CA LEU D 963 -14.95 -14.93 -6.00
C LEU D 963 -15.94 -13.88 -6.49
N ALA D 964 -15.67 -12.60 -6.23
CA ALA D 964 -16.56 -11.55 -6.70
C ALA D 964 -16.52 -11.41 -8.21
N LEU D 965 -15.37 -11.69 -8.82
CA LEU D 965 -15.29 -11.66 -10.28
C LEU D 965 -16.01 -12.84 -10.90
N ALA D 966 -15.97 -13.99 -10.23
CA ALA D 966 -16.73 -15.14 -10.71
C ALA D 966 -18.22 -14.90 -10.60
N LEU D 967 -18.65 -14.17 -9.57
CA LEU D 967 -20.06 -13.84 -9.42
C LEU D 967 -20.57 -12.93 -10.51
N SER D 968 -19.70 -12.18 -11.18
CA SER D 968 -20.14 -11.34 -12.28
C SER D 968 -20.29 -12.14 -13.56
N ASP D 969 -19.46 -13.16 -13.77
CA ASP D 969 -19.55 -13.99 -14.96
C ASP D 969 -20.60 -15.08 -14.85
N LEU D 970 -21.29 -15.17 -13.72
CA LEU D 970 -22.40 -16.10 -13.60
C LEU D 970 -23.57 -15.60 -14.43
N VAL D 971 -24.38 -16.53 -14.91
CA VAL D 971 -25.52 -16.20 -15.74
C VAL D 971 -26.75 -16.93 -15.20
N SER D 972 -27.87 -16.22 -15.13
CA SER D 972 -29.12 -16.81 -14.69
C SER D 972 -30.28 -16.07 -15.35
N HIS D 973 -31.48 -16.61 -15.16
CA HIS D 973 -32.71 -15.98 -15.62
C HIS D 973 -33.27 -15.02 -14.58
N LYS D 974 -32.47 -14.62 -13.60
CA LYS D 974 -33.00 -13.92 -12.44
C LYS D 974 -31.88 -13.11 -11.83
N THR D 975 -31.95 -11.79 -12.01
CA THR D 975 -31.12 -10.73 -11.37
C THR D 975 -29.62 -11.04 -11.46
N ARG D 976 -29.12 -10.98 -12.70
CA ARG D 976 -27.69 -11.11 -12.89
C ARG D 976 -26.97 -9.84 -12.41
N ILE D 977 -25.72 -10.02 -12.04
CA ILE D 977 -24.88 -8.96 -11.52
C ILE D 977 -23.95 -8.50 -12.64
N ASP D 978 -24.14 -7.27 -13.11
CA ASP D 978 -23.31 -6.73 -14.18
C ASP D 978 -22.21 -5.81 -13.64
N SER D 979 -22.60 -4.77 -12.92
CA SER D 979 -21.61 -3.83 -12.43
C SER D 979 -20.92 -4.39 -11.19
N LEU D 980 -19.75 -3.87 -10.89
CA LEU D 980 -18.98 -4.32 -9.74
C LEU D 980 -18.04 -3.19 -9.34
N PHE D 981 -17.96 -2.91 -8.05
CA PHE D 981 -17.17 -1.79 -7.56
C PHE D 981 -16.34 -2.24 -6.38
N LEU D 982 -15.03 -2.28 -6.55
CA LEU D 982 -14.10 -2.57 -5.48
C LEU D 982 -13.70 -1.29 -4.79
N ASP D 983 -13.19 -1.39 -3.57
CA ASP D 983 -12.86 -0.19 -2.83
C ASP D 983 -11.40 -0.09 -2.44
N GLU D 984 -10.83 -1.16 -1.89
CA GLU D 984 -9.46 -1.15 -1.42
C GLU D 984 -9.04 -2.59 -1.21
N GLY D 985 -7.76 -2.77 -0.91
CA GLY D 985 -7.20 -4.07 -0.65
C GLY D 985 -5.82 -4.13 -1.26
N PHE D 986 -5.60 -3.31 -2.29
CA PHE D 986 -4.36 -3.34 -3.02
C PHE D 986 -3.18 -2.85 -2.21
N GLY D 987 -3.43 -2.13 -1.11
CA GLY D 987 -2.35 -1.81 -0.21
C GLY D 987 -1.87 -2.97 0.62
N THR D 988 -2.72 -3.99 0.80
CA THR D 988 -2.31 -5.15 1.58
C THR D 988 -1.43 -6.09 0.77
N LEU D 989 -1.49 -6.01 -0.55
CA LEU D 989 -0.57 -6.76 -1.40
C LEU D 989 0.74 -6.00 -1.50
N ASP D 990 1.84 -6.72 -1.49
CA ASP D 990 3.12 -6.07 -1.73
C ASP D 990 3.32 -5.90 -3.24
N SER D 991 4.53 -5.56 -3.65
CA SER D 991 4.76 -5.20 -5.05
C SER D 991 4.74 -6.42 -5.96
N GLU D 992 5.45 -7.48 -5.56
CA GLU D 992 5.58 -8.67 -6.40
C GLU D 992 4.32 -9.52 -6.42
N THR D 993 3.30 -9.19 -5.64
CA THR D 993 1.98 -9.77 -5.79
C THR D 993 1.01 -8.81 -6.46
N LEU D 994 1.21 -7.52 -6.25
CA LEU D 994 0.36 -6.50 -6.86
C LEU D 994 0.53 -6.47 -8.36
N ASP D 995 1.75 -6.72 -8.85
CA ASP D 995 1.95 -6.73 -10.30
C ASP D 995 1.24 -7.90 -10.95
N THR D 996 1.29 -9.07 -10.31
CA THR D 996 0.61 -10.25 -10.83
C THR D 996 -0.90 -10.06 -10.81
N ALA D 997 -1.41 -9.47 -9.73
CA ALA D 997 -2.85 -9.23 -9.63
C ALA D 997 -3.31 -8.18 -10.64
N LEU D 998 -2.49 -7.17 -10.90
CA LEU D 998 -2.88 -6.15 -11.87
C LEU D 998 -2.77 -6.67 -13.29
N ASP D 999 -1.78 -7.51 -13.58
CA ASP D 999 -1.70 -8.14 -14.89
C ASP D 999 -2.85 -9.11 -15.11
N ALA D 1000 -3.31 -9.76 -14.05
CA ALA D 1000 -4.50 -10.60 -14.20
C ALA D 1000 -5.77 -9.78 -14.31
N LEU D 1001 -5.73 -8.50 -13.95
CA LEU D 1001 -6.93 -7.68 -14.05
C LEU D 1001 -7.17 -7.14 -15.46
N ASP D 1002 -6.22 -7.29 -16.37
CA ASP D 1002 -6.41 -6.79 -17.71
C ASP D 1002 -7.26 -7.72 -18.57
N ALA D 1003 -7.70 -8.85 -18.02
CA ALA D 1003 -8.46 -9.83 -18.79
C ALA D 1003 -9.90 -9.43 -19.02
N LEU D 1004 -10.34 -8.27 -18.55
CA LEU D 1004 -11.73 -7.88 -18.66
C LEU D 1004 -11.93 -6.65 -19.52
N ASN D 1005 -10.87 -6.14 -20.15
CA ASN D 1005 -11.03 -5.08 -21.13
C ASN D 1005 -11.74 -5.56 -22.38
N ALA D 1006 -11.72 -6.87 -22.65
CA ALA D 1006 -12.46 -7.49 -23.73
C ALA D 1006 -13.82 -8.02 -23.29
N SER D 1007 -14.45 -7.35 -22.33
CA SER D 1007 -15.74 -7.76 -21.80
C SER D 1007 -16.69 -6.59 -21.85
N GLY D 1008 -17.95 -6.85 -21.49
CA GLY D 1008 -18.96 -5.80 -21.44
C GLY D 1008 -19.33 -5.45 -20.02
N LYS D 1009 -18.68 -6.09 -19.05
CA LYS D 1009 -18.93 -5.81 -17.65
C LYS D 1009 -18.34 -4.46 -17.27
N THR D 1010 -19.11 -3.65 -16.56
CA THR D 1010 -18.62 -2.36 -16.08
C THR D 1010 -18.03 -2.44 -14.66
N ILE D 1011 -17.11 -3.38 -14.48
CA ILE D 1011 -16.33 -3.46 -13.27
C ILE D 1011 -15.46 -2.21 -13.13
N GLY D 1012 -15.56 -1.55 -11.98
CA GLY D 1012 -14.75 -0.39 -11.68
C GLY D 1012 -13.99 -0.62 -10.39
N VAL D 1013 -12.74 -0.17 -10.37
CA VAL D 1013 -11.87 -0.41 -9.24
C VAL D 1013 -11.51 0.94 -8.64
N ILE D 1014 -11.11 0.93 -7.37
CA ILE D 1014 -10.73 2.14 -6.66
C ILE D 1014 -9.44 1.86 -5.94
N SER D 1015 -8.40 2.63 -6.22
CA SER D 1015 -7.22 2.61 -5.37
C SER D 1015 -6.44 3.90 -5.56
N HIS D 1016 -5.49 4.07 -4.66
CA HIS D 1016 -4.57 5.19 -4.63
C HIS D 1016 -3.16 4.77 -4.97
N VAL D 1017 -2.92 3.47 -5.18
CA VAL D 1017 -1.57 2.97 -5.36
C VAL D 1017 -1.01 3.45 -6.68
N GLU D 1018 0.23 3.92 -6.64
CA GLU D 1018 0.91 4.49 -7.79
C GLU D 1018 1.21 3.47 -8.87
N ALA D 1019 1.15 2.18 -8.58
CA ALA D 1019 1.30 1.18 -9.62
C ALA D 1019 0.09 1.09 -10.53
N MET D 1020 -1.05 1.65 -10.12
CA MET D 1020 -2.30 1.45 -10.84
C MET D 1020 -2.61 2.56 -11.82
N LYS D 1021 -1.99 3.73 -11.66
CA LYS D 1021 -2.35 4.87 -12.49
C LYS D 1021 -1.88 4.73 -13.93
N GLU D 1022 -0.90 3.87 -14.19
CA GLU D 1022 -0.43 3.63 -15.54
C GLU D 1022 -0.91 2.31 -16.12
N ARG D 1023 -1.26 1.35 -15.28
CA ARG D 1023 -1.74 0.07 -15.76
C ARG D 1023 -3.10 0.20 -16.43
N ILE D 1024 -3.96 1.04 -15.88
CA ILE D 1024 -5.35 1.16 -16.34
C ILE D 1024 -5.48 2.41 -17.18
N PRO D 1025 -5.94 2.32 -18.41
CA PRO D 1025 -5.97 3.50 -19.28
C PRO D 1025 -7.12 4.45 -18.99
N VAL D 1026 -8.30 3.94 -18.66
CA VAL D 1026 -9.47 4.78 -18.44
C VAL D 1026 -9.60 5.06 -16.95
N GLN D 1027 -9.57 6.33 -16.59
CA GLN D 1027 -9.51 6.70 -15.18
C GLN D 1027 -10.48 7.83 -14.88
N ILE D 1028 -10.94 7.84 -13.64
CA ILE D 1028 -11.60 9.00 -13.07
C ILE D 1028 -10.64 9.58 -12.04
N LYS D 1029 -10.20 10.80 -12.28
CA LYS D 1029 -9.24 11.43 -11.39
C LYS D 1029 -9.96 12.39 -10.47
N VAL D 1030 -9.61 12.35 -9.19
CA VAL D 1030 -10.22 13.19 -8.18
C VAL D 1030 -9.13 14.10 -7.64
N LYS D 1031 -9.35 15.40 -7.69
CA LYS D 1031 -8.35 16.37 -7.28
C LYS D 1031 -8.85 17.16 -6.09
N LYS D 1032 -7.91 17.58 -5.25
CA LYS D 1032 -8.24 18.49 -4.17
C LYS D 1032 -7.96 19.90 -4.64
N ILE D 1033 -8.91 20.81 -4.41
CA ILE D 1033 -8.76 22.18 -4.90
C ILE D 1033 -8.03 22.98 -3.82
N ASN D 1034 -6.71 23.05 -3.97
CA ASN D 1034 -5.79 23.98 -3.32
C ASN D 1034 -5.71 23.79 -1.81
N GLY D 1035 -6.26 22.75 -1.25
CA GLY D 1035 -6.23 22.65 0.19
C GLY D 1035 -7.19 23.57 0.90
N LEU D 1036 -8.21 24.06 0.20
CA LEU D 1036 -9.33 24.71 0.87
C LEU D 1036 -10.09 23.72 1.72
N GLY D 1037 -10.11 22.46 1.32
CA GLY D 1037 -10.88 21.43 1.98
C GLY D 1037 -11.88 20.74 1.06
N TYR D 1038 -12.30 21.40 -0.01
CA TYR D 1038 -13.21 20.79 -0.94
C TYR D 1038 -12.42 20.04 -2.00
N SER D 1039 -13.12 19.52 -3.01
CA SER D 1039 -12.49 18.74 -4.05
C SER D 1039 -13.28 18.89 -5.33
N LYS D 1040 -12.69 18.44 -6.42
CA LYS D 1040 -13.34 18.42 -7.72
C LYS D 1040 -12.67 17.34 -8.54
N LEU D 1041 -13.37 16.83 -9.53
CA LEU D 1041 -12.86 15.65 -10.23
C LEU D 1041 -12.51 15.92 -11.68
N GLU D 1042 -13.43 16.34 -12.54
CA GLU D 1042 -13.09 16.56 -13.93
C GLU D 1042 -13.83 17.77 -14.46
N SER D 1043 -13.53 18.12 -15.70
CA SER D 1043 -14.26 19.16 -16.39
C SER D 1043 -15.38 18.63 -17.26
N THR D 1044 -15.26 17.39 -17.71
CA THR D 1044 -16.29 16.78 -18.53
C THR D 1044 -17.44 16.22 -17.72
N PHE D 1045 -17.35 16.24 -16.39
CA PHE D 1045 -18.33 15.60 -15.53
C PHE D 1045 -19.18 16.58 -14.76
N ALA D 1046 -18.90 17.88 -14.83
CA ALA D 1046 -19.76 18.86 -14.18
C ALA D 1046 -21.00 19.08 -15.02
N VAL D 1047 -22.14 19.26 -14.35
CA VAL D 1047 -23.38 19.47 -15.09
C VAL D 1047 -23.55 20.91 -15.51
N LYS D 1048 -23.46 21.84 -14.55
CA LYS D 1048 -23.77 23.27 -14.71
C LYS D 1048 -25.16 23.49 -15.32
#